data_7Q26
#
_entry.id   7Q26
#
_cell.length_a   72.888
_cell.length_b   77.100
_cell.length_c   82.621
_cell.angle_alpha   88.634
_cell.angle_beta   64.177
_cell.angle_gamma   74.787
#
_symmetry.space_group_name_H-M   'P 1'
#
loop_
_entity.id
_entity.type
_entity.pdbx_description
1 polymer 'Angiotensin-converting enzyme'
2 branched 2-acetamido-2-deoxy-beta-D-glucopyranose-(1-4)-2-acetamido-2-deoxy-beta-D-glucopyranose
3 branched beta-D-mannopyranose-(1-4)-2-acetamido-2-deoxy-beta-D-glucopyranose-(1-4)-[alpha-L-fucopyranose-(1-6)]2-acetamido-2-deoxy-beta-D-glucopyranose
4 branched alpha-L-fucopyranose-(1-6)-2-acetamido-2-deoxy-beta-D-glucopyranose
5 non-polymer '(2~{S},5~{R})-5-(4-methylphenyl)-1-[2-[[(2~{S})-1-oxidanyl-1-oxidanylidene-4-phenyl-butan-2-yl]amino]ethanoyl]pyrrolidine-2-carboxylic acid'
6 non-polymer 'ZINC ION'
7 non-polymer 'CHLORIDE ION'
8 non-polymer 'MAGNESIUM ION'
9 non-polymer 'ACETATE ION'
10 non-polymer 'PENTAETHYLENE GLYCOL'
11 non-polymer DI(HYDROXYETHYL)ETHER
12 non-polymer 1,2-ETHANEDIOL
13 non-polymer 2-acetamido-2-deoxy-beta-D-glucopyranose
14 non-polymer 'TRIETHYLENE GLYCOL'
15 non-polymer 3,6,9,12,15,18,21-HEPTAOXATRICOSANE-1,23-DIOL
16 non-polymer 'TETRAETHYLENE GLYCOL'
17 water water
#
_entity_poly.entity_id   1
_entity_poly.type   'polypeptide(L)'
_entity_poly.pdbx_seq_one_letter_code
;LDPGLQPGQFSADEAGAQLFAQSYQSSAEQVLFQSVAASWAHDTNITAENARRQEEAALLSQEFAEAWGQKAKELYEPIW
QQFTDPQLRRIIGAVRTLGSANLPLAKRQQYNALLSQMSRIYSTAKVCLPQKTATCWSLDPDLTNILASSRSYAMLLFAW
EGWHNAAGIPLKPLYEDFTALSNEAYKQDGFTDTGAYWRSWYNSPTFEDDLEHLYQQLEPLYLNLHAFVRRALHRRYGDR
YINLRGPIPAHLLGDMWAQSWENIYDMVVPFPDKPNLDVTSTMLQQGWQATHMFRVAEEFFTSLELSPMPPEFWEGSMLE
KPADGREVVCHASAWDFYNRKDFRIKQCTRVTMDQLSTVHHEMGHIQYYLQYKDLPVSLRRGANPGFHEAIGDVLALSVS
TPEHLHKIGLLDRVTNDTESDINYLLKMALEKIAFLPFGYLVDQWRWGVFSGRTPPSRYNFDWWYLRTKYQGICPPVTRN
ETHFDAGAKFHVPNVTPYIRYFVSFVLQFQFHEALCKEAGYEGPLHQCDIYRSTKAGAKLRKVLRAGSSRPWQEVLKDMV
GLDALDAQPLLKYFQLVTQWLQEQNQQNGEVLGWPEYQWHPPLPDNYPEGIDLVTDEAEASKFVEEYDL
;
_entity_poly.pdbx_strand_id   A,B
#
loop_
_chem_comp.id
_chem_comp.type
_chem_comp.name
_chem_comp.formula
1PE non-polymer 'PENTAETHYLENE GLYCOL' 'C10 H22 O6'
8JV non-polymer '(2~{S},5~{R})-5-(4-methylphenyl)-1-[2-[[(2~{S})-1-oxidanyl-1-oxidanylidene-4-phenyl-butan-2-yl]amino]ethanoyl]pyrrolidine-2-carboxylic acid' 'C24 H28 N2 O5'
ACT non-polymer 'ACETATE ION' 'C2 H3 O2 -1'
BMA D-saccharide, beta linking beta-D-mannopyranose 'C6 H12 O6'
CL non-polymer 'CHLORIDE ION' 'Cl -1'
EDO non-polymer 1,2-ETHANEDIOL 'C2 H6 O2'
FUC L-saccharide, alpha linking alpha-L-fucopyranose 'C6 H12 O5'
MG non-polymer 'MAGNESIUM ION' 'Mg 2'
NAG D-saccharide, beta linking 2-acetamido-2-deoxy-beta-D-glucopyranose 'C8 H15 N O6'
PE8 non-polymer 3,6,9,12,15,18,21-HEPTAOXATRICOSANE-1,23-DIOL 'C16 H34 O9'
PEG non-polymer DI(HYDROXYETHYL)ETHER 'C4 H10 O3'
PG4 non-polymer 'TETRAETHYLENE GLYCOL' 'C8 H18 O5'
PGE non-polymer 'TRIETHYLENE GLYCOL' 'C6 H14 O4'
ZN non-polymer 'ZINC ION' 'Zn 2'
#
# COMPACT_ATOMS: atom_id res chain seq x y z
N LEU A 1 2.09 32.09 31.30
CA LEU A 1 3.31 31.40 31.79
C LEU A 1 3.92 32.18 32.94
N ASP A 2 4.08 31.53 34.09
CA ASP A 2 4.63 32.22 35.25
C ASP A 2 5.97 32.85 34.88
N PRO A 3 6.28 34.05 35.40
CA PRO A 3 7.56 34.69 35.05
C PRO A 3 8.77 33.79 35.25
N GLY A 4 8.82 33.03 36.35
CA GLY A 4 9.96 32.17 36.60
C GLY A 4 10.18 31.11 35.55
N LEU A 5 9.16 30.81 34.74
CA LEU A 5 9.25 29.78 33.71
C LEU A 5 9.53 30.35 32.33
N GLN A 6 9.60 31.69 32.19
CA GLN A 6 9.76 32.31 30.89
C GLN A 6 11.23 32.42 30.51
N PRO A 7 11.56 32.30 29.23
CA PRO A 7 12.96 32.43 28.80
C PRO A 7 13.43 33.87 28.86
N GLY A 8 14.59 34.07 29.48
CA GLY A 8 15.26 35.36 29.48
C GLY A 8 16.00 35.55 28.18
N GLN A 9 17.08 36.34 28.24
CA GLN A 9 17.89 36.61 27.07
C GLN A 9 19.21 35.87 27.17
N PHE A 10 19.66 35.35 26.04
CA PHE A 10 20.92 34.61 25.94
C PHE A 10 21.61 35.03 24.66
N SER A 11 22.93 34.92 24.65
CA SER A 11 23.69 35.29 23.46
C SER A 11 23.30 34.38 22.29
N ALA A 12 23.49 34.90 21.08
CA ALA A 12 23.17 34.17 19.85
C ALA A 12 24.34 33.32 19.40
N ASP A 13 24.84 32.46 20.29
CA ASP A 13 26.00 31.63 20.02
C ASP A 13 25.89 30.35 20.84
N GLU A 14 26.91 29.50 20.74
CA GLU A 14 26.87 28.22 21.46
C GLU A 14 27.06 28.40 22.96
N ALA A 15 27.80 29.43 23.37
CA ALA A 15 27.98 29.65 24.80
C ALA A 15 26.69 30.13 25.46
N GLY A 16 25.84 30.84 24.71
CA GLY A 16 24.54 31.20 25.22
C GLY A 16 23.53 30.10 25.11
N ALA A 17 23.62 29.27 24.06
CA ALA A 17 22.76 28.11 23.96
C ALA A 17 22.97 27.15 25.13
N GLN A 18 24.20 27.08 25.64
CA GLN A 18 24.46 26.23 26.81
C GLN A 18 23.77 26.78 28.04
N LEU A 19 23.92 28.08 28.30
CA LEU A 19 23.16 28.70 29.38
C LEU A 19 21.67 28.64 29.11
N PHE A 20 21.28 28.66 27.84
CA PHE A 20 19.87 28.54 27.48
C PHE A 20 19.31 27.18 27.88
N ALA A 21 20.07 26.11 27.61
CA ALA A 21 19.61 24.77 27.98
C ALA A 21 19.60 24.60 29.49
N GLN A 22 20.55 25.22 30.21
CA GLN A 22 20.55 25.13 31.66
C GLN A 22 19.30 25.77 32.26
N SER A 23 18.99 27.00 31.83
CA SER A 23 17.79 27.65 32.32
C SER A 23 16.54 26.90 31.90
N TYR A 24 16.53 26.39 30.66
CA TYR A 24 15.43 25.53 30.21
C TYR A 24 15.25 24.34 31.14
N GLN A 25 16.34 23.60 31.38
CA GLN A 25 16.30 22.45 32.28
C GLN A 25 15.62 22.79 33.60
N SER A 26 15.95 23.95 34.18
CA SER A 26 15.41 24.30 35.48
C SER A 26 13.89 24.37 35.46
N SER A 27 13.33 25.04 34.45
CA SER A 27 11.89 25.23 34.39
C SER A 27 11.18 24.06 33.73
N ALA A 28 11.84 23.33 32.83
CA ALA A 28 11.20 22.21 32.16
C ALA A 28 10.80 21.12 33.15
N GLU A 29 11.64 20.85 34.14
CA GLU A 29 11.32 19.81 35.11
C GLU A 29 10.03 20.12 35.85
N GLN A 30 9.86 21.39 36.26
CA GLN A 30 8.63 21.79 36.93
C GLN A 30 7.43 21.60 36.01
N VAL A 31 7.55 22.08 34.76
CA VAL A 31 6.45 21.98 33.81
C VAL A 31 6.15 20.53 33.50
N LEU A 32 7.18 19.72 33.31
CA LEU A 32 6.96 18.30 33.04
C LEU A 32 6.32 17.61 34.25
N PHE A 33 6.81 17.89 35.46
CA PHE A 33 6.24 17.26 36.63
C PHE A 33 4.74 17.54 36.76
N GLN A 34 4.35 18.82 36.67
CA GLN A 34 2.93 19.13 36.83
C GLN A 34 2.10 18.46 35.74
N SER A 35 2.66 18.32 34.54
CA SER A 35 1.95 17.63 33.47
C SER A 35 1.86 16.13 33.75
N VAL A 36 2.98 15.51 34.10
CA VAL A 36 2.95 14.07 34.40
C VAL A 36 2.08 13.81 35.61
N ALA A 37 2.18 14.66 36.64
CA ALA A 37 1.38 14.47 37.84
C ALA A 37 -0.11 14.54 37.52
N ALA A 38 -0.51 15.53 36.72
CA ALA A 38 -1.91 15.65 36.33
C ALA A 38 -2.36 14.45 35.50
N SER A 39 -1.49 13.98 34.60
CA SER A 39 -1.81 12.76 33.85
C SER A 39 -1.95 11.56 34.79
N TRP A 40 -1.07 11.47 35.79
CA TRP A 40 -1.16 10.37 36.75
C TRP A 40 -2.48 10.44 37.52
N ALA A 41 -2.84 11.63 37.99
CA ALA A 41 -4.08 11.78 38.74
C ALA A 41 -5.28 11.36 37.90
N HIS A 42 -5.24 11.64 36.59
CA HIS A 42 -6.34 11.23 35.72
C HIS A 42 -6.30 9.73 35.45
N ASP A 43 -5.12 9.21 35.10
CA ASP A 43 -5.03 7.81 34.67
C ASP A 43 -5.26 6.84 35.82
N THR A 44 -5.03 7.26 37.07
CA THR A 44 -5.32 6.44 38.24
C THR A 44 -6.71 6.69 38.81
N ASN A 45 -7.51 7.53 38.16
CA ASN A 45 -8.78 7.98 38.72
C ASN A 45 -9.49 8.82 37.66
N ILE A 46 -10.11 8.14 36.68
CA ILE A 46 -10.70 8.82 35.53
C ILE A 46 -11.96 9.54 35.99
N THR A 47 -11.85 10.85 36.21
CA THR A 47 -13.00 11.71 36.45
C THR A 47 -12.97 12.88 35.48
N ALA A 48 -14.12 13.55 35.37
CA ALA A 48 -14.19 14.72 34.51
C ALA A 48 -13.33 15.86 35.07
N GLU A 49 -13.31 16.00 36.38
CA GLU A 49 -12.49 17.05 37.00
C GLU A 49 -11.00 16.79 36.78
N ASN A 50 -10.57 15.53 36.90
CA ASN A 50 -9.16 15.22 36.67
C ASN A 50 -8.78 15.41 35.21
N ALA A 51 -9.70 15.14 34.28
CA ALA A 51 -9.41 15.41 32.87
C ALA A 51 -9.26 16.91 32.64
N ARG A 52 -10.07 17.73 33.31
CA ARG A 52 -9.95 19.17 33.17
C ARG A 52 -8.58 19.64 33.64
N ARG A 53 -8.14 19.16 34.80
CA ARG A 53 -6.83 19.55 35.32
C ARG A 53 -5.71 19.10 34.41
N GLN A 54 -5.86 17.93 33.78
CA GLN A 54 -4.82 17.44 32.88
C GLN A 54 -4.74 18.28 31.62
N GLU A 55 -5.89 18.72 31.10
CA GLU A 55 -5.89 19.56 29.91
C GLU A 55 -5.29 20.92 30.20
N GLU A 56 -5.56 21.48 31.39
CA GLU A 56 -4.92 22.74 31.76
C GLU A 56 -3.42 22.58 31.91
N ALA A 57 -2.97 21.45 32.48
CA ALA A 57 -1.53 21.21 32.56
C ALA A 57 -0.92 21.03 31.18
N ALA A 58 -1.61 20.31 30.30
CA ALA A 58 -1.12 20.16 28.93
C ALA A 58 -1.03 21.52 28.25
N LEU A 59 -2.01 22.40 28.50
CA LEU A 59 -2.00 23.72 27.90
C LEU A 59 -0.83 24.55 28.40
N LEU A 60 -0.51 24.43 29.69
CA LEU A 60 0.67 25.12 30.22
C LEU A 60 1.95 24.59 29.60
N SER A 61 2.04 23.26 29.41
CA SER A 61 3.21 22.69 28.76
C SER A 61 3.37 23.23 27.34
N GLN A 62 2.26 23.39 26.62
CA GLN A 62 2.33 23.96 25.28
C GLN A 62 2.76 25.42 25.32
N GLU A 63 2.28 26.16 26.33
CA GLU A 63 2.69 27.54 26.50
C GLU A 63 4.19 27.63 26.77
N PHE A 64 4.68 26.76 27.64
CA PHE A 64 6.11 26.68 27.90
C PHE A 64 6.88 26.32 26.63
N ALA A 65 6.43 25.26 25.94
CA ALA A 65 7.12 24.82 24.73
C ALA A 65 7.14 25.91 23.67
N GLU A 66 6.06 26.68 23.54
CA GLU A 66 6.03 27.76 22.56
C GLU A 66 7.06 28.83 22.90
N ALA A 67 7.07 29.28 24.16
CA ALA A 67 7.97 30.37 24.53
C ALA A 67 9.43 29.96 24.33
N TRP A 68 9.81 28.81 24.88
CA TRP A 68 11.20 28.38 24.76
C TRP A 68 11.52 27.89 23.35
N GLY A 69 10.54 27.28 22.68
CA GLY A 69 10.75 26.89 21.29
C GLY A 69 10.91 28.09 20.37
N GLN A 70 10.13 29.13 20.59
CA GLN A 70 10.25 30.33 19.76
C GLN A 70 11.49 31.13 20.12
N LYS A 71 11.91 31.11 21.38
CA LYS A 71 13.18 31.73 21.75
C LYS A 71 14.35 30.96 21.16
N ALA A 72 14.27 29.64 21.20
CA ALA A 72 15.34 28.82 20.63
C ALA A 72 15.53 29.13 19.15
N LYS A 73 14.42 29.24 18.40
CA LYS A 73 14.52 29.62 17.00
C LYS A 73 15.05 31.05 16.86
N GLU A 74 14.48 31.98 17.63
CA GLU A 74 14.89 33.38 17.53
C GLU A 74 16.40 33.53 17.65
N LEU A 75 17.01 32.79 18.57
CA LEU A 75 18.43 32.98 18.87
C LEU A 75 19.35 32.07 18.07
N TYR A 76 18.90 30.87 17.70
CA TYR A 76 19.80 29.81 17.29
C TYR A 76 19.39 29.09 16.01
N GLU A 77 18.42 29.62 15.26
CA GLU A 77 17.92 28.88 14.11
C GLU A 77 19.01 28.56 13.09
N PRO A 78 19.91 29.48 12.73
CA PRO A 78 20.91 29.17 11.69
C PRO A 78 22.27 28.68 12.19
N ILE A 79 22.46 28.47 13.49
CA ILE A 79 23.78 28.15 14.02
C ILE A 79 23.74 26.91 14.90
N TRP A 80 22.54 26.43 15.25
CA TRP A 80 22.45 25.33 16.20
C TRP A 80 22.90 24.01 15.59
N GLN A 81 22.79 23.86 14.26
CA GLN A 81 23.22 22.64 13.60
C GLN A 81 24.74 22.54 13.48
N GLN A 82 25.47 23.63 13.78
CA GLN A 82 26.93 23.64 13.71
C GLN A 82 27.59 23.66 15.08
N PHE A 83 26.81 23.66 16.16
CA PHE A 83 27.40 23.67 17.49
C PHE A 83 28.43 22.56 17.64
N THR A 84 29.48 22.84 18.41
CA THR A 84 30.52 21.84 18.64
C THR A 84 30.04 20.77 19.62
N ASP A 85 29.13 21.12 20.52
CA ASP A 85 28.65 20.19 21.53
C ASP A 85 27.54 19.34 20.95
N PRO A 86 27.76 18.05 20.72
CA PRO A 86 26.71 17.22 20.10
C PRO A 86 25.48 17.04 20.99
N GLN A 87 25.65 17.01 22.31
CA GLN A 87 24.50 16.92 23.19
C GLN A 87 23.68 18.20 23.15
N LEU A 88 24.35 19.34 23.10
CA LEU A 88 23.65 20.62 23.01
C LEU A 88 22.82 20.70 21.73
N ARG A 89 23.37 20.23 20.61
CA ARG A 89 22.57 20.15 19.38
C ARG A 89 21.32 19.33 19.61
N ARG A 90 21.45 18.17 20.24
CA ARG A 90 20.29 17.32 20.49
C ARG A 90 19.30 18.01 21.42
N ILE A 91 19.79 18.78 22.39
CA ILE A 91 18.88 19.51 23.27
C ILE A 91 18.18 20.62 22.50
N ILE A 92 18.95 21.46 21.79
CA ILE A 92 18.34 22.55 21.03
C ILE A 92 17.39 22.00 19.98
N GLY A 93 17.81 20.96 19.26
CA GLY A 93 16.95 20.36 18.26
C GLY A 93 15.61 19.93 18.83
N ALA A 94 15.61 19.46 20.07
CA ALA A 94 14.35 19.03 20.70
C ALA A 94 13.51 20.23 21.11
N VAL A 95 14.13 21.24 21.73
CA VAL A 95 13.38 22.39 22.23
C VAL A 95 12.71 23.13 21.09
N ARG A 96 13.34 23.19 19.92
CA ARG A 96 12.78 23.95 18.80
C ARG A 96 11.70 23.19 18.05
N THR A 97 11.45 21.93 18.39
CA THR A 97 10.32 21.18 17.85
C THR A 97 9.10 21.48 18.71
N LEU A 98 8.17 22.27 18.18
CA LEU A 98 7.05 22.75 18.97
C LEU A 98 5.88 21.77 18.99
N GLY A 99 5.70 20.98 17.93
CA GLY A 99 4.60 20.03 17.91
C GLY A 99 3.28 20.75 18.10
N SER A 100 2.44 20.21 18.99
CA SER A 100 1.11 20.77 19.19
C SER A 100 1.16 22.22 19.66
N ALA A 101 2.30 22.67 20.19
CA ALA A 101 2.44 24.07 20.56
C ALA A 101 2.42 25.00 19.36
N ASN A 102 2.52 24.47 18.14
CA ASN A 102 2.37 25.29 16.95
C ASN A 102 0.91 25.67 16.70
N LEU A 103 -0.03 24.91 17.26
CA LEU A 103 -1.43 25.20 17.01
C LEU A 103 -1.86 26.48 17.73
N PRO A 104 -2.77 27.25 17.14
CA PRO A 104 -3.35 28.37 17.88
C PRO A 104 -4.11 27.88 19.09
N LEU A 105 -4.30 28.77 20.05
CA LEU A 105 -4.86 28.41 21.35
C LEU A 105 -6.11 27.56 21.21
N ALA A 106 -7.09 28.02 20.41
CA ALA A 106 -8.33 27.28 20.29
C ALA A 106 -8.09 25.86 19.81
N LYS A 107 -7.15 25.67 18.88
CA LYS A 107 -6.87 24.33 18.37
C LYS A 107 -6.03 23.52 19.35
N ARG A 108 -5.18 24.18 20.15
CA ARG A 108 -4.51 23.49 21.25
C ARG A 108 -5.53 22.88 22.20
N GLN A 109 -6.55 23.66 22.56
CA GLN A 109 -7.58 23.16 23.48
C GLN A 109 -8.37 22.03 22.83
N GLN A 110 -8.72 22.16 21.56
N GLN A 110 -8.71 22.15 21.54
CA GLN A 110 -9.35 21.06 20.83
CA GLN A 110 -9.36 21.06 20.84
C GLN A 110 -8.47 19.81 20.89
C GLN A 110 -8.49 19.81 20.84
N TYR A 111 -7.19 19.98 20.55
CA TYR A 111 -6.27 18.85 20.51
C TYR A 111 -6.19 18.16 21.88
N ASN A 112 -5.99 18.95 22.94
CA ASN A 112 -5.89 18.38 24.28
C ASN A 112 -7.18 17.68 24.68
N ALA A 113 -8.33 18.27 24.34
CA ALA A 113 -9.60 17.65 24.69
C ALA A 113 -9.81 16.35 23.91
N LEU A 114 -9.33 16.29 22.67
CA LEU A 114 -9.46 15.07 21.89
C LEU A 114 -8.65 13.94 22.52
N LEU A 115 -7.38 14.22 22.87
CA LEU A 115 -6.58 13.20 23.54
C LEU A 115 -7.26 12.71 24.82
N SER A 116 -7.82 13.63 25.60
N SER A 116 -7.80 13.63 25.62
CA SER A 116 -8.47 13.24 26.85
CA SER A 116 -8.47 13.23 26.85
C SER A 116 -9.69 12.37 26.59
C SER A 116 -9.67 12.34 26.56
N GLN A 117 -10.53 12.78 25.64
CA GLN A 117 -11.76 12.02 25.37
C GLN A 117 -11.45 10.67 24.77
N MET A 118 -10.45 10.59 23.88
CA MET A 118 -10.07 9.29 23.32
C MET A 118 -9.54 8.37 24.39
N SER A 119 -8.72 8.90 25.31
CA SER A 119 -8.23 8.09 26.43
C SER A 119 -9.39 7.58 27.29
N ARG A 120 -10.35 8.45 27.59
CA ARG A 120 -11.46 8.06 28.44
C ARG A 120 -12.30 6.98 27.77
N ILE A 121 -12.55 7.13 26.47
CA ILE A 121 -13.40 6.18 25.76
C ILE A 121 -12.78 4.79 25.78
N TYR A 122 -11.49 4.71 25.48
CA TYR A 122 -10.83 3.40 25.43
C TYR A 122 -10.82 2.73 26.78
N SER A 123 -10.44 3.46 27.83
CA SER A 123 -10.21 2.84 29.13
C SER A 123 -11.47 2.70 29.98
N THR A 124 -12.60 3.22 29.54
CA THR A 124 -13.86 3.00 30.24
C THR A 124 -14.87 2.20 29.42
N ALA A 125 -14.52 1.82 28.20
CA ALA A 125 -15.42 1.01 27.38
C ALA A 125 -15.68 -0.32 28.06
N LYS A 126 -16.91 -0.82 27.89
CA LYS A 126 -17.34 -2.05 28.53
C LYS A 126 -18.20 -2.83 27.56
N VAL A 127 -18.27 -4.15 27.78
CA VAL A 127 -19.12 -5.04 27.04
C VAL A 127 -20.20 -5.53 28.00
N CYS A 128 -21.46 -5.30 27.66
CA CYS A 128 -22.57 -5.65 28.53
C CYS A 128 -23.31 -6.85 27.97
N LEU A 129 -23.89 -7.64 28.88
CA LEU A 129 -24.44 -8.94 28.55
C LEU A 129 -25.94 -8.86 28.28
N THR A 135 -25.26 -6.08 33.98
CA THR A 135 -23.87 -6.41 34.29
C THR A 135 -23.02 -6.29 33.03
N CYS A 136 -21.77 -5.85 33.19
CA CYS A 136 -20.92 -5.55 32.05
C CYS A 136 -19.49 -5.98 32.35
N TRP A 137 -18.77 -6.34 31.29
CA TRP A 137 -17.38 -6.77 31.38
C TRP A 137 -16.43 -5.66 30.93
N SER A 138 -15.36 -5.48 31.68
CA SER A 138 -14.29 -4.58 31.29
C SER A 138 -13.23 -5.33 30.50
N LEU A 139 -12.42 -4.58 29.75
CA LEU A 139 -11.32 -5.20 29.02
C LEU A 139 -10.39 -5.95 29.96
N ASP A 140 -9.93 -5.26 31.01
CA ASP A 140 -9.01 -5.83 31.99
C ASP A 140 -9.73 -5.87 33.33
N PRO A 141 -9.97 -7.06 33.93
CA PRO A 141 -9.56 -8.40 33.54
C PRO A 141 -10.58 -9.22 32.73
N ASP A 142 -11.83 -8.78 32.69
CA ASP A 142 -12.92 -9.67 32.26
C ASP A 142 -12.70 -10.20 30.85
N LEU A 143 -12.64 -9.29 29.86
CA LEU A 143 -12.51 -9.76 28.48
C LEU A 143 -11.13 -10.35 28.20
N THR A 144 -10.09 -9.82 28.83
CA THR A 144 -8.77 -10.41 28.71
C THR A 144 -8.79 -11.88 29.12
N ASN A 145 -9.48 -12.20 30.23
CA ASN A 145 -9.52 -13.58 30.69
C ASN A 145 -10.32 -14.48 29.75
N ILE A 146 -11.38 -13.94 29.14
CA ILE A 146 -12.17 -14.74 28.20
C ILE A 146 -11.32 -15.09 26.98
N LEU A 147 -10.68 -14.09 26.37
CA LEU A 147 -9.82 -14.36 25.22
C LEU A 147 -8.71 -15.34 25.56
N ALA A 148 -8.25 -15.35 26.81
CA ALA A 148 -7.11 -16.17 27.20
C ALA A 148 -7.48 -17.59 27.59
N SER A 149 -8.64 -17.80 28.22
N SER A 149 -8.66 -17.80 28.18
CA SER A 149 -8.99 -19.09 28.78
CA SER A 149 -9.00 -19.06 28.81
C SER A 149 -10.17 -19.76 28.07
C SER A 149 -10.26 -19.72 28.25
N SER A 150 -11.13 -18.99 27.57
CA SER A 150 -12.30 -19.58 26.96
C SER A 150 -11.91 -20.30 25.67
N ARG A 151 -12.56 -21.43 25.42
CA ARG A 151 -12.38 -22.19 24.19
C ARG A 151 -13.71 -22.37 23.46
N SER A 152 -14.73 -21.60 23.85
CA SER A 152 -16.01 -21.60 23.14
C SER A 152 -15.91 -20.60 22.01
N TYR A 153 -16.01 -21.09 20.77
CA TYR A 153 -15.96 -20.19 19.62
C TYR A 153 -16.98 -19.07 19.76
N ALA A 154 -18.19 -19.39 20.21
CA ALA A 154 -19.24 -18.37 20.30
C ALA A 154 -18.97 -17.38 21.42
N MET A 155 -18.38 -17.82 22.53
CA MET A 155 -18.09 -16.92 23.63
C MET A 155 -16.94 -15.98 23.28
N LEU A 156 -15.86 -16.54 22.73
CA LEU A 156 -14.75 -15.72 22.27
C LEU A 156 -15.24 -14.68 21.27
N LEU A 157 -16.20 -15.06 20.42
CA LEU A 157 -16.74 -14.13 19.44
C LEU A 157 -17.49 -12.99 20.14
N PHE A 158 -18.28 -13.33 21.16
CA PHE A 158 -19.00 -12.28 21.88
C PHE A 158 -18.06 -11.26 22.49
N ALA A 159 -16.96 -11.73 23.09
CA ALA A 159 -16.00 -10.81 23.70
C ALA A 159 -15.23 -10.01 22.65
N TRP A 160 -14.82 -10.67 21.57
CA TRP A 160 -14.06 -9.98 20.52
C TRP A 160 -14.91 -8.91 19.84
N GLU A 161 -16.11 -9.29 19.40
CA GLU A 161 -17.00 -8.35 18.74
C GLU A 161 -17.45 -7.26 19.70
N GLY A 162 -17.85 -7.65 20.92
CA GLY A 162 -18.26 -6.66 21.89
C GLY A 162 -17.21 -5.60 22.14
N TRP A 163 -15.95 -6.02 22.31
CA TRP A 163 -14.89 -5.07 22.61
C TRP A 163 -14.61 -4.15 21.43
N HIS A 164 -14.47 -4.72 20.23
CA HIS A 164 -14.11 -3.89 19.08
C HIS A 164 -15.22 -2.90 18.77
N ASN A 165 -16.48 -3.31 18.95
CA ASN A 165 -17.60 -2.39 18.72
C ASN A 165 -17.63 -1.31 19.79
N ALA A 166 -17.49 -1.70 21.07
CA ALA A 166 -17.65 -0.74 22.16
C ALA A 166 -16.56 0.31 22.15
N ALA A 167 -15.32 -0.08 21.87
CA ALA A 167 -14.20 0.85 21.92
C ALA A 167 -13.98 1.59 20.61
N GLY A 168 -14.08 0.89 19.48
CA GLY A 168 -13.69 1.45 18.20
C GLY A 168 -14.70 2.42 17.61
N ILE A 169 -15.97 2.03 17.60
CA ILE A 169 -16.99 2.84 16.93
C ILE A 169 -17.00 4.27 17.45
N PRO A 170 -17.09 4.52 18.75
CA PRO A 170 -17.17 5.92 19.22
C PRO A 170 -15.88 6.70 19.03
N LEU A 171 -14.75 6.04 18.82
CA LEU A 171 -13.49 6.75 18.67
C LEU A 171 -13.29 7.35 17.29
N LYS A 172 -13.96 6.81 16.27
CA LYS A 172 -13.58 7.16 14.90
C LYS A 172 -13.68 8.65 14.62
N PRO A 173 -14.80 9.34 14.89
CA PRO A 173 -14.84 10.77 14.58
C PRO A 173 -13.79 11.57 15.33
N LEU A 174 -13.48 11.18 16.58
CA LEU A 174 -12.44 11.88 17.32
C LEU A 174 -11.07 11.64 16.69
N TYR A 175 -10.82 10.42 16.22
CA TYR A 175 -9.50 10.11 15.69
C TYR A 175 -9.25 10.84 14.38
N GLU A 176 -10.29 11.01 13.56
N GLU A 176 -10.30 11.00 13.56
CA GLU A 176 -10.15 11.80 12.35
CA GLU A 176 -10.17 11.80 12.35
C GLU A 176 -9.76 13.23 12.70
C GLU A 176 -9.75 13.22 12.70
N ASP A 177 -10.43 13.82 13.68
CA ASP A 177 -10.11 15.20 14.06
C ASP A 177 -8.71 15.30 14.64
N PHE A 178 -8.33 14.35 15.50
CA PHE A 178 -6.97 14.35 16.04
C PHE A 178 -5.94 14.31 14.92
N THR A 179 -6.14 13.43 13.94
CA THR A 179 -5.15 13.27 12.88
C THR A 179 -4.92 14.57 12.15
N ALA A 180 -6.00 15.29 11.83
CA ALA A 180 -5.86 16.54 11.11
C ALA A 180 -5.11 17.57 11.93
N LEU A 181 -5.43 17.67 13.23
CA LEU A 181 -4.77 18.67 14.06
C LEU A 181 -3.30 18.30 14.28
N SER A 182 -3.02 17.03 14.51
CA SER A 182 -1.64 16.59 14.67
C SER A 182 -0.81 16.94 13.44
N ASN A 183 -1.34 16.62 12.25
CA ASN A 183 -0.62 16.96 11.02
C ASN A 183 -0.42 18.45 10.90
N GLU A 184 -1.47 19.23 11.18
CA GLU A 184 -1.34 20.69 11.11
C GLU A 184 -0.21 21.18 12.01
N ALA A 185 -0.10 20.59 13.20
CA ALA A 185 0.91 21.04 14.16
C ALA A 185 2.32 20.72 13.67
N TYR A 186 2.56 19.48 13.23
CA TYR A 186 3.91 19.08 12.88
C TYR A 186 4.31 19.54 11.48
N LYS A 187 3.35 19.84 10.62
CA LYS A 187 3.67 20.50 9.36
C LYS A 187 4.37 21.83 9.59
N GLN A 188 4.06 22.49 10.71
CA GLN A 188 4.74 23.74 11.07
C GLN A 188 6.14 23.49 11.62
N ASP A 189 6.45 22.26 12.01
CA ASP A 189 7.81 21.88 12.37
C ASP A 189 8.64 21.47 11.16
N GLY A 190 8.04 21.43 9.97
CA GLY A 190 8.73 21.09 8.75
C GLY A 190 8.50 19.69 8.23
N PHE A 191 7.68 18.89 8.91
CA PHE A 191 7.45 17.51 8.52
C PHE A 191 6.22 17.41 7.63
N THR A 192 6.29 16.52 6.63
CA THR A 192 5.17 16.35 5.71
C THR A 192 3.92 15.89 6.44
N ASP A 193 4.07 15.09 7.49
CA ASP A 193 2.95 14.66 8.32
C ASP A 193 3.51 14.13 9.63
N THR A 194 2.60 13.77 10.54
CA THR A 194 3.03 13.34 11.87
C THR A 194 3.86 12.07 11.80
N GLY A 195 3.52 11.14 10.90
CA GLY A 195 4.30 9.92 10.79
C GLY A 195 5.74 10.19 10.43
N ALA A 196 5.98 11.17 9.54
CA ALA A 196 7.35 11.53 9.20
C ALA A 196 8.10 12.01 10.43
N TYR A 197 7.44 12.73 11.32
CA TYR A 197 8.08 13.15 12.55
C TYR A 197 8.38 11.95 13.44
N TRP A 198 7.44 11.03 13.58
CA TRP A 198 7.67 9.84 14.40
C TRP A 198 8.85 9.03 13.86
N ARG A 199 8.93 8.88 12.54
CA ARG A 199 10.02 8.09 11.97
C ARG A 199 11.36 8.79 12.12
N SER A 200 11.36 10.12 12.24
CA SER A 200 12.63 10.85 12.33
C SER A 200 13.41 10.53 13.59
N TRP A 201 12.75 9.97 14.62
CA TRP A 201 13.45 9.63 15.85
C TRP A 201 14.53 8.58 15.62
N TYR A 202 14.43 7.80 14.55
CA TYR A 202 15.41 6.77 14.28
C TYR A 202 16.58 7.25 13.44
N ASN A 203 16.55 8.51 13.02
CA ASN A 203 17.64 9.14 12.27
C ASN A 203 18.29 8.16 11.31
N SER A 204 17.47 7.66 10.41
CA SER A 204 17.93 6.74 9.36
C SER A 204 17.16 7.03 8.08
N PRO A 205 17.81 7.55 7.03
CA PRO A 205 17.07 7.87 5.81
C PRO A 205 16.48 6.65 5.12
N THR A 206 16.91 5.45 5.48
CA THR A 206 16.43 4.21 4.89
C THR A 206 15.60 3.38 5.87
N PHE A 207 14.93 4.06 6.80
CA PHE A 207 14.26 3.35 7.90
C PHE A 207 13.25 2.33 7.38
N GLU A 208 12.32 2.75 6.52
CA GLU A 208 11.25 1.86 6.11
C GLU A 208 11.79 0.70 5.27
N ASP A 209 12.77 0.96 4.40
CA ASP A 209 13.38 -0.13 3.64
C ASP A 209 14.12 -1.08 4.57
N ASP A 210 14.86 -0.55 5.55
CA ASP A 210 15.57 -1.42 6.49
C ASP A 210 14.60 -2.31 7.25
N LEU A 211 13.45 -1.76 7.65
CA LEU A 211 12.44 -2.57 8.35
C LEU A 211 11.89 -3.64 7.42
N GLU A 212 11.60 -3.30 6.17
N GLU A 212 11.59 -3.29 6.17
CA GLU A 212 11.07 -4.28 5.24
CA GLU A 212 11.08 -4.27 5.23
C GLU A 212 12.07 -5.41 5.02
C GLU A 212 12.06 -5.40 5.03
N HIS A 213 13.36 -5.08 4.95
CA HIS A 213 14.38 -6.12 4.78
C HIS A 213 14.43 -7.04 6.00
N LEU A 214 14.29 -6.48 7.20
CA LEU A 214 14.23 -7.30 8.40
C LEU A 214 13.04 -8.25 8.34
N TYR A 215 11.86 -7.72 8.00
CA TYR A 215 10.68 -8.56 8.01
C TYR A 215 10.78 -9.68 6.98
N GLN A 216 11.41 -9.42 5.84
CA GLN A 216 11.60 -10.48 4.84
C GLN A 216 12.36 -11.65 5.43
N GLN A 217 13.31 -11.38 6.33
CA GLN A 217 14.07 -12.46 6.95
C GLN A 217 13.24 -13.21 7.98
N LEU A 218 12.28 -12.53 8.61
CA LEU A 218 11.53 -13.11 9.70
C LEU A 218 10.24 -13.77 9.26
N GLU A 219 9.69 -13.35 8.11
CA GLU A 219 8.38 -13.85 7.70
C GLU A 219 8.31 -15.37 7.59
N PRO A 220 9.31 -16.07 7.06
CA PRO A 220 9.19 -17.53 6.99
C PRO A 220 8.99 -18.18 8.34
N LEU A 221 9.60 -17.64 9.39
CA LEU A 221 9.38 -18.19 10.73
C LEU A 221 7.92 -18.02 11.15
N TYR A 222 7.35 -16.84 10.87
CA TYR A 222 5.95 -16.62 11.21
C TYR A 222 5.05 -17.53 10.40
N LEU A 223 5.31 -17.67 9.10
CA LEU A 223 4.43 -18.49 8.27
C LEU A 223 4.39 -19.94 8.76
N ASN A 224 5.53 -20.47 9.18
CA ASN A 224 5.55 -21.85 9.68
C ASN A 224 4.90 -21.95 11.05
N LEU A 225 5.13 -20.97 11.93
CA LEU A 225 4.42 -20.98 13.21
C LEU A 225 2.92 -20.89 12.98
N HIS A 226 2.51 -20.01 12.07
CA HIS A 226 1.10 -19.80 11.76
C HIS A 226 0.45 -21.09 11.28
N ALA A 227 1.10 -21.79 10.33
CA ALA A 227 0.51 -23.00 9.78
C ALA A 227 0.40 -24.10 10.83
N PHE A 228 1.39 -24.19 11.71
CA PHE A 228 1.39 -25.21 12.76
C PHE A 228 0.27 -24.94 13.76
N VAL A 229 0.12 -23.68 14.18
CA VAL A 229 -0.94 -23.31 15.11
C VAL A 229 -2.31 -23.48 14.47
N ARG A 230 -2.45 -23.07 13.20
CA ARG A 230 -3.72 -23.24 12.50
C ARG A 230 -4.15 -24.71 12.51
N ARG A 231 -3.21 -25.62 12.27
CA ARG A 231 -3.53 -27.05 12.33
C ARG A 231 -4.02 -27.44 13.72
N ALA A 232 -3.37 -26.92 14.77
CA ALA A 232 -3.78 -27.24 16.13
C ALA A 232 -5.19 -26.72 16.42
N LEU A 233 -5.51 -25.53 15.94
CA LEU A 233 -6.84 -24.99 16.12
C LEU A 233 -7.87 -25.78 15.33
N HIS A 234 -7.49 -26.24 14.13
CA HIS A 234 -8.41 -27.04 13.32
C HIS A 234 -8.80 -28.31 14.04
N ARG A 235 -7.85 -28.95 14.73
CA ARG A 235 -8.15 -30.17 15.46
C ARG A 235 -9.12 -29.95 16.61
N ARG A 236 -9.23 -28.72 17.12
CA ARG A 236 -10.15 -28.42 18.21
C ARG A 236 -11.47 -27.83 17.74
N TYR A 237 -11.44 -26.88 16.80
CA TYR A 237 -12.64 -26.17 16.40
C TYR A 237 -13.30 -26.74 15.15
N GLY A 238 -12.58 -27.54 14.37
CA GLY A 238 -13.18 -28.24 13.25
C GLY A 238 -13.11 -27.45 11.95
N ASP A 239 -13.47 -28.14 10.86
CA ASP A 239 -13.35 -27.58 9.53
C ASP A 239 -14.31 -26.43 9.29
N ARG A 240 -15.36 -26.30 10.09
CA ARG A 240 -16.34 -25.24 9.89
C ARG A 240 -15.77 -23.89 10.30
N TYR A 241 -14.96 -23.86 11.36
CA TYR A 241 -14.45 -22.61 11.91
C TYR A 241 -12.97 -22.37 11.62
N ILE A 242 -12.25 -23.35 11.09
CA ILE A 242 -10.84 -23.20 10.75
C ILE A 242 -10.65 -23.67 9.31
N ASN A 243 -10.10 -22.81 8.48
CA ASN A 243 -9.78 -23.13 7.10
C ASN A 243 -8.28 -23.35 7.01
N LEU A 244 -7.87 -24.58 6.72
CA LEU A 244 -6.45 -24.92 6.69
C LEU A 244 -5.71 -24.23 5.56
N ARG A 245 -6.39 -23.53 4.67
CA ARG A 245 -5.75 -22.74 3.64
C ARG A 245 -6.15 -21.27 3.68
N GLY A 246 -6.77 -20.84 4.78
CA GLY A 246 -7.22 -19.47 4.91
C GLY A 246 -6.73 -18.82 6.19
N PRO A 247 -7.08 -17.55 6.39
CA PRO A 247 -6.64 -16.85 7.59
C PRO A 247 -7.31 -17.43 8.83
N ILE A 248 -6.64 -17.27 9.97
CA ILE A 248 -7.18 -17.75 11.25
C ILE A 248 -8.16 -16.71 11.78
N PRO A 249 -9.35 -17.12 12.23
CA PRO A 249 -10.25 -16.15 12.88
C PRO A 249 -9.55 -15.44 14.03
N ALA A 250 -9.70 -14.11 14.09
CA ALA A 250 -8.84 -13.26 14.89
C ALA A 250 -9.07 -13.39 16.40
N HIS A 251 -10.06 -14.16 16.83
CA HIS A 251 -10.42 -14.25 18.24
C HIS A 251 -9.99 -15.57 18.87
N LEU A 252 -9.26 -16.41 18.16
CA LEU A 252 -8.97 -17.77 18.61
C LEU A 252 -7.53 -17.97 19.07
N LEU A 253 -6.74 -16.90 19.17
CA LEU A 253 -5.31 -17.02 19.40
C LEU A 253 -4.88 -16.59 20.80
N GLY A 254 -5.84 -16.38 21.71
CA GLY A 254 -5.55 -16.17 23.11
C GLY A 254 -5.48 -14.72 23.55
N ASP A 255 -5.59 -13.78 22.62
CA ASP A 255 -5.29 -12.38 22.87
C ASP A 255 -6.27 -11.55 22.05
N MET A 256 -6.76 -10.45 22.63
CA MET A 256 -7.78 -9.66 21.96
C MET A 256 -7.33 -9.21 20.57
N TRP A 257 -6.04 -9.01 20.37
CA TRP A 257 -5.51 -8.51 19.11
C TRP A 257 -4.73 -9.57 18.35
N ALA A 258 -4.76 -10.82 18.82
CA ALA A 258 -4.01 -11.92 18.21
C ALA A 258 -2.53 -11.58 18.08
N GLN A 259 -2.03 -10.75 19.01
CA GLN A 259 -0.66 -10.25 18.89
C GLN A 259 0.34 -11.11 19.65
N SER A 260 -0.12 -11.87 20.63
N SER A 260 -0.11 -11.85 20.66
CA SER A 260 0.70 -12.84 21.34
CA SER A 260 0.69 -12.85 21.36
C SER A 260 -0.14 -14.10 21.52
C SER A 260 -0.17 -14.09 21.49
N TRP A 261 0.41 -15.25 21.18
CA TRP A 261 -0.32 -16.51 21.19
C TRP A 261 0.04 -17.39 22.38
N GLU A 262 0.70 -16.84 23.40
CA GLU A 262 1.14 -17.65 24.54
C GLU A 262 -0.02 -18.38 25.19
N ASN A 263 -1.22 -17.80 25.17
CA ASN A 263 -2.34 -18.38 25.91
C ASN A 263 -2.86 -19.67 25.30
N ILE A 264 -2.53 -19.98 24.04
CA ILE A 264 -2.96 -21.24 23.45
C ILE A 264 -1.83 -22.28 23.48
N TYR A 265 -0.78 -22.03 24.26
CA TYR A 265 0.34 -22.97 24.34
C TYR A 265 -0.13 -24.39 24.61
N ASP A 266 -1.14 -24.56 25.48
CA ASP A 266 -1.55 -25.91 25.83
C ASP A 266 -2.13 -26.66 24.63
N MET A 267 -2.66 -25.94 23.64
CA MET A 267 -3.19 -26.59 22.45
C MET A 267 -2.12 -26.91 21.43
N VAL A 268 -0.94 -26.31 21.53
CA VAL A 268 0.10 -26.45 20.52
C VAL A 268 1.36 -27.12 21.04
N VAL A 269 1.52 -27.27 22.34
CA VAL A 269 2.76 -27.80 22.93
C VAL A 269 3.11 -29.11 22.23
N PRO A 270 4.30 -29.22 21.63
CA PRO A 270 4.61 -30.46 20.89
C PRO A 270 4.75 -31.70 21.76
N PHE A 271 5.27 -31.58 22.98
CA PHE A 271 5.60 -32.74 23.81
C PHE A 271 5.03 -32.54 25.21
N PRO A 272 3.74 -32.81 25.42
CA PRO A 272 3.11 -32.53 26.72
C PRO A 272 3.67 -33.33 27.88
N ASP A 273 4.38 -34.44 27.64
CA ASP A 273 4.90 -35.24 28.75
C ASP A 273 6.07 -34.59 29.46
N LYS A 274 6.57 -33.48 28.94
CA LYS A 274 7.69 -32.76 29.53
C LYS A 274 7.19 -31.75 30.54
N PRO A 275 8.08 -31.08 31.27
CA PRO A 275 7.62 -30.11 32.28
C PRO A 275 6.74 -29.05 31.64
N ASN A 276 5.71 -28.63 32.39
CA ASN A 276 4.78 -27.61 31.92
C ASN A 276 5.44 -26.24 32.05
N LEU A 277 5.76 -25.63 30.91
CA LEU A 277 6.53 -24.39 30.93
C LEU A 277 5.67 -23.16 31.17
N ASP A 278 4.34 -23.28 31.18
CA ASP A 278 3.46 -22.19 31.59
C ASP A 278 3.27 -22.34 33.09
N VAL A 279 3.93 -21.48 33.86
CA VAL A 279 3.99 -21.63 35.31
C VAL A 279 2.86 -20.86 35.98
N THR A 280 1.91 -20.34 35.18
CA THR A 280 0.79 -19.62 35.76
C THR A 280 0.11 -20.43 36.87
N SER A 281 -0.19 -21.69 36.60
CA SER A 281 -0.89 -22.51 37.58
C SER A 281 -0.06 -22.69 38.85
N THR A 282 1.26 -22.69 38.73
CA THR A 282 2.10 -22.79 39.91
C THR A 282 2.13 -21.46 40.68
N MET A 283 2.16 -20.34 39.96
CA MET A 283 2.08 -19.04 40.65
C MET A 283 0.80 -18.93 41.46
N LEU A 284 -0.31 -19.44 40.92
CA LEU A 284 -1.58 -19.40 41.65
C LEU A 284 -1.55 -20.37 42.81
N GLN A 285 -1.12 -21.61 42.58
CA GLN A 285 -1.03 -22.58 43.66
C GLN A 285 -0.15 -22.08 44.80
N GLN A 286 0.90 -21.31 44.48
CA GLN A 286 1.81 -20.79 45.48
C GLN A 286 1.34 -19.49 46.11
N GLY A 287 0.30 -18.86 45.57
CA GLY A 287 -0.23 -17.65 46.17
C GLY A 287 0.50 -16.39 45.78
N TRP A 288 1.11 -16.36 44.59
CA TRP A 288 1.75 -15.14 44.13
C TRP A 288 0.73 -14.01 44.04
N GLN A 289 1.18 -12.80 44.37
CA GLN A 289 0.39 -11.59 44.21
C GLN A 289 1.23 -10.56 43.47
N ALA A 290 0.60 -9.43 43.12
CA ALA A 290 1.28 -8.40 42.36
C ALA A 290 2.59 -7.99 43.02
N THR A 291 2.57 -7.75 44.33
CA THR A 291 3.78 -7.25 44.99
C THR A 291 4.92 -8.26 44.90
N HIS A 292 4.60 -9.55 44.97
CA HIS A 292 5.62 -10.58 44.79
C HIS A 292 6.25 -10.47 43.41
N MET A 293 5.41 -10.32 42.38
CA MET A 293 5.91 -10.28 41.02
C MET A 293 6.87 -9.11 40.83
N PHE A 294 6.54 -7.95 41.39
CA PHE A 294 7.41 -6.79 41.24
C PHE A 294 8.71 -6.95 42.02
N ARG A 295 8.64 -7.58 43.20
CA ARG A 295 9.85 -7.77 43.99
C ARG A 295 10.78 -8.78 43.32
N VAL A 296 10.22 -9.82 42.70
CA VAL A 296 11.04 -10.79 42.00
C VAL A 296 11.71 -10.13 40.79
N ALA A 297 10.97 -9.29 40.08
CA ALA A 297 11.56 -8.54 38.98
C ALA A 297 12.69 -7.65 39.49
N GLU A 298 12.43 -6.91 40.57
CA GLU A 298 13.43 -6.00 41.11
C GLU A 298 14.71 -6.75 41.46
N GLU A 299 14.58 -7.93 42.05
CA GLU A 299 15.76 -8.64 42.51
C GLU A 299 16.63 -9.09 41.35
N PHE A 300 16.03 -9.38 40.18
CA PHE A 300 16.84 -9.66 39.01
C PHE A 300 17.69 -8.46 38.64
N PHE A 301 17.08 -7.27 38.65
CA PHE A 301 17.83 -6.05 38.36
C PHE A 301 18.97 -5.86 39.36
N THR A 302 18.69 -6.04 40.65
CA THR A 302 19.74 -5.83 41.62
C THR A 302 20.81 -6.92 41.54
N SER A 303 20.43 -8.13 41.09
CA SER A 303 21.42 -9.18 40.91
C SER A 303 22.48 -8.77 39.89
N LEU A 304 22.10 -7.94 38.92
CA LEU A 304 23.03 -7.40 37.95
C LEU A 304 23.75 -6.16 38.45
N GLU A 305 23.52 -5.76 39.71
CA GLU A 305 24.05 -4.52 40.26
C GLU A 305 23.46 -3.29 39.57
N LEU A 306 22.23 -3.42 39.08
CA LEU A 306 21.45 -2.27 38.69
C LEU A 306 20.66 -1.78 39.91
N SER A 307 19.90 -0.71 39.75
CA SER A 307 19.34 -0.05 40.92
C SER A 307 18.07 -0.77 41.38
N PRO A 308 17.81 -0.84 42.68
CA PRO A 308 16.49 -1.27 43.15
C PRO A 308 15.47 -0.17 42.89
N MET A 309 14.21 -0.52 43.07
CA MET A 309 13.16 0.49 42.95
C MET A 309 13.18 1.39 44.19
N PRO A 310 13.16 2.71 44.03
CA PRO A 310 13.26 3.59 45.21
C PRO A 310 11.99 3.57 46.03
N PRO A 311 12.03 4.05 47.27
CA PRO A 311 10.81 4.07 48.09
C PRO A 311 9.67 4.80 47.40
N GLU A 312 9.97 5.90 46.71
CA GLU A 312 8.94 6.64 45.99
C GLU A 312 8.18 5.75 45.01
N PHE A 313 8.86 4.75 44.45
CA PHE A 313 8.20 3.82 43.53
C PHE A 313 7.17 2.97 44.27
N TRP A 314 7.56 2.38 45.39
CA TRP A 314 6.64 1.51 46.11
C TRP A 314 5.50 2.29 46.72
N GLU A 315 5.76 3.51 47.19
CA GLU A 315 4.72 4.30 47.83
C GLU A 315 3.72 4.88 46.83
N GLY A 316 4.15 5.16 45.61
CA GLY A 316 3.32 5.88 44.67
C GLY A 316 2.65 5.02 43.60
N SER A 317 3.21 3.85 43.32
CA SER A 317 2.77 3.06 42.18
C SER A 317 1.38 2.46 42.44
N MET A 318 0.69 2.18 41.34
CA MET A 318 -0.58 1.45 41.35
C MET A 318 -0.30 0.09 40.70
N LEU A 319 -0.20 -0.96 41.53
CA LEU A 319 0.21 -2.27 41.05
C LEU A 319 -0.93 -3.26 40.93
N GLU A 320 -2.14 -2.89 41.36
CA GLU A 320 -3.33 -3.70 41.18
C GLU A 320 -4.47 -2.78 40.77
N LYS A 321 -5.46 -3.35 40.11
CA LYS A 321 -6.67 -2.60 39.81
C LYS A 321 -7.35 -2.22 41.12
N PRO A 322 -7.70 -0.94 41.33
CA PRO A 322 -8.40 -0.57 42.56
C PRO A 322 -9.71 -1.30 42.71
N ALA A 323 -10.04 -1.67 43.94
CA ALA A 323 -11.26 -2.38 44.25
C ALA A 323 -12.35 -1.47 44.81
N ASP A 324 -12.09 -0.18 44.95
CA ASP A 324 -13.17 0.77 45.16
C ASP A 324 -13.99 1.00 43.90
N GLY A 325 -13.70 0.26 42.82
CA GLY A 325 -14.41 0.40 41.56
C GLY A 325 -14.06 1.62 40.77
N ARG A 326 -13.16 2.45 41.29
CA ARG A 326 -12.71 3.66 40.63
C ARG A 326 -12.22 3.37 39.22
N GLU A 327 -12.57 4.23 38.27
CA GLU A 327 -12.14 4.05 36.89
C GLU A 327 -10.67 4.39 36.73
N VAL A 328 -9.91 3.50 36.10
CA VAL A 328 -8.48 3.71 35.88
C VAL A 328 -8.12 3.26 34.47
N VAL A 329 -7.01 3.81 33.98
CA VAL A 329 -6.34 3.28 32.79
C VAL A 329 -5.57 2.04 33.22
N CYS A 330 -6.04 0.86 32.81
CA CYS A 330 -5.41 -0.37 33.28
C CYS A 330 -4.20 -0.77 32.46
N HIS A 331 -4.09 -0.31 31.21
CA HIS A 331 -2.96 -0.69 30.39
C HIS A 331 -1.65 -0.32 31.08
N ALA A 332 -0.74 -1.29 31.15
CA ALA A 332 0.47 -1.14 31.94
C ALA A 332 1.37 -0.04 31.38
N SER A 333 1.93 0.77 32.27
CA SER A 333 2.85 1.83 31.84
C SER A 333 3.79 2.20 32.98
N ALA A 334 4.92 2.78 32.59
CA ALA A 334 6.00 3.16 33.50
C ALA A 334 6.26 4.66 33.36
N TRP A 335 6.30 5.35 34.50
CA TRP A 335 6.18 6.79 34.53
C TRP A 335 7.44 7.45 35.07
N ASP A 336 7.96 8.40 34.31
CA ASP A 336 9.01 9.31 34.75
C ASP A 336 8.38 10.67 35.03
N PHE A 337 8.48 11.14 36.27
CA PHE A 337 7.92 12.43 36.64
C PHE A 337 8.90 13.59 36.43
N TYR A 338 10.10 13.30 35.94
CA TYR A 338 11.08 14.32 35.55
C TYR A 338 11.50 15.22 36.71
N ASN A 339 11.38 14.74 37.95
CA ASN A 339 11.93 15.43 39.10
C ASN A 339 13.07 14.64 39.75
N ARG A 340 13.55 13.59 39.08
CA ARG A 340 14.66 12.77 39.53
C ARG A 340 14.36 12.01 40.82
N LYS A 341 13.11 12.01 41.27
CA LYS A 341 12.73 11.36 42.51
C LYS A 341 11.56 10.41 42.35
N ASP A 342 10.54 10.80 41.60
CA ASP A 342 9.30 10.03 41.50
C ASP A 342 9.31 9.23 40.20
N PHE A 343 9.17 7.91 40.34
CA PHE A 343 9.07 6.96 39.25
C PHE A 343 8.04 5.93 39.66
N ARG A 344 7.14 5.56 38.76
CA ARG A 344 6.02 4.72 39.15
C ARG A 344 5.60 3.84 38.00
N ILE A 345 5.02 2.70 38.34
CA ILE A 345 4.32 1.85 37.37
C ILE A 345 2.84 1.86 37.73
N LYS A 346 2.01 1.92 36.69
CA LYS A 346 0.56 1.81 36.81
C LYS A 346 0.15 0.58 36.01
N GLN A 347 -0.23 -0.48 36.71
CA GLN A 347 -0.57 -1.74 36.06
C GLN A 347 -1.66 -2.43 36.86
N CYS A 348 -2.71 -2.89 36.15
CA CYS A 348 -3.73 -3.72 36.77
C CYS A 348 -3.26 -5.18 36.73
N THR A 349 -2.23 -5.43 37.53
CA THR A 349 -1.49 -6.68 37.43
C THR A 349 -2.37 -7.88 37.77
N ARG A 350 -2.28 -8.91 36.93
CA ARG A 350 -2.91 -10.21 37.17
C ARG A 350 -1.81 -11.24 37.38
N VAL A 351 -2.14 -12.31 38.11
CA VAL A 351 -1.14 -13.31 38.48
C VAL A 351 -1.09 -14.33 37.34
N THR A 352 -0.25 -14.05 36.34
CA THR A 352 0.01 -14.96 35.24
C THR A 352 1.47 -14.83 34.84
N MET A 353 1.94 -15.82 34.08
CA MET A 353 3.33 -15.78 33.61
C MET A 353 3.55 -14.62 32.65
N ASP A 354 2.61 -14.40 31.74
CA ASP A 354 2.76 -13.28 30.80
C ASP A 354 2.74 -11.94 31.54
N GLN A 355 1.97 -11.84 32.63
CA GLN A 355 1.99 -10.63 33.42
C GLN A 355 3.32 -10.45 34.14
N LEU A 356 3.96 -11.55 34.54
CA LEU A 356 5.30 -11.43 35.10
C LEU A 356 6.26 -10.85 34.08
N SER A 357 6.12 -11.25 32.81
CA SER A 357 6.93 -10.66 31.75
C SER A 357 6.60 -9.18 31.55
N THR A 358 5.32 -8.84 31.63
CA THR A 358 4.92 -7.43 31.54
C THR A 358 5.55 -6.61 32.66
N VAL A 359 5.58 -7.16 33.88
CA VAL A 359 6.22 -6.48 35.00
C VAL A 359 7.68 -6.19 34.69
N HIS A 360 8.38 -7.18 34.12
CA HIS A 360 9.79 -6.97 33.78
C HIS A 360 9.92 -5.92 32.69
N HIS A 361 9.05 -5.97 31.69
CA HIS A 361 9.05 -4.95 30.65
C HIS A 361 8.91 -3.56 31.25
N GLU A 362 7.89 -3.36 32.09
CA GLU A 362 7.66 -2.05 32.69
C GLU A 362 8.81 -1.67 33.63
N MET A 363 9.36 -2.64 34.38
CA MET A 363 10.45 -2.27 35.27
C MET A 363 11.70 -1.92 34.48
N GLY A 364 11.86 -2.48 33.28
CA GLY A 364 12.95 -2.05 32.41
C GLY A 364 12.83 -0.59 32.04
N HIS A 365 11.61 -0.12 31.78
CA HIS A 365 11.39 1.32 31.58
C HIS A 365 11.88 2.10 32.80
N ILE A 366 11.51 1.65 34.01
CA ILE A 366 11.88 2.38 35.21
C ILE A 366 13.40 2.40 35.38
N GLN A 367 14.05 1.26 35.16
CA GLN A 367 15.50 1.20 35.31
C GLN A 367 16.18 2.22 34.40
N TYR A 368 15.72 2.32 33.15
CA TYR A 368 16.22 3.36 32.26
C TYR A 368 16.10 4.74 32.91
N TYR A 369 14.89 5.07 33.42
CA TYR A 369 14.69 6.37 34.05
C TYR A 369 15.66 6.59 35.19
N LEU A 370 15.86 5.57 36.03
CA LEU A 370 16.76 5.72 37.17
C LEU A 370 18.19 5.97 36.73
N GLN A 371 18.60 5.36 35.61
CA GLN A 371 20.00 5.43 35.20
C GLN A 371 20.33 6.75 34.50
N TYR A 372 19.37 7.38 33.82
CA TYR A 372 19.63 8.64 33.12
C TYR A 372 18.92 9.82 33.76
N LYS A 373 18.53 9.71 35.03
CA LYS A 373 17.76 10.77 35.66
C LYS A 373 18.56 12.06 35.80
N ASP A 374 19.88 12.00 35.74
CA ASP A 374 20.72 13.18 35.91
C ASP A 374 21.15 13.81 34.60
N LEU A 375 20.73 13.26 33.46
CA LEU A 375 20.97 13.93 32.18
C LEU A 375 20.03 15.12 32.03
N PRO A 376 20.34 16.03 31.12
CA PRO A 376 19.36 17.07 30.77
C PRO A 376 18.04 16.45 30.34
N VAL A 377 16.94 17.10 30.72
CA VAL A 377 15.61 16.55 30.49
C VAL A 377 15.44 16.09 29.04
N SER A 378 15.96 16.85 28.08
CA SER A 378 15.74 16.52 26.68
C SER A 378 16.41 15.22 26.28
N LEU A 379 17.43 14.79 27.01
CA LEU A 379 18.16 13.56 26.71
C LEU A 379 17.70 12.39 27.58
N ARG A 380 16.64 12.58 28.37
CA ARG A 380 16.09 11.49 29.18
C ARG A 380 15.13 10.67 28.33
N ARG A 381 15.72 9.93 27.40
CA ARG A 381 15.02 9.06 26.48
C ARG A 381 15.93 7.91 26.14
N GLY A 382 15.37 6.89 25.49
CA GLY A 382 16.20 5.81 25.00
C GLY A 382 17.02 6.26 23.81
N ALA A 383 18.12 5.54 23.56
CA ALA A 383 18.92 5.85 22.38
C ALA A 383 18.03 5.95 21.14
N ASN A 384 17.06 5.04 21.03
CA ASN A 384 15.87 5.31 20.23
C ASN A 384 14.71 4.63 20.97
N PRO A 385 13.46 4.88 20.57
CA PRO A 385 12.35 4.30 21.35
C PRO A 385 12.40 2.79 21.47
N GLY A 386 13.01 2.11 20.49
CA GLY A 386 13.12 0.66 20.57
C GLY A 386 14.03 0.19 21.69
N PHE A 387 15.08 0.96 21.99
CA PHE A 387 15.94 0.63 23.13
C PHE A 387 15.13 0.58 24.42
N HIS A 388 14.32 1.62 24.65
CA HIS A 388 13.52 1.69 25.87
C HIS A 388 12.61 0.47 25.99
N GLU A 389 12.07 0.00 24.87
CA GLU A 389 11.15 -1.12 24.90
C GLU A 389 11.85 -2.47 25.08
N ALA A 390 13.16 -2.53 24.83
CA ALA A 390 13.86 -3.81 24.85
C ALA A 390 14.45 -4.15 26.20
N ILE A 391 14.63 -3.18 27.10
CA ILE A 391 15.43 -3.41 28.30
C ILE A 391 14.82 -4.52 29.14
N GLY A 392 13.56 -4.37 29.53
CA GLY A 392 12.94 -5.36 30.40
C GLY A 392 12.72 -6.69 29.72
N ASP A 393 12.45 -6.68 28.41
CA ASP A 393 12.28 -7.92 27.67
C ASP A 393 13.55 -8.75 27.67
N VAL A 394 14.71 -8.10 27.61
CA VAL A 394 15.98 -8.84 27.62
C VAL A 394 16.13 -9.62 28.92
N LEU A 395 15.87 -8.96 30.05
CA LEU A 395 15.91 -9.68 31.32
C LEU A 395 14.89 -10.80 31.35
N ALA A 396 13.68 -10.53 30.84
CA ALA A 396 12.64 -11.55 30.85
C ALA A 396 13.03 -12.75 30.01
N LEU A 397 13.90 -12.57 29.00
CA LEU A 397 14.37 -13.72 28.24
C LEU A 397 15.12 -14.69 29.15
N SER A 398 15.90 -14.16 30.09
CA SER A 398 16.61 -15.02 31.03
C SER A 398 15.66 -15.62 32.06
N VAL A 399 14.68 -14.82 32.50
CA VAL A 399 13.77 -15.28 33.56
C VAL A 399 12.94 -16.46 33.08
N SER A 400 12.55 -16.46 31.81
N SER A 400 12.57 -16.45 31.80
CA SER A 400 11.64 -17.49 31.30
CA SER A 400 11.67 -17.46 31.25
C SER A 400 12.34 -18.82 31.02
C SER A 400 12.34 -18.82 31.07
N THR A 401 13.66 -18.88 31.08
CA THR A 401 14.34 -20.15 30.83
C THR A 401 13.94 -21.17 31.90
N PRO A 402 13.73 -22.43 31.53
CA PRO A 402 13.43 -23.45 32.55
C PRO A 402 14.42 -23.46 33.69
N GLU A 403 15.70 -23.22 33.42
CA GLU A 403 16.70 -23.23 34.48
C GLU A 403 16.44 -22.11 35.48
N HIS A 404 16.10 -20.92 35.00
CA HIS A 404 15.86 -19.82 35.93
C HIS A 404 14.55 -20.00 36.66
N LEU A 405 13.52 -20.48 35.97
CA LEU A 405 12.24 -20.74 36.64
C LEU A 405 12.43 -21.74 37.78
N HIS A 406 13.31 -22.71 37.59
CA HIS A 406 13.62 -23.64 38.68
C HIS A 406 14.25 -22.89 39.86
N LYS A 407 15.18 -21.98 39.57
CA LYS A 407 15.87 -21.25 40.64
C LYS A 407 14.88 -20.48 41.52
N ILE A 408 13.82 -19.93 40.94
CA ILE A 408 12.88 -19.12 41.69
C ILE A 408 11.64 -19.92 42.10
N GLY A 409 11.72 -21.25 42.04
CA GLY A 409 10.69 -22.09 42.62
C GLY A 409 9.45 -22.31 41.79
N LEU A 410 9.48 -21.95 40.50
CA LEU A 410 8.30 -22.05 39.64
C LEU A 410 8.33 -23.26 38.72
N LEU A 411 9.36 -24.11 38.78
CA LEU A 411 9.45 -25.27 37.89
C LEU A 411 10.34 -26.29 38.59
N ASP A 412 9.71 -27.19 39.36
CA ASP A 412 10.46 -28.17 40.13
C ASP A 412 11.27 -29.08 39.22
N ARG A 413 10.64 -29.64 38.20
CA ARG A 413 11.32 -30.56 37.29
C ARG A 413 12.19 -29.76 36.33
N VAL A 414 13.42 -30.23 36.12
CA VAL A 414 14.36 -29.58 35.22
C VAL A 414 14.98 -30.63 34.31
N THR A 415 14.95 -30.36 33.02
CA THR A 415 15.26 -31.32 31.96
C THR A 415 16.07 -30.61 30.89
N ASN A 416 17.04 -31.32 30.28
CA ASN A 416 17.82 -30.77 29.18
C ASN A 416 17.86 -31.80 28.07
N ASP A 417 16.79 -31.85 27.28
CA ASP A 417 16.69 -32.75 26.13
C ASP A 417 16.07 -31.99 24.96
N THR A 418 16.12 -32.62 23.78
CA THR A 418 15.68 -31.95 22.56
C THR A 418 14.20 -31.63 22.60
N GLU A 419 13.38 -32.54 23.14
CA GLU A 419 11.94 -32.29 23.21
C GLU A 419 11.64 -31.10 24.09
N SER A 420 12.28 -31.01 25.25
CA SER A 420 12.08 -29.88 26.15
C SER A 420 12.51 -28.58 25.49
N ASP A 421 13.59 -28.62 24.68
CA ASP A 421 14.03 -27.43 23.97
C ASP A 421 12.99 -26.97 22.96
N ILE A 422 12.40 -27.92 22.22
CA ILE A 422 11.39 -27.55 21.24
C ILE A 422 10.17 -26.96 21.94
N ASN A 423 9.74 -27.57 23.04
CA ASN A 423 8.64 -27.01 23.83
C ASN A 423 8.93 -25.56 24.20
N TYR A 424 10.13 -25.31 24.73
CA TYR A 424 10.46 -23.96 25.20
C TYR A 424 10.51 -22.98 24.04
N LEU A 425 11.19 -23.35 22.95
CA LEU A 425 11.32 -22.44 21.83
C LEU A 425 9.97 -22.21 21.16
N LEU A 426 9.10 -23.21 21.15
CA LEU A 426 7.75 -23.01 20.62
C LEU A 426 6.96 -22.03 21.48
N LYS A 427 7.03 -22.19 22.81
CA LYS A 427 6.37 -21.24 23.70
C LYS A 427 6.92 -19.83 23.49
N MET A 428 8.24 -19.70 23.38
CA MET A 428 8.82 -18.38 23.14
C MET A 428 8.42 -17.83 21.78
N ALA A 429 8.27 -18.71 20.77
CA ALA A 429 7.84 -18.22 19.45
C ALA A 429 6.41 -17.69 19.50
N LEU A 430 5.53 -18.34 20.28
CA LEU A 430 4.17 -17.85 20.43
C LEU A 430 4.14 -16.43 20.98
N GLU A 431 5.14 -16.08 21.79
CA GLU A 431 5.21 -14.76 22.39
C GLU A 431 5.95 -13.75 21.51
N LYS A 432 7.00 -14.20 20.83
CA LYS A 432 7.91 -13.30 20.13
C LYS A 432 7.72 -13.30 18.62
N ILE A 433 7.68 -14.47 18.00
N ILE A 433 7.65 -14.46 18.00
CA ILE A 433 7.51 -14.54 16.56
CA ILE A 433 7.52 -14.52 16.54
C ILE A 433 6.11 -14.10 16.16
C ILE A 433 6.10 -14.15 16.12
N ALA A 434 5.10 -14.63 16.86
CA ALA A 434 3.71 -14.28 16.52
C ALA A 434 3.48 -12.77 16.57
N PHE A 435 4.23 -12.05 17.41
CA PHE A 435 4.01 -10.62 17.54
C PHE A 435 4.57 -9.84 16.35
N LEU A 436 5.62 -10.36 15.72
CA LEU A 436 6.34 -9.59 14.70
C LEU A 436 5.45 -8.97 13.63
N PRO A 437 4.56 -9.72 12.96
CA PRO A 437 3.69 -9.06 11.97
C PRO A 437 2.86 -7.94 12.55
N PHE A 438 2.35 -8.11 13.76
CA PHE A 438 1.53 -7.07 14.38
C PHE A 438 2.38 -5.86 14.73
N GLY A 439 3.54 -6.09 15.36
CA GLY A 439 4.43 -4.98 15.65
C GLY A 439 4.83 -4.19 14.43
N TYR A 440 4.88 -4.86 13.27
CA TYR A 440 5.25 -4.20 12.03
C TYR A 440 4.08 -3.43 11.42
N LEU A 441 2.86 -4.00 11.47
CA LEU A 441 1.78 -3.45 10.67
C LEU A 441 1.10 -2.23 11.31
N VAL A 442 1.12 -2.10 12.63
CA VAL A 442 0.30 -1.08 13.27
C VAL A 442 0.65 0.31 12.74
N ASP A 443 1.94 0.65 12.72
CA ASP A 443 2.33 1.97 12.26
C ASP A 443 2.39 2.07 10.75
N GLN A 444 2.45 0.95 10.02
CA GLN A 444 2.17 1.04 8.59
C GLN A 444 0.77 1.59 8.38
N TRP A 445 -0.20 1.11 9.16
CA TRP A 445 -1.55 1.66 9.09
C TRP A 445 -1.56 3.13 9.45
N ARG A 446 -0.92 3.48 10.57
N ARG A 446 -0.94 3.49 10.58
CA ARG A 446 -0.96 4.84 11.09
CA ARG A 446 -1.00 4.87 11.05
C ARG A 446 -0.18 5.80 10.19
C ARG A 446 -0.20 5.80 10.15
N TRP A 447 0.95 5.35 9.63
CA TRP A 447 1.68 6.18 8.69
C TRP A 447 0.81 6.50 7.48
N GLY A 448 0.03 5.53 7.01
CA GLY A 448 -0.86 5.79 5.90
C GLY A 448 -2.00 6.72 6.24
N VAL A 449 -2.48 6.66 7.49
CA VAL A 449 -3.50 7.61 7.92
C VAL A 449 -2.91 9.01 8.00
N PHE A 450 -1.73 9.15 8.60
CA PHE A 450 -1.13 10.46 8.74
C PHE A 450 -0.78 11.07 7.38
N SER A 451 -0.33 10.24 6.45
CA SER A 451 0.05 10.74 5.13
C SER A 451 -1.15 11.03 4.24
N GLY A 452 -2.33 10.54 4.60
CA GLY A 452 -3.49 10.71 3.77
C GLY A 452 -3.76 9.59 2.79
N ARG A 453 -2.86 8.60 2.69
CA ARG A 453 -3.13 7.47 1.82
C ARG A 453 -4.37 6.71 2.28
N THR A 454 -4.62 6.70 3.60
CA THR A 454 -5.76 6.02 4.19
C THR A 454 -6.68 7.08 4.78
N PRO A 455 -7.66 7.57 4.03
CA PRO A 455 -8.63 8.52 4.58
C PRO A 455 -9.60 7.82 5.51
N PRO A 456 -10.39 8.58 6.27
CA PRO A 456 -11.40 7.94 7.13
C PRO A 456 -12.27 6.92 6.42
N SER A 457 -12.55 7.12 5.14
CA SER A 457 -13.39 6.20 4.38
C SER A 457 -12.76 4.83 4.18
N ARG A 458 -11.48 4.65 4.54
CA ARG A 458 -10.79 3.37 4.40
C ARG A 458 -10.07 2.95 5.67
N TYR A 459 -10.41 3.56 6.81
CA TYR A 459 -9.74 3.21 8.07
C TYR A 459 -9.76 1.70 8.31
N ASN A 460 -10.94 1.09 8.21
CA ASN A 460 -11.07 -0.32 8.57
C ASN A 460 -10.67 -1.23 7.41
N PHE A 461 -11.02 -0.82 6.19
CA PHE A 461 -10.58 -1.52 4.98
C PHE A 461 -9.07 -1.72 4.99
N ASP A 462 -8.32 -0.64 5.26
CA ASP A 462 -6.87 -0.73 5.23
C ASP A 462 -6.31 -1.42 6.47
N TRP A 463 -6.98 -1.25 7.61
CA TRP A 463 -6.57 -1.99 8.81
C TRP A 463 -6.63 -3.49 8.56
N TRP A 464 -7.76 -3.99 8.06
CA TRP A 464 -7.89 -5.42 7.86
C TRP A 464 -7.10 -5.92 6.66
N TYR A 465 -6.85 -5.06 5.66
CA TYR A 465 -5.91 -5.46 4.62
C TYR A 465 -4.56 -5.82 5.25
N LEU A 466 -4.08 -4.97 6.16
CA LEU A 466 -2.77 -5.20 6.76
C LEU A 466 -2.80 -6.37 7.73
N ARG A 467 -3.88 -6.50 8.49
CA ARG A 467 -4.00 -7.62 9.43
C ARG A 467 -3.95 -8.95 8.70
N THR A 468 -4.65 -9.05 7.57
CA THR A 468 -4.60 -10.29 6.78
C THR A 468 -3.25 -10.44 6.10
N LYS A 469 -2.76 -9.37 5.46
CA LYS A 469 -1.48 -9.45 4.75
C LYS A 469 -0.38 -9.98 5.64
N TYR A 470 -0.27 -9.44 6.86
CA TYR A 470 0.86 -9.75 7.72
C TYR A 470 0.55 -10.85 8.73
N GLN A 471 -0.56 -10.77 9.44
CA GLN A 471 -0.86 -11.76 10.46
C GLN A 471 -1.60 -12.97 9.93
N GLY A 472 -2.20 -12.88 8.76
CA GLY A 472 -2.96 -14.02 8.27
C GLY A 472 -4.14 -14.35 9.16
N ILE A 473 -4.85 -13.32 9.61
CA ILE A 473 -6.06 -13.47 10.41
C ILE A 473 -7.18 -12.73 9.70
N CYS A 474 -8.41 -13.07 10.08
CA CYS A 474 -9.60 -12.46 9.53
C CYS A 474 -10.58 -12.16 10.66
N PRO A 475 -11.39 -11.12 10.54
CA PRO A 475 -12.39 -10.86 11.57
C PRO A 475 -13.44 -11.94 11.58
N PRO A 476 -13.87 -12.41 12.76
CA PRO A 476 -14.84 -13.49 12.81
C PRO A 476 -16.29 -13.05 12.58
N VAL A 477 -16.56 -11.74 12.58
CA VAL A 477 -17.83 -11.21 12.11
C VAL A 477 -17.52 -10.18 11.03
N THR A 478 -18.52 -9.92 10.18
CA THR A 478 -18.34 -8.94 9.12
C THR A 478 -18.11 -7.56 9.71
N ARG A 479 -17.20 -6.81 9.09
CA ARG A 479 -16.90 -5.45 9.47
C ARG A 479 -17.14 -4.51 8.30
N ASN A 480 -17.34 -3.24 8.62
CA ASN A 480 -17.56 -2.20 7.63
C ASN A 480 -16.97 -0.91 8.21
N GLU A 481 -17.07 0.19 7.46
CA GLU A 481 -16.37 1.40 7.86
C GLU A 481 -17.06 2.15 8.99
N THR A 482 -18.20 1.68 9.48
CA THR A 482 -18.69 2.17 10.76
C THR A 482 -17.83 1.67 11.89
N HIS A 483 -17.25 0.48 11.72
CA HIS A 483 -16.32 -0.06 12.68
C HIS A 483 -14.96 0.60 12.51
N PHE A 484 -14.23 0.72 13.62
CA PHE A 484 -12.92 1.36 13.67
C PHE A 484 -12.05 0.48 14.56
N ASP A 485 -11.66 -0.67 14.01
CA ASP A 485 -11.06 -1.72 14.82
C ASP A 485 -9.64 -1.36 15.23
N ALA A 486 -8.95 -0.52 14.46
CA ALA A 486 -7.68 0.02 14.93
C ALA A 486 -7.84 0.77 16.24
N GLY A 487 -8.98 1.45 16.42
CA GLY A 487 -9.19 2.21 17.63
C GLY A 487 -9.40 1.35 18.86
N ALA A 488 -9.68 0.07 18.68
CA ALA A 488 -9.84 -0.86 19.78
C ALA A 488 -8.52 -1.38 20.31
N LYS A 489 -7.40 -0.83 19.83
CA LYS A 489 -6.06 -1.15 20.32
C LYS A 489 -5.51 0.08 21.05
N PHE A 490 -5.12 -0.11 22.32
CA PHE A 490 -4.76 0.99 23.21
C PHE A 490 -3.93 2.10 22.55
N HIS A 491 -2.86 1.72 21.85
CA HIS A 491 -1.88 2.71 21.41
C HIS A 491 -2.44 3.70 20.39
N VAL A 492 -3.55 3.37 19.73
CA VAL A 492 -4.10 4.24 18.70
C VAL A 492 -4.79 5.43 19.36
N PRO A 493 -5.85 5.24 20.17
CA PRO A 493 -6.44 6.41 20.85
C PRO A 493 -5.52 7.07 21.85
N ASN A 494 -4.53 6.36 22.38
CA ASN A 494 -3.58 6.98 23.30
C ASN A 494 -2.38 7.57 22.58
N VAL A 495 -2.35 7.50 21.24
CA VAL A 495 -1.37 8.17 20.41
C VAL A 495 0.04 7.77 20.86
N THR A 496 0.26 6.47 21.01
CA THR A 496 1.56 5.91 21.34
C THR A 496 2.11 5.22 20.10
N PRO A 497 3.26 5.62 19.57
CA PRO A 497 3.79 4.92 18.39
C PRO A 497 4.07 3.47 18.67
N TYR A 498 4.09 2.67 17.59
CA TYR A 498 4.18 1.22 17.71
C TYR A 498 5.41 0.60 17.09
N ILE A 499 6.05 1.23 16.10
CA ILE A 499 7.16 0.57 15.42
C ILE A 499 8.28 0.27 16.40
N ARG A 500 8.36 1.02 17.50
CA ARG A 500 9.32 0.73 18.55
C ARG A 500 9.27 -0.72 19.00
N TYR A 501 8.09 -1.34 18.97
CA TYR A 501 7.97 -2.71 19.46
C TYR A 501 8.51 -3.71 18.46
N PHE A 502 8.31 -3.46 17.16
CA PHE A 502 8.97 -4.30 16.17
C PHE A 502 10.48 -4.19 16.30
N VAL A 503 10.99 -2.96 16.44
CA VAL A 503 12.42 -2.76 16.62
C VAL A 503 12.90 -3.50 17.86
N SER A 504 12.16 -3.38 18.96
N SER A 504 12.16 -3.40 18.96
CA SER A 504 12.59 -3.97 20.22
CA SER A 504 12.62 -3.97 20.22
C SER A 504 12.61 -5.49 20.15
C SER A 504 12.59 -5.49 20.19
N PHE A 505 11.63 -6.09 19.48
CA PHE A 505 11.57 -7.55 19.44
C PHE A 505 12.74 -8.12 18.64
N VAL A 506 13.29 -7.37 17.70
CA VAL A 506 14.54 -7.75 17.06
C VAL A 506 15.72 -7.40 17.95
N LEU A 507 15.73 -6.16 18.45
CA LEU A 507 16.86 -5.65 19.21
C LEU A 507 17.13 -6.48 20.46
N GLN A 508 16.08 -6.95 21.13
CA GLN A 508 16.30 -7.60 22.41
C GLN A 508 17.12 -8.88 22.27
N PHE A 509 17.07 -9.53 21.10
CA PHE A 509 17.91 -10.70 20.91
C PHE A 509 19.35 -10.32 20.60
N GLN A 510 19.57 -9.18 19.95
CA GLN A 510 20.93 -8.65 19.83
C GLN A 510 21.51 -8.35 21.20
N PHE A 511 20.72 -7.69 22.06
CA PHE A 511 21.15 -7.42 23.43
C PHE A 511 21.44 -8.72 24.17
N HIS A 512 20.50 -9.67 24.10
CA HIS A 512 20.63 -10.94 24.78
C HIS A 512 21.92 -11.64 24.42
N GLU A 513 22.21 -11.74 23.11
CA GLU A 513 23.44 -12.39 22.68
C GLU A 513 24.67 -11.68 23.25
N ALA A 514 24.67 -10.35 23.26
CA ALA A 514 25.84 -9.61 23.72
C ALA A 514 26.03 -9.74 25.23
N LEU A 515 24.93 -9.67 25.99
CA LEU A 515 25.04 -9.78 27.44
C LEU A 515 25.40 -11.20 27.85
N CYS A 516 24.89 -12.19 27.12
CA CYS A 516 25.25 -13.58 27.42
C CYS A 516 26.73 -13.83 27.17
N LYS A 517 27.26 -13.30 26.06
CA LYS A 517 28.70 -13.40 25.82
C LYS A 517 29.47 -12.67 26.92
N GLU A 518 29.03 -11.47 27.29
CA GLU A 518 29.70 -10.72 28.35
C GLU A 518 29.65 -11.48 29.67
N ALA A 519 28.57 -12.23 29.90
CA ALA A 519 28.45 -12.97 31.16
C ALA A 519 29.34 -14.20 31.19
N GLY A 520 30.01 -14.53 30.10
CA GLY A 520 30.81 -15.73 30.02
C GLY A 520 30.04 -16.99 29.69
N TYR A 521 28.80 -16.86 29.24
CA TYR A 521 27.98 -18.03 28.93
C TYR A 521 28.39 -18.60 27.58
N GLU A 522 28.51 -19.94 27.52
CA GLU A 522 29.05 -20.62 26.35
C GLU A 522 28.18 -21.79 25.93
N GLY A 523 26.88 -21.74 26.21
CA GLY A 523 25.95 -22.74 25.75
C GLY A 523 24.97 -22.18 24.73
N PRO A 524 23.91 -22.94 24.44
CA PRO A 524 22.91 -22.46 23.48
C PRO A 524 22.33 -21.12 23.91
N LEU A 525 22.16 -20.24 22.94
CA LEU A 525 21.70 -18.88 23.25
C LEU A 525 20.38 -18.90 24.00
N HIS A 526 19.48 -19.82 23.66
CA HIS A 526 18.16 -19.84 24.27
C HIS A 526 18.16 -20.46 25.67
N GLN A 527 19.28 -20.95 26.16
CA GLN A 527 19.39 -21.43 27.54
C GLN A 527 20.21 -20.48 28.41
N CYS A 528 20.62 -19.34 27.87
CA CYS A 528 21.38 -18.37 28.65
C CYS A 528 20.52 -17.72 29.72
N ASP A 529 21.11 -17.54 30.90
CA ASP A 529 20.51 -16.81 32.01
C ASP A 529 21.59 -15.89 32.57
N ILE A 530 21.39 -14.57 32.44
CA ILE A 530 22.41 -13.62 32.86
C ILE A 530 22.22 -13.24 34.33
N TYR A 531 21.29 -13.91 35.01
CA TYR A 531 21.05 -13.68 36.43
C TYR A 531 22.37 -13.64 37.19
N ARG A 532 22.54 -12.59 38.00
CA ARG A 532 23.70 -12.39 38.88
C ARG A 532 24.99 -12.12 38.13
N SER A 533 24.95 -11.80 36.83
CA SER A 533 26.15 -11.42 36.10
C SER A 533 26.36 -9.93 36.25
N THR A 534 27.30 -9.54 37.12
CA THR A 534 27.60 -8.13 37.28
C THR A 534 28.31 -7.56 36.05
N LYS A 535 29.01 -8.41 35.29
CA LYS A 535 29.61 -7.95 34.04
C LYS A 535 28.53 -7.60 33.02
N ALA A 536 27.54 -8.47 32.85
CA ALA A 536 26.42 -8.15 31.98
C ALA A 536 25.70 -6.91 32.46
N GLY A 537 25.52 -6.77 33.78
CA GLY A 537 24.88 -5.58 34.31
C GLY A 537 25.64 -4.32 33.95
N ALA A 538 26.97 -4.37 34.03
CA ALA A 538 27.77 -3.18 33.72
C ALA A 538 27.64 -2.79 32.26
N LYS A 539 27.60 -3.77 31.36
CA LYS A 539 27.44 -3.47 29.95
C LYS A 539 26.08 -2.86 29.69
N LEU A 540 25.02 -3.46 30.23
CA LEU A 540 23.69 -2.88 30.09
C LEU A 540 23.62 -1.49 30.71
N ARG A 541 24.29 -1.28 31.83
CA ARG A 541 24.24 0.01 32.51
C ARG A 541 24.79 1.11 31.62
N LYS A 542 25.83 0.83 30.84
CA LYS A 542 26.39 1.84 29.95
C LYS A 542 25.36 2.31 28.95
N VAL A 543 24.53 1.41 28.42
CA VAL A 543 23.47 1.80 27.51
C VAL A 543 22.48 2.70 28.22
N LEU A 544 22.02 2.26 29.41
CA LEU A 544 20.94 2.97 30.08
C LEU A 544 21.36 4.39 30.47
N ARG A 545 22.60 4.55 30.91
CA ARG A 545 23.05 5.86 31.36
C ARG A 545 23.28 6.83 30.21
N ALA A 546 23.33 6.33 28.97
CA ALA A 546 23.57 7.21 27.83
C ALA A 546 22.32 7.98 27.43
N GLY A 547 21.13 7.52 27.80
CA GLY A 547 19.92 8.16 27.33
C GLY A 547 19.95 8.32 25.82
N SER A 548 19.50 9.48 25.35
CA SER A 548 19.59 9.85 23.94
C SER A 548 20.71 10.85 23.69
N SER A 549 21.76 10.81 24.51
CA SER A 549 22.86 11.75 24.37
C SER A 549 23.76 11.43 23.18
N ARG A 550 23.70 10.21 22.66
CA ARG A 550 24.55 9.79 21.55
C ARG A 550 23.72 9.04 20.52
N PRO A 551 24.15 9.03 19.26
CA PRO A 551 23.39 8.32 18.23
C PRO A 551 23.23 6.85 18.59
N TRP A 552 22.01 6.33 18.41
CA TRP A 552 21.74 4.96 18.81
C TRP A 552 22.63 3.98 18.06
N GLN A 553 22.99 4.30 16.82
CA GLN A 553 23.86 3.41 16.06
C GLN A 553 25.20 3.20 16.76
N GLU A 554 25.73 4.26 17.37
CA GLU A 554 27.01 4.16 18.08
C GLU A 554 26.86 3.46 19.43
N VAL A 555 25.76 3.73 20.14
CA VAL A 555 25.52 3.03 21.40
C VAL A 555 25.36 1.54 21.15
N LEU A 556 24.64 1.18 20.09
CA LEU A 556 24.47 -0.23 19.75
C LEU A 556 25.81 -0.88 19.43
N LYS A 557 26.64 -0.20 18.62
CA LYS A 557 27.93 -0.77 18.26
C LYS A 557 28.79 -1.00 19.50
N ASP A 558 28.79 -0.04 20.43
CA ASP A 558 29.55 -0.23 21.66
C ASP A 558 29.07 -1.46 22.43
N MET A 559 27.78 -1.78 22.33
CA MET A 559 27.21 -2.84 23.15
C MET A 559 27.31 -4.20 22.47
N VAL A 560 26.97 -4.29 21.19
CA VAL A 560 26.87 -5.57 20.50
C VAL A 560 27.88 -5.75 19.38
N GLY A 561 28.63 -4.70 19.03
CA GLY A 561 29.62 -4.80 17.98
C GLY A 561 29.11 -4.55 16.58
N LEU A 562 27.86 -4.11 16.44
CA LEU A 562 27.26 -3.81 15.16
C LEU A 562 26.47 -2.52 15.29
N ASP A 563 26.48 -1.70 14.24
CA ASP A 563 25.83 -0.40 14.27
C ASP A 563 24.45 -0.41 13.64
N ALA A 564 23.80 -1.57 13.57
CA ALA A 564 22.52 -1.67 12.89
C ALA A 564 21.68 -2.77 13.53
N LEU A 565 20.37 -2.65 13.35
CA LEU A 565 19.48 -3.76 13.67
C LEU A 565 19.82 -4.97 12.82
N ASP A 566 19.79 -6.15 13.44
CA ASP A 566 20.21 -7.38 12.78
C ASP A 566 19.31 -8.50 13.28
N ALA A 567 18.75 -9.28 12.36
CA ALA A 567 17.86 -10.37 12.72
C ALA A 567 18.62 -11.66 13.06
N GLN A 568 19.92 -11.71 12.82
CA GLN A 568 20.65 -12.95 13.02
C GLN A 568 20.56 -13.48 14.45
N PRO A 569 20.68 -12.66 15.50
CA PRO A 569 20.57 -13.22 16.85
C PRO A 569 19.22 -13.86 17.12
N LEU A 570 18.13 -13.24 16.65
CA LEU A 570 16.81 -13.83 16.79
C LEU A 570 16.74 -15.16 16.05
N LEU A 571 17.23 -15.19 14.81
CA LEU A 571 17.22 -16.42 14.05
C LEU A 571 18.04 -17.51 14.75
N LYS A 572 19.19 -17.14 15.29
CA LYS A 572 20.04 -18.09 15.99
C LYS A 572 19.35 -18.63 17.23
N TYR A 573 18.65 -17.75 17.96
CA TYR A 573 17.93 -18.16 19.16
C TYR A 573 16.88 -19.22 18.84
N PHE A 574 16.15 -19.04 17.74
CA PHE A 574 15.02 -19.91 17.39
C PHE A 574 15.38 -21.03 16.44
N GLN A 575 16.65 -21.13 16.04
CA GLN A 575 17.08 -22.06 15.00
C GLN A 575 16.45 -23.45 15.11
N LEU A 576 16.48 -24.05 16.30
CA LEU A 576 16.03 -25.43 16.43
C LEU A 576 14.55 -25.59 16.14
N VAL A 577 13.73 -24.63 16.59
CA VAL A 577 12.29 -24.77 16.39
C VAL A 577 11.90 -24.29 15.00
N THR A 578 12.66 -23.35 14.44
CA THR A 578 12.47 -22.99 13.03
C THR A 578 12.61 -24.21 12.15
N GLN A 579 13.70 -24.96 12.33
CA GLN A 579 13.88 -26.20 11.58
C GLN A 579 12.78 -27.20 11.88
N TRP A 580 12.43 -27.34 13.16
CA TRP A 580 11.44 -28.34 13.54
C TRP A 580 10.07 -28.03 12.96
N LEU A 581 9.66 -26.76 13.00
CA LEU A 581 8.36 -26.38 12.44
C LEU A 581 8.32 -26.59 10.94
N GLN A 582 9.40 -26.22 10.23
CA GLN A 582 9.47 -26.50 8.81
C GLN A 582 9.22 -27.97 8.51
N GLU A 583 9.94 -28.85 9.22
CA GLU A 583 9.81 -30.28 8.97
C GLU A 583 8.40 -30.77 9.29
N GLN A 584 7.83 -30.32 10.40
CA GLN A 584 6.50 -30.78 10.79
C GLN A 584 5.45 -30.36 9.78
N ASN A 585 5.48 -29.10 9.35
CA ASN A 585 4.51 -28.63 8.38
C ASN A 585 4.63 -29.39 7.06
N GLN A 586 5.86 -29.72 6.67
CA GLN A 586 6.05 -30.50 5.44
C GLN A 586 5.47 -31.90 5.59
N GLN A 587 5.79 -32.58 6.69
CA GLN A 587 5.25 -33.92 6.91
C GLN A 587 3.73 -33.91 6.99
N ASN A 588 3.15 -32.84 7.52
CA ASN A 588 1.71 -32.72 7.62
C ASN A 588 1.06 -32.18 6.35
N GLY A 589 1.85 -31.86 5.33
CA GLY A 589 1.30 -31.36 4.08
C GLY A 589 0.59 -30.03 4.22
N GLU A 590 1.11 -29.15 5.07
CA GLU A 590 0.48 -27.86 5.26
C GLU A 590 0.71 -26.96 4.05
N VAL A 591 -0.24 -26.06 3.83
CA VAL A 591 -0.05 -24.93 2.93
C VAL A 591 0.45 -23.77 3.78
N LEU A 592 1.66 -23.31 3.51
CA LEU A 592 2.17 -22.13 4.20
C LEU A 592 1.47 -20.89 3.64
N GLY A 593 0.99 -20.04 4.52
CA GLY A 593 0.24 -18.89 4.11
C GLY A 593 -1.26 -19.17 4.12
N TRP A 594 -2.00 -18.23 3.53
CA TRP A 594 -3.45 -18.26 3.53
C TRP A 594 -3.95 -17.84 2.15
N PRO A 595 -3.83 -18.74 1.17
CA PRO A 595 -4.24 -18.39 -0.20
C PRO A 595 -5.72 -18.13 -0.35
N GLU A 596 -6.57 -18.67 0.52
CA GLU A 596 -8.00 -18.32 0.51
C GLU A 596 -8.20 -17.08 1.37
N TYR A 597 -7.65 -15.97 0.86
CA TYR A 597 -7.60 -14.72 1.60
C TYR A 597 -8.98 -14.11 1.83
N GLN A 598 -9.98 -14.54 1.08
CA GLN A 598 -11.34 -14.03 1.21
C GLN A 598 -12.15 -14.74 2.28
N TRP A 599 -11.62 -15.81 2.85
CA TRP A 599 -12.41 -16.66 3.72
C TRP A 599 -12.63 -16.00 5.07
N HIS A 600 -13.87 -16.06 5.54
CA HIS A 600 -14.25 -15.71 6.90
C HIS A 600 -15.09 -16.85 7.46
N PRO A 601 -14.99 -17.12 8.76
CA PRO A 601 -15.77 -18.20 9.34
C PRO A 601 -17.25 -17.87 9.37
N PRO A 602 -18.12 -18.88 9.40
CA PRO A 602 -19.55 -18.59 9.55
C PRO A 602 -19.86 -18.18 10.97
N LEU A 603 -21.07 -17.66 11.15
CA LEU A 603 -21.54 -17.35 12.50
C LEU A 603 -21.98 -18.62 13.21
N PRO A 604 -21.80 -18.70 14.52
CA PRO A 604 -22.41 -19.81 15.27
C PRO A 604 -23.91 -19.86 15.02
N ASP A 605 -24.48 -21.06 15.20
CA ASP A 605 -25.88 -21.28 14.82
C ASP A 605 -26.81 -20.27 15.50
N ASN A 606 -26.69 -20.10 16.81
CA ASN A 606 -27.60 -19.24 17.54
C ASN A 606 -26.90 -18.00 18.07
N TYR A 607 -26.16 -17.31 17.21
CA TYR A 607 -25.37 -16.21 17.71
C TYR A 607 -26.20 -14.92 17.76
N PRO A 608 -26.11 -14.11 18.83
CA PRO A 608 -25.43 -14.29 20.11
C PRO A 608 -26.40 -14.70 21.22
N GLU A 609 -27.44 -15.45 20.84
CA GLU A 609 -28.54 -15.73 21.76
C GLU A 609 -28.06 -16.45 23.01
N GLY A 610 -27.16 -17.41 22.87
CA GLY A 610 -26.83 -18.35 23.92
C GLY A 610 -25.71 -17.96 24.85
N ILE A 611 -25.26 -16.70 24.81
CA ILE A 611 -24.10 -16.30 25.61
C ILE A 611 -24.45 -16.31 27.09
N ASP B 2 25.04 -9.83 -37.83
CA ASP B 2 25.52 -9.39 -39.14
C ASP B 2 26.59 -8.32 -38.99
N PRO B 3 27.76 -8.51 -39.63
CA PRO B 3 28.80 -7.46 -39.57
C PRO B 3 28.29 -6.07 -39.93
N GLY B 4 27.47 -5.95 -40.97
CA GLY B 4 26.96 -4.65 -41.37
C GLY B 4 26.10 -3.98 -40.32
N LEU B 5 25.61 -4.75 -39.34
CA LEU B 5 24.80 -4.20 -38.26
C LEU B 5 25.62 -3.89 -37.01
N GLN B 6 26.85 -4.39 -36.92
CA GLN B 6 27.69 -4.15 -35.75
C GLN B 6 28.29 -2.75 -35.80
N PRO B 7 28.55 -2.15 -34.64
CA PRO B 7 28.96 -0.74 -34.62
C PRO B 7 30.43 -0.55 -34.98
N GLY B 8 30.71 0.60 -35.58
CA GLY B 8 32.04 0.95 -36.01
C GLY B 8 32.82 1.73 -34.96
N GLN B 9 33.84 2.43 -35.42
CA GLN B 9 34.69 3.24 -34.57
C GLN B 9 34.26 4.70 -34.62
N PHE B 10 34.23 5.34 -33.46
CA PHE B 10 33.81 6.73 -33.34
C PHE B 10 34.64 7.41 -32.26
N SER B 11 34.92 8.69 -32.48
CA SER B 11 35.65 9.47 -31.49
C SER B 11 34.82 9.61 -30.21
N ALA B 12 35.51 9.68 -29.08
CA ALA B 12 34.86 9.79 -27.77
C ALA B 12 34.59 11.25 -27.43
N ASP B 13 33.75 11.87 -28.25
CA ASP B 13 33.35 13.26 -28.06
C ASP B 13 32.01 13.45 -28.74
N GLU B 14 31.38 14.60 -28.48
CA GLU B 14 30.03 14.84 -28.99
C GLU B 14 29.98 14.72 -30.50
N ALA B 15 31.01 15.22 -31.18
CA ALA B 15 31.04 15.14 -32.64
C ALA B 15 30.94 13.70 -33.11
N GLY B 16 31.79 12.82 -32.58
CA GLY B 16 31.72 11.42 -32.93
C GLY B 16 30.41 10.77 -32.50
N ALA B 17 29.86 11.22 -31.36
CA ALA B 17 28.58 10.69 -30.92
C ALA B 17 27.46 11.02 -31.89
N GLN B 18 27.56 12.17 -32.57
CA GLN B 18 26.57 12.51 -33.60
C GLN B 18 26.64 11.51 -34.75
N LEU B 19 27.85 11.21 -35.22
CA LEU B 19 28.01 10.16 -36.22
C LEU B 19 27.55 8.81 -35.66
N PHE B 20 27.94 8.51 -34.43
CA PHE B 20 27.54 7.26 -33.79
C PHE B 20 26.03 7.07 -33.87
N ALA B 21 25.28 8.08 -33.45
CA ALA B 21 23.82 7.96 -33.45
C ALA B 21 23.27 7.75 -34.86
N GLN B 22 23.84 8.45 -35.85
CA GLN B 22 23.39 8.27 -37.23
C GLN B 22 23.58 6.83 -37.69
N SER B 23 24.77 6.28 -37.44
CA SER B 23 25.03 4.90 -37.84
C SER B 23 24.14 3.92 -37.07
N TYR B 24 23.86 4.23 -35.80
CA TYR B 24 22.97 3.39 -35.01
C TYR B 24 21.57 3.36 -35.61
N GLN B 25 21.05 4.53 -35.99
CA GLN B 25 19.67 4.62 -36.46
C GLN B 25 19.50 3.93 -37.81
N SER B 26 20.51 4.02 -38.67
CA SER B 26 20.41 3.36 -39.98
C SER B 26 20.27 1.85 -39.82
N SER B 27 21.12 1.24 -38.99
CA SER B 27 21.06 -0.20 -38.79
C SER B 27 19.89 -0.61 -37.91
N ALA B 28 19.43 0.28 -37.04
CA ALA B 28 18.29 -0.05 -36.19
C ALA B 28 17.02 -0.19 -37.01
N GLU B 29 16.81 0.69 -37.99
CA GLU B 29 15.61 0.59 -38.83
C GLU B 29 15.47 -0.82 -39.39
N GLN B 30 16.58 -1.43 -39.83
N GLN B 30 16.58 -1.42 -39.81
CA GLN B 30 16.51 -2.78 -40.34
CA GLN B 30 16.54 -2.78 -40.34
C GLN B 30 16.10 -3.76 -39.25
C GLN B 30 16.11 -3.75 -39.26
N VAL B 31 16.86 -3.80 -38.16
CA VAL B 31 16.59 -4.75 -37.08
C VAL B 31 15.15 -4.63 -36.59
N LEU B 32 14.67 -3.40 -36.40
CA LEU B 32 13.32 -3.20 -35.88
C LEU B 32 12.28 -3.76 -36.84
N PHE B 33 12.47 -3.58 -38.15
CA PHE B 33 11.49 -4.06 -39.11
C PHE B 33 11.35 -5.58 -39.05
N GLN B 34 12.47 -6.30 -39.00
CA GLN B 34 12.37 -7.76 -38.98
C GLN B 34 11.72 -8.24 -37.68
N SER B 35 11.90 -7.50 -36.59
CA SER B 35 11.21 -7.85 -35.35
C SER B 35 9.71 -7.59 -35.47
N VAL B 36 9.33 -6.39 -35.89
CA VAL B 36 7.91 -6.06 -36.01
C VAL B 36 7.25 -6.98 -37.03
N ALA B 37 7.93 -7.25 -38.13
CA ALA B 37 7.36 -8.12 -39.16
C ALA B 37 7.07 -9.51 -38.61
N ALA B 38 7.98 -10.05 -37.79
CA ALA B 38 7.78 -11.38 -37.24
C ALA B 38 6.64 -11.39 -36.23
N SER B 39 6.56 -10.36 -35.39
CA SER B 39 5.45 -10.28 -34.45
C SER B 39 4.12 -10.19 -35.17
N TRP B 40 4.09 -9.48 -36.30
CA TRP B 40 2.84 -9.38 -37.06
C TRP B 40 2.43 -10.75 -37.58
N ALA B 41 3.37 -11.50 -38.15
CA ALA B 41 3.07 -12.82 -38.67
C ALA B 41 2.50 -13.73 -37.58
N HIS B 42 2.99 -13.58 -36.34
CA HIS B 42 2.46 -14.36 -35.24
C HIS B 42 1.09 -13.84 -34.80
N ASP B 43 0.98 -12.54 -34.58
CA ASP B 43 -0.24 -11.99 -33.99
C ASP B 43 -1.43 -12.12 -34.93
N THR B 44 -1.21 -12.16 -36.24
CA THR B 44 -2.27 -12.37 -37.20
C THR B 44 -2.40 -13.82 -37.62
N ASN B 45 -1.70 -14.73 -36.92
CA ASN B 45 -1.68 -16.15 -37.27
C ASN B 45 -0.90 -16.88 -36.19
N ILE B 46 -1.51 -17.09 -35.03
CA ILE B 46 -0.83 -17.69 -33.89
C ILE B 46 -0.55 -19.16 -34.22
N THR B 47 0.73 -19.50 -34.40
CA THR B 47 1.16 -20.88 -34.53
C THR B 47 2.48 -21.04 -33.82
N ALA B 48 2.89 -22.30 -33.64
CA ALA B 48 4.15 -22.56 -32.95
C ALA B 48 5.33 -22.19 -33.82
N GLU B 49 5.18 -22.27 -35.15
CA GLU B 49 6.26 -21.87 -36.05
C GLU B 49 6.45 -20.36 -36.04
N ASN B 50 5.37 -19.60 -36.18
CA ASN B 50 5.47 -18.15 -36.13
C ASN B 50 5.96 -17.68 -34.78
N ALA B 51 5.62 -18.41 -33.71
CA ALA B 51 6.19 -18.13 -32.40
C ALA B 51 7.70 -18.34 -32.42
N ARG B 52 8.14 -19.46 -32.99
CA ARG B 52 9.58 -19.72 -33.09
C ARG B 52 10.28 -18.62 -33.86
N ARG B 53 9.67 -18.15 -34.96
CA ARG B 53 10.30 -17.11 -35.76
C ARG B 53 10.33 -15.78 -35.03
N GLN B 54 9.23 -15.43 -34.35
CA GLN B 54 9.21 -14.18 -33.59
C GLN B 54 10.29 -14.20 -32.51
N GLU B 55 10.52 -15.35 -31.88
CA GLU B 55 11.54 -15.44 -30.84
C GLU B 55 12.95 -15.37 -31.43
N GLU B 56 13.14 -15.84 -32.66
CA GLU B 56 14.44 -15.70 -33.30
C GLU B 56 14.71 -14.24 -33.66
N ALA B 57 13.67 -13.49 -34.05
CA ALA B 57 13.84 -12.08 -34.32
C ALA B 57 14.11 -11.29 -33.04
N ALA B 58 13.44 -11.67 -31.94
CA ALA B 58 13.69 -11.00 -30.68
C ALA B 58 15.14 -11.19 -30.23
N LEU B 59 15.68 -12.40 -30.43
CA LEU B 59 17.07 -12.64 -30.09
C LEU B 59 18.01 -11.74 -30.89
N LEU B 60 17.77 -11.63 -32.19
CA LEU B 60 18.60 -10.75 -33.02
C LEU B 60 18.52 -9.30 -32.53
N SER B 61 17.32 -8.84 -32.17
CA SER B 61 17.19 -7.48 -31.65
C SER B 61 18.02 -7.30 -30.39
N GLN B 62 18.05 -8.30 -29.53
CA GLN B 62 18.81 -8.20 -28.29
C GLN B 62 20.32 -8.19 -28.56
N GLU B 63 20.77 -8.99 -29.52
CA GLU B 63 22.18 -8.94 -29.92
C GLU B 63 22.54 -7.56 -30.43
N PHE B 64 21.69 -6.98 -31.27
CA PHE B 64 21.93 -5.63 -31.78
C PHE B 64 22.01 -4.62 -30.64
N ALA B 65 20.99 -4.60 -29.78
CA ALA B 65 20.99 -3.65 -28.67
C ALA B 65 22.17 -3.87 -27.75
N GLU B 66 22.63 -5.11 -27.60
CA GLU B 66 23.81 -5.37 -26.78
C GLU B 66 25.04 -4.73 -27.38
N ALA B 67 25.31 -5.01 -28.67
CA ALA B 67 26.51 -4.48 -29.30
C ALA B 67 26.53 -2.96 -29.28
N TRP B 68 25.39 -2.33 -29.58
CA TRP B 68 25.36 -0.88 -29.65
C TRP B 68 25.26 -0.24 -28.28
N GLY B 69 24.59 -0.89 -27.33
CA GLY B 69 24.61 -0.40 -25.96
C GLY B 69 26.00 -0.50 -25.35
N GLN B 70 26.70 -1.62 -25.60
CA GLN B 70 28.07 -1.77 -25.14
C GLN B 70 28.96 -0.65 -25.67
N LYS B 71 28.90 -0.39 -26.98
CA LYS B 71 29.76 0.62 -27.58
C LYS B 71 29.45 2.00 -27.01
N ALA B 72 28.16 2.33 -26.86
CA ALA B 72 27.80 3.65 -26.38
C ALA B 72 28.40 3.95 -25.02
N LYS B 73 28.44 2.96 -24.13
CA LYS B 73 29.03 3.18 -22.82
C LYS B 73 30.54 3.08 -22.85
N GLU B 74 31.10 2.23 -23.72
CA GLU B 74 32.53 2.25 -23.95
C GLU B 74 33.00 3.65 -24.34
N LEU B 75 32.29 4.29 -25.27
CA LEU B 75 32.73 5.56 -25.81
C LEU B 75 32.27 6.76 -24.99
N TYR B 76 31.00 6.80 -24.60
CA TYR B 76 30.38 8.03 -24.13
C TYR B 76 29.83 7.96 -22.71
N GLU B 77 30.05 6.86 -21.98
CA GLU B 77 29.51 6.74 -20.63
C GLU B 77 29.81 7.95 -19.76
N PRO B 78 31.03 8.49 -19.73
CA PRO B 78 31.35 9.57 -18.78
C PRO B 78 31.10 10.99 -19.29
N ILE B 79 30.60 11.18 -20.50
N ILE B 79 30.66 11.16 -20.54
CA ILE B 79 30.58 12.52 -21.10
CA ILE B 79 30.64 12.48 -21.16
C ILE B 79 29.33 12.80 -21.93
C ILE B 79 29.31 12.80 -21.84
N TRP B 80 28.45 11.81 -22.12
CA TRP B 80 27.27 12.08 -22.93
C TRP B 80 26.28 12.98 -22.21
N GLN B 81 26.22 12.93 -20.87
CA GLN B 81 25.28 13.78 -20.15
C GLN B 81 25.65 15.26 -20.23
N GLN B 82 26.88 15.58 -20.59
CA GLN B 82 27.33 16.96 -20.72
C GLN B 82 27.36 17.44 -22.16
N PHE B 83 26.88 16.64 -23.10
CA PHE B 83 26.76 17.10 -24.48
C PHE B 83 25.88 18.35 -24.55
N THR B 84 26.15 19.18 -25.56
CA THR B 84 25.35 20.40 -25.73
C THR B 84 24.05 20.11 -26.48
N ASP B 85 24.09 19.21 -27.46
CA ASP B 85 22.89 18.89 -28.23
C ASP B 85 21.91 18.11 -27.35
N PRO B 86 20.72 18.66 -27.07
CA PRO B 86 19.80 17.94 -26.17
C PRO B 86 19.19 16.70 -26.80
N GLN B 87 18.89 16.72 -28.11
CA GLN B 87 18.33 15.54 -28.75
C GLN B 87 19.33 14.39 -28.76
N LEU B 88 20.61 14.71 -28.99
CA LEU B 88 21.64 13.67 -28.94
C LEU B 88 21.70 13.03 -27.55
N ARG B 89 21.63 13.84 -26.50
CA ARG B 89 21.61 13.28 -25.15
C ARG B 89 20.45 12.29 -24.98
N ARG B 90 19.30 12.62 -25.54
CA ARG B 90 18.17 11.68 -25.52
C ARG B 90 18.53 10.38 -26.22
N ILE B 91 19.10 10.48 -27.42
CA ILE B 91 19.42 9.29 -28.19
C ILE B 91 20.41 8.41 -27.42
N ILE B 92 21.54 8.99 -27.00
CA ILE B 92 22.58 8.21 -26.35
C ILE B 92 22.02 7.54 -25.09
N GLY B 93 21.38 8.33 -24.22
CA GLY B 93 20.78 7.77 -23.03
C GLY B 93 19.85 6.61 -23.32
N ALA B 94 19.16 6.64 -24.46
CA ALA B 94 18.30 5.53 -24.83
C ALA B 94 19.11 4.33 -25.26
N VAL B 95 20.11 4.54 -26.12
CA VAL B 95 20.88 3.43 -26.68
C VAL B 95 21.61 2.67 -25.57
N ARG B 96 22.05 3.37 -24.53
CA ARG B 96 22.79 2.75 -23.44
C ARG B 96 21.90 1.99 -22.47
N THR B 97 20.59 1.93 -22.72
CA THR B 97 19.65 1.18 -21.89
C THR B 97 19.37 -0.14 -22.62
N LEU B 98 19.96 -1.23 -22.13
CA LEU B 98 19.92 -2.50 -22.84
C LEU B 98 18.67 -3.32 -22.54
N GLY B 99 18.01 -3.08 -21.41
CA GLY B 99 16.83 -3.86 -21.09
C GLY B 99 17.12 -5.34 -21.12
N SER B 100 16.26 -6.11 -21.80
CA SER B 100 16.43 -7.55 -21.83
C SER B 100 17.76 -7.96 -22.46
N ALA B 101 18.41 -7.07 -23.21
CA ALA B 101 19.72 -7.38 -23.76
C ALA B 101 20.77 -7.54 -22.68
N ASN B 102 20.50 -7.09 -21.45
CA ASN B 102 21.42 -7.33 -20.34
C ASN B 102 21.43 -8.78 -19.90
N LEU B 103 20.45 -9.57 -20.31
CA LEU B 103 20.35 -10.95 -19.87
C LEU B 103 21.38 -11.82 -20.59
N PRO B 104 21.90 -12.85 -19.92
CA PRO B 104 22.67 -13.86 -20.64
C PRO B 104 21.79 -14.56 -21.68
N LEU B 105 22.45 -15.13 -22.68
CA LEU B 105 21.72 -15.72 -23.80
C LEU B 105 20.61 -16.65 -23.33
N ALA B 106 20.95 -17.58 -22.43
CA ALA B 106 19.96 -18.56 -22.00
C ALA B 106 18.71 -17.89 -21.44
N LYS B 107 18.89 -16.85 -20.62
CA LYS B 107 17.74 -16.16 -20.06
C LYS B 107 17.06 -15.26 -21.10
N ARG B 108 17.77 -14.87 -22.16
CA ARG B 108 17.11 -14.18 -23.27
C ARG B 108 16.07 -15.08 -23.90
N GLN B 109 16.44 -16.33 -24.19
CA GLN B 109 15.51 -17.28 -24.78
C GLN B 109 14.32 -17.50 -23.86
N GLN B 110 14.58 -17.78 -22.58
CA GLN B 110 13.50 -17.98 -21.62
C GLN B 110 12.56 -16.78 -21.59
N TYR B 111 13.12 -15.57 -21.53
CA TYR B 111 12.31 -14.36 -21.51
C TYR B 111 11.46 -14.24 -22.76
N ASN B 112 12.08 -14.40 -23.93
CA ASN B 112 11.33 -14.29 -25.18
C ASN B 112 10.25 -15.37 -25.26
N ALA B 113 10.54 -16.58 -24.77
CA ALA B 113 9.57 -17.65 -24.84
C ALA B 113 8.39 -17.42 -23.90
N LEU B 114 8.64 -16.81 -22.73
CA LEU B 114 7.53 -16.51 -21.83
C LEU B 114 6.55 -15.54 -22.46
N LEU B 115 7.06 -14.49 -23.13
CA LEU B 115 6.18 -13.55 -23.80
C LEU B 115 5.32 -14.25 -24.84
N SER B 116 5.91 -15.16 -25.61
CA SER B 116 5.15 -15.85 -26.65
C SER B 116 4.07 -16.74 -26.06
N GLN B 117 4.38 -17.43 -24.95
CA GLN B 117 3.41 -18.35 -24.37
C GLN B 117 2.29 -17.60 -23.64
N MET B 118 2.63 -16.52 -22.94
CA MET B 118 1.59 -15.74 -22.28
C MET B 118 0.64 -15.14 -23.31
N SER B 119 1.17 -14.65 -24.42
CA SER B 119 0.32 -14.12 -25.47
C SER B 119 -0.63 -15.19 -26.00
N ARG B 120 -0.10 -16.37 -26.30
CA ARG B 120 -0.94 -17.45 -26.83
C ARG B 120 -2.05 -17.82 -25.86
N ILE B 121 -1.71 -17.94 -24.58
CA ILE B 121 -2.71 -18.36 -23.59
C ILE B 121 -3.86 -17.37 -23.55
N TYR B 122 -3.55 -16.08 -23.50
CA TYR B 122 -4.61 -15.08 -23.39
C TYR B 122 -5.51 -15.08 -24.61
N SER B 123 -4.92 -15.07 -25.80
CA SER B 123 -5.69 -14.84 -27.01
C SER B 123 -6.33 -16.10 -27.57
N THR B 124 -6.05 -17.27 -27.00
CA THR B 124 -6.70 -18.51 -27.41
C THR B 124 -7.59 -19.08 -26.33
N ALA B 125 -7.65 -18.48 -25.14
CA ALA B 125 -8.48 -18.99 -24.08
C ALA B 125 -9.95 -18.94 -24.47
N LYS B 126 -10.68 -20.00 -24.12
CA LYS B 126 -12.09 -20.14 -24.46
C LYS B 126 -12.89 -20.50 -23.22
N VAL B 127 -14.19 -20.22 -23.28
CA VAL B 127 -15.13 -20.53 -22.21
C VAL B 127 -16.13 -21.52 -22.79
N CYS B 128 -15.96 -22.79 -22.44
CA CYS B 128 -16.85 -23.86 -22.88
C CYS B 128 -17.85 -24.20 -21.78
N LEU B 129 -18.97 -24.78 -22.19
CA LEU B 129 -19.95 -25.30 -21.24
C LEU B 129 -19.89 -26.82 -21.21
N CYS B 136 -17.81 -23.54 -27.85
CA CYS B 136 -17.01 -22.75 -26.90
C CYS B 136 -17.01 -21.28 -27.30
N TRP B 137 -17.04 -20.40 -26.30
CA TRP B 137 -17.10 -18.96 -26.52
C TRP B 137 -15.71 -18.34 -26.45
N SER B 138 -15.43 -17.46 -27.40
CA SER B 138 -14.21 -16.65 -27.38
C SER B 138 -14.49 -15.32 -26.70
N LEU B 139 -13.42 -14.69 -26.22
CA LEU B 139 -13.56 -13.36 -25.62
C LEU B 139 -14.13 -12.39 -26.64
N ASP B 140 -13.55 -12.36 -27.83
CA ASP B 140 -13.97 -11.47 -28.91
C ASP B 140 -14.45 -12.34 -30.07
N PRO B 141 -15.74 -12.30 -30.44
CA PRO B 141 -16.83 -11.42 -30.00
C PRO B 141 -17.74 -11.96 -28.90
N ASP B 142 -17.66 -13.26 -28.60
CA ASP B 142 -18.74 -13.93 -27.88
C ASP B 142 -18.93 -13.37 -26.47
N LEU B 143 -17.88 -13.45 -25.64
CA LEU B 143 -18.02 -13.01 -24.25
C LEU B 143 -18.16 -11.51 -24.15
N THR B 144 -17.45 -10.77 -25.01
CA THR B 144 -17.64 -9.32 -25.08
C THR B 144 -19.10 -8.97 -25.30
N ASN B 145 -19.75 -9.65 -26.25
CA ASN B 145 -21.15 -9.35 -26.54
C ASN B 145 -22.05 -9.73 -25.37
N ILE B 146 -21.75 -10.83 -24.68
CA ILE B 146 -22.53 -11.20 -23.50
C ILE B 146 -22.42 -10.12 -22.43
N LEU B 147 -21.19 -9.75 -22.07
CA LEU B 147 -20.99 -8.73 -21.04
C LEU B 147 -21.68 -7.41 -21.42
N ALA B 148 -21.77 -7.11 -22.71
CA ALA B 148 -22.30 -5.82 -23.14
C ALA B 148 -23.82 -5.80 -23.21
N SER B 149 -24.45 -6.94 -23.54
N SER B 149 -24.44 -6.93 -23.53
CA SER B 149 -25.87 -6.96 -23.88
CA SER B 149 -25.86 -6.97 -23.88
C SER B 149 -26.72 -7.80 -22.94
C SER B 149 -26.72 -7.80 -22.94
N SER B 150 -26.17 -8.82 -22.30
CA SER B 150 -26.97 -9.66 -21.42
C SER B 150 -27.32 -8.90 -20.15
N ARG B 151 -28.59 -8.99 -19.75
CA ARG B 151 -29.05 -8.47 -18.47
C ARG B 151 -29.49 -9.60 -17.54
N SER B 152 -29.06 -10.82 -17.82
CA SER B 152 -29.26 -11.95 -16.93
C SER B 152 -28.08 -12.05 -15.99
N TYR B 153 -28.33 -11.87 -14.70
CA TYR B 153 -27.26 -11.93 -13.72
C TYR B 153 -26.45 -13.22 -13.85
N ALA B 154 -27.13 -14.34 -14.06
CA ALA B 154 -26.45 -15.63 -14.05
C ALA B 154 -25.65 -15.84 -15.33
N MET B 155 -26.16 -15.38 -16.48
CA MET B 155 -25.40 -15.50 -17.72
C MET B 155 -24.16 -14.61 -17.69
N LEU B 156 -24.31 -13.39 -17.19
CA LEU B 156 -23.16 -12.51 -17.01
C LEU B 156 -22.13 -13.15 -16.09
N LEU B 157 -22.59 -13.80 -15.03
CA LEU B 157 -21.68 -14.44 -14.09
C LEU B 157 -20.89 -15.56 -14.75
N PHE B 158 -21.59 -16.46 -15.46
CA PHE B 158 -20.91 -17.56 -16.12
C PHE B 158 -19.84 -17.05 -17.09
N ALA B 159 -20.13 -15.96 -17.79
CA ALA B 159 -19.15 -15.41 -18.72
C ALA B 159 -17.97 -14.79 -17.97
N TRP B 160 -18.26 -14.00 -16.93
CA TRP B 160 -17.21 -13.36 -16.16
C TRP B 160 -16.31 -14.40 -15.49
N GLU B 161 -16.92 -15.35 -14.79
CA GLU B 161 -16.13 -16.38 -14.10
C GLU B 161 -15.41 -17.27 -15.10
N GLY B 162 -16.11 -17.73 -16.14
CA GLY B 162 -15.47 -18.56 -17.13
C GLY B 162 -14.23 -17.91 -17.70
N TRP B 163 -14.34 -16.65 -18.10
CA TRP B 163 -13.20 -15.97 -18.70
C TRP B 163 -12.04 -15.83 -17.73
N HIS B 164 -12.31 -15.30 -16.53
CA HIS B 164 -11.22 -15.05 -15.60
C HIS B 164 -10.53 -16.35 -15.20
N ASN B 165 -11.28 -17.44 -15.07
CA ASN B 165 -10.66 -18.73 -14.76
C ASN B 165 -9.85 -19.26 -15.93
N ALA B 166 -10.38 -19.14 -17.15
CA ALA B 166 -9.73 -19.75 -18.31
C ALA B 166 -8.43 -19.04 -18.66
N ALA B 167 -8.40 -17.71 -18.54
CA ALA B 167 -7.22 -16.95 -18.91
C ALA B 167 -6.22 -16.80 -17.77
N GLY B 168 -6.71 -16.47 -16.57
CA GLY B 168 -5.81 -16.09 -15.49
C GLY B 168 -5.06 -17.26 -14.90
N ILE B 169 -5.78 -18.34 -14.60
CA ILE B 169 -5.16 -19.46 -13.87
C ILE B 169 -3.91 -19.98 -14.56
N PRO B 170 -3.95 -20.37 -15.84
CA PRO B 170 -2.74 -20.92 -16.46
C PRO B 170 -1.62 -19.90 -16.67
N LEU B 171 -1.92 -18.59 -16.59
CA LEU B 171 -0.89 -17.59 -16.80
C LEU B 171 -0.02 -17.36 -15.58
N LYS B 172 -0.55 -17.64 -14.38
CA LYS B 172 0.16 -17.23 -13.16
C LYS B 172 1.58 -17.77 -13.09
N PRO B 173 1.84 -19.07 -13.23
CA PRO B 173 3.23 -19.55 -13.14
C PRO B 173 4.13 -18.91 -14.17
N LEU B 174 3.62 -18.63 -15.37
CA LEU B 174 4.42 -17.96 -16.38
C LEU B 174 4.70 -16.52 -15.99
N TYR B 175 3.70 -15.82 -15.45
CA TYR B 175 3.89 -14.41 -15.13
C TYR B 175 4.92 -14.24 -14.02
N GLU B 176 4.96 -15.16 -13.06
N GLU B 176 4.95 -15.17 -13.06
CA GLU B 176 5.98 -15.08 -12.02
CA GLU B 176 5.97 -15.12 -12.02
C GLU B 176 7.38 -15.17 -12.64
C GLU B 176 7.37 -15.20 -12.61
N ASP B 177 7.57 -16.10 -13.57
CA ASP B 177 8.89 -16.25 -14.18
C ASP B 177 9.25 -15.02 -15.00
N PHE B 178 8.29 -14.48 -15.75
CA PHE B 178 8.54 -13.26 -16.51
C PHE B 178 8.98 -12.12 -15.60
N THR B 179 8.25 -11.91 -14.51
CA THR B 179 8.57 -10.81 -13.60
C THR B 179 10.01 -10.90 -13.11
N ALA B 180 10.45 -12.10 -12.73
CA ALA B 180 11.80 -12.28 -12.23
C ALA B 180 12.84 -11.92 -13.29
N LEU B 181 12.63 -12.40 -14.53
CA LEU B 181 13.60 -12.14 -15.59
C LEU B 181 13.61 -10.67 -16.01
N SER B 182 12.43 -10.06 -16.11
CA SER B 182 12.38 -8.65 -16.46
C SER B 182 13.15 -7.81 -15.45
N ASN B 183 12.96 -8.09 -14.16
CA ASN B 183 13.66 -7.32 -13.13
C ASN B 183 15.16 -7.52 -13.23
N GLU B 184 15.60 -8.77 -13.41
CA GLU B 184 17.04 -9.02 -13.54
C GLU B 184 17.64 -8.21 -14.68
N ALA B 185 16.89 -8.05 -15.77
CA ALA B 185 17.41 -7.37 -16.94
C ALA B 185 17.61 -5.88 -16.66
N TYR B 186 16.56 -5.20 -16.18
CA TYR B 186 16.64 -3.76 -16.01
C TYR B 186 17.43 -3.35 -14.77
N LYS B 187 17.59 -4.25 -13.81
CA LYS B 187 18.49 -3.96 -12.69
C LYS B 187 19.88 -3.63 -13.17
N GLN B 188 20.33 -4.28 -14.25
CA GLN B 188 21.64 -4.03 -14.82
C GLN B 188 21.70 -2.75 -15.65
N ASP B 189 20.58 -2.04 -15.82
CA ASP B 189 20.58 -0.71 -16.38
C ASP B 189 20.57 0.37 -15.31
N GLY B 190 20.54 0.00 -14.03
CA GLY B 190 20.54 0.95 -12.95
C GLY B 190 19.18 1.21 -12.33
N PHE B 191 18.14 0.47 -12.74
CA PHE B 191 16.80 0.66 -12.22
C PHE B 191 16.55 -0.32 -11.09
N THR B 192 15.90 0.16 -10.03
CA THR B 192 15.58 -0.72 -8.90
C THR B 192 14.71 -1.90 -9.35
N ASP B 193 13.84 -1.69 -10.34
CA ASP B 193 13.02 -2.76 -10.89
C ASP B 193 12.41 -2.27 -12.21
N THR B 194 11.71 -3.18 -12.88
CA THR B 194 11.13 -2.85 -14.19
C THR B 194 10.15 -1.70 -14.09
N GLY B 195 9.36 -1.65 -13.02
CA GLY B 195 8.40 -0.56 -12.89
C GLY B 195 9.08 0.80 -12.86
N ALA B 196 10.23 0.88 -12.20
CA ALA B 196 10.97 2.14 -12.16
C ALA B 196 11.41 2.56 -13.55
N TYR B 197 11.73 1.60 -14.41
CA TYR B 197 12.10 1.92 -15.79
C TYR B 197 10.89 2.42 -16.56
N TRP B 198 9.76 1.72 -16.42
CA TRP B 198 8.52 2.18 -17.06
C TRP B 198 8.19 3.61 -16.64
N ARG B 199 8.31 3.91 -15.36
CA ARG B 199 7.98 5.25 -14.88
C ARG B 199 8.98 6.30 -15.39
N SER B 200 10.23 5.89 -15.63
CA SER B 200 11.25 6.85 -16.05
C SER B 200 10.90 7.50 -17.39
N TRP B 201 10.00 6.90 -18.17
CA TRP B 201 9.63 7.45 -19.46
C TRP B 201 9.03 8.85 -19.34
N TYR B 202 8.46 9.18 -18.20
CA TYR B 202 7.78 10.45 -18.01
C TYR B 202 8.69 11.55 -17.46
N ASN B 203 9.95 11.24 -17.20
CA ASN B 203 10.95 12.23 -16.80
C ASN B 203 10.38 13.22 -15.78
N SER B 204 9.86 12.67 -14.69
CA SER B 204 9.33 13.49 -13.62
C SER B 204 9.65 12.84 -12.28
N PRO B 205 10.34 13.55 -11.37
CA PRO B 205 10.65 12.95 -10.06
C PRO B 205 9.44 12.81 -9.16
N THR B 206 8.37 13.56 -9.40
CA THR B 206 7.15 13.49 -8.61
C THR B 206 6.01 12.81 -9.37
N PHE B 207 6.35 11.93 -10.31
CA PHE B 207 5.35 11.29 -11.17
C PHE B 207 4.22 10.67 -10.35
N GLU B 208 4.56 9.77 -9.44
CA GLU B 208 3.53 9.08 -8.67
C GLU B 208 2.76 10.05 -7.79
N ASP B 209 3.44 11.04 -7.21
CA ASP B 209 2.73 12.07 -6.45
C ASP B 209 1.82 12.88 -7.36
N ASP B 210 2.31 13.27 -8.54
CA ASP B 210 1.48 14.03 -9.47
C ASP B 210 0.24 13.25 -9.89
N LEU B 211 0.40 11.94 -10.10
CA LEU B 211 -0.75 11.11 -10.45
C LEU B 211 -1.76 11.07 -9.32
N GLU B 212 -1.29 10.88 -8.09
N GLU B 212 -1.28 10.86 -8.09
CA GLU B 212 -2.23 10.80 -6.97
CA GLU B 212 -2.17 10.81 -6.93
C GLU B 212 -2.94 12.13 -6.76
C GLU B 212 -2.93 12.12 -6.77
N HIS B 213 -2.25 13.25 -6.97
CA HIS B 213 -2.91 14.54 -6.87
C HIS B 213 -3.97 14.69 -7.93
N LEU B 214 -3.69 14.23 -9.16
CA LEU B 214 -4.71 14.25 -10.21
C LEU B 214 -5.91 13.41 -9.82
N TYR B 215 -5.68 12.18 -9.36
CA TYR B 215 -6.80 11.31 -9.05
C TYR B 215 -7.65 11.88 -7.92
N GLN B 216 -7.03 12.64 -7.01
CA GLN B 216 -7.80 13.23 -5.91
C GLN B 216 -8.82 14.24 -6.42
N GLN B 217 -8.49 14.96 -7.49
CA GLN B 217 -9.45 15.90 -8.08
C GLN B 217 -10.55 15.18 -8.83
N LEU B 218 -10.25 13.99 -9.36
CA LEU B 218 -11.19 13.25 -10.19
C LEU B 218 -12.06 12.30 -9.40
N GLU B 219 -11.64 11.87 -8.22
CA GLU B 219 -12.38 10.83 -7.50
C GLU B 219 -13.81 11.24 -7.17
N PRO B 220 -14.10 12.48 -6.76
CA PRO B 220 -15.51 12.83 -6.50
C PRO B 220 -16.41 12.57 -7.69
N LEU B 221 -15.93 12.85 -8.90
CA LEU B 221 -16.73 12.59 -10.10
C LEU B 221 -17.04 11.10 -10.22
N TYR B 222 -16.03 10.25 -10.02
CA TYR B 222 -16.26 8.82 -10.13
C TYR B 222 -17.22 8.33 -9.04
N LEU B 223 -17.06 8.83 -7.82
CA LEU B 223 -17.91 8.36 -6.73
C LEU B 223 -19.38 8.68 -7.00
N ASN B 224 -19.66 9.86 -7.55
CA ASN B 224 -21.05 10.20 -7.83
C ASN B 224 -21.58 9.42 -9.02
N LEU B 225 -20.76 9.19 -10.04
CA LEU B 225 -21.18 8.33 -11.15
C LEU B 225 -21.44 6.92 -10.64
N HIS B 226 -20.52 6.40 -9.82
CA HIS B 226 -20.66 5.07 -9.25
C HIS B 226 -21.96 4.93 -8.47
N ALA B 227 -22.24 5.87 -7.56
CA ALA B 227 -23.45 5.79 -6.76
C ALA B 227 -24.69 5.86 -7.63
N PHE B 228 -24.68 6.74 -8.65
CA PHE B 228 -25.82 6.86 -9.55
C PHE B 228 -26.07 5.58 -10.31
N VAL B 229 -25.00 4.95 -10.83
CA VAL B 229 -25.16 3.72 -11.58
C VAL B 229 -25.54 2.56 -10.67
N ARG B 230 -24.96 2.50 -9.47
CA ARG B 230 -25.34 1.46 -8.52
C ARG B 230 -26.83 1.50 -8.22
N ARG B 231 -27.40 2.71 -8.10
CA ARG B 231 -28.83 2.83 -7.88
C ARG B 231 -29.61 2.18 -9.02
N ALA B 232 -29.18 2.40 -10.25
CA ALA B 232 -29.87 1.84 -11.40
C ALA B 232 -29.77 0.32 -11.41
N LEU B 233 -28.57 -0.21 -11.14
CA LEU B 233 -28.43 -1.66 -11.07
C LEU B 233 -29.28 -2.25 -9.95
N HIS B 234 -29.47 -1.51 -8.86
CA HIS B 234 -30.32 -1.98 -7.80
C HIS B 234 -31.76 -2.12 -8.27
N ARG B 235 -32.25 -1.13 -9.03
CA ARG B 235 -33.59 -1.22 -9.60
C ARG B 235 -33.72 -2.44 -10.49
N ARG B 236 -32.66 -2.79 -11.23
CA ARG B 236 -32.75 -3.85 -12.21
C ARG B 236 -32.59 -5.24 -11.58
N TYR B 237 -31.66 -5.38 -10.64
CA TYR B 237 -31.32 -6.69 -10.10
C TYR B 237 -31.81 -6.92 -8.68
N GLY B 238 -32.18 -5.88 -7.94
CA GLY B 238 -32.78 -6.04 -6.64
C GLY B 238 -31.77 -6.06 -5.51
N ASP B 239 -32.31 -6.05 -4.29
CA ASP B 239 -31.49 -5.97 -3.08
C ASP B 239 -30.66 -7.22 -2.86
N ARG B 240 -31.03 -8.35 -3.46
CA ARG B 240 -30.27 -9.58 -3.28
C ARG B 240 -28.89 -9.48 -3.90
N TYR B 241 -28.79 -8.80 -5.04
CA TYR B 241 -27.55 -8.77 -5.82
C TYR B 241 -26.84 -7.43 -5.79
N ILE B 242 -27.48 -6.38 -5.29
CA ILE B 242 -26.88 -5.05 -5.24
C ILE B 242 -26.99 -4.53 -3.81
N ASN B 243 -25.85 -4.09 -3.26
CA ASN B 243 -25.78 -3.47 -1.94
C ASN B 243 -25.60 -1.98 -2.14
N LEU B 244 -26.62 -1.20 -1.78
CA LEU B 244 -26.55 0.25 -2.02
C LEU B 244 -25.45 0.93 -1.22
N ARG B 245 -24.78 0.21 -0.30
CA ARG B 245 -23.66 0.76 0.44
C ARG B 245 -22.39 -0.07 0.26
N GLY B 246 -22.36 -0.98 -0.71
CA GLY B 246 -21.20 -1.81 -0.94
C GLY B 246 -20.72 -1.75 -2.38
N PRO B 247 -19.66 -2.51 -2.68
CA PRO B 247 -19.13 -2.50 -4.05
C PRO B 247 -20.11 -3.13 -5.03
N ILE B 248 -19.99 -2.70 -6.29
CA ILE B 248 -20.83 -3.24 -7.36
C ILE B 248 -20.23 -4.56 -7.83
N PRO B 249 -21.03 -5.63 -7.98
CA PRO B 249 -20.48 -6.86 -8.57
C PRO B 249 -19.85 -6.58 -9.93
N ALA B 250 -18.66 -7.13 -10.13
CA ALA B 250 -17.77 -6.70 -11.19
C ALA B 250 -18.20 -7.11 -12.59
N HIS B 251 -19.32 -7.83 -12.73
CA HIS B 251 -19.76 -8.36 -14.01
C HIS B 251 -20.98 -7.64 -14.57
N LEU B 252 -21.45 -6.59 -13.90
CA LEU B 252 -22.74 -5.98 -14.22
C LEU B 252 -22.63 -4.64 -14.93
N LEU B 253 -21.43 -4.19 -15.26
CA LEU B 253 -21.23 -2.84 -15.75
C LEU B 253 -20.98 -2.79 -17.26
N GLY B 254 -21.23 -3.88 -17.99
CA GLY B 254 -21.24 -3.86 -19.44
C GLY B 254 -19.93 -4.25 -20.09
N ASP B 255 -18.91 -4.58 -19.30
CA ASP B 255 -17.55 -4.78 -19.78
C ASP B 255 -16.88 -5.82 -18.91
N MET B 256 -16.08 -6.69 -19.52
CA MET B 256 -15.46 -7.79 -18.77
C MET B 256 -14.66 -7.29 -17.58
N TRP B 257 -14.07 -6.10 -17.68
CA TRP B 257 -13.21 -5.55 -16.63
C TRP B 257 -13.88 -4.39 -15.91
N ALA B 258 -15.15 -4.13 -16.18
CA ALA B 258 -15.85 -3.01 -15.56
C ALA B 258 -15.10 -1.70 -15.76
N GLN B 259 -14.37 -1.60 -16.87
CA GLN B 259 -13.48 -0.45 -17.09
C GLN B 259 -14.15 0.68 -17.83
N SER B 260 -15.19 0.39 -18.60
CA SER B 260 -16.01 1.42 -19.20
C SER B 260 -17.44 0.92 -19.17
N TRP B 261 -18.38 1.82 -18.87
CA TRP B 261 -19.75 1.44 -18.57
C TRP B 261 -20.73 1.88 -19.66
N GLU B 262 -20.23 2.18 -20.86
CA GLU B 262 -21.11 2.72 -21.89
C GLU B 262 -22.20 1.72 -22.28
N ASN B 263 -21.96 0.43 -22.13
CA ASN B 263 -22.93 -0.57 -22.56
C ASN B 263 -24.15 -0.68 -21.67
N ILE B 264 -24.15 -0.11 -20.47
CA ILE B 264 -25.34 -0.04 -19.64
C ILE B 264 -25.99 1.34 -19.70
N TYR B 265 -25.63 2.15 -20.70
CA TYR B 265 -26.22 3.48 -20.84
C TYR B 265 -27.75 3.42 -20.88
N ASP B 266 -28.30 2.43 -21.57
CA ASP B 266 -29.75 2.35 -21.70
C ASP B 266 -30.44 2.10 -20.36
N MET B 267 -29.74 1.52 -19.39
CA MET B 267 -30.33 1.31 -18.07
C MET B 267 -30.20 2.53 -17.17
N VAL B 268 -29.32 3.46 -17.49
CA VAL B 268 -29.08 4.63 -16.64
C VAL B 268 -29.45 5.94 -17.32
N VAL B 269 -29.70 5.94 -18.63
CA VAL B 269 -30.11 7.15 -19.32
C VAL B 269 -31.30 7.75 -18.58
N PRO B 270 -31.18 8.95 -18.01
CA PRO B 270 -32.30 9.50 -17.24
C PRO B 270 -33.50 9.91 -18.08
N PHE B 271 -33.32 10.17 -19.37
CA PHE B 271 -34.39 10.61 -20.26
C PHE B 271 -34.51 9.64 -21.44
N PRO B 272 -35.05 8.43 -21.19
CA PRO B 272 -35.12 7.43 -22.27
C PRO B 272 -35.96 7.87 -23.46
N ASP B 273 -36.77 8.92 -23.32
CA ASP B 273 -37.60 9.38 -24.43
C ASP B 273 -36.75 10.05 -25.51
N LYS B 274 -35.75 10.83 -25.11
CA LYS B 274 -34.88 11.56 -26.02
C LYS B 274 -34.25 10.59 -27.03
N PRO B 275 -33.65 11.09 -28.11
CA PRO B 275 -33.07 10.17 -29.09
C PRO B 275 -32.00 9.29 -28.47
N ASN B 276 -31.79 8.13 -29.06
CA ASN B 276 -30.82 7.17 -28.57
C ASN B 276 -29.43 7.60 -29.03
N LEU B 277 -28.60 8.07 -28.10
CA LEU B 277 -27.26 8.53 -28.43
C LEU B 277 -26.29 7.38 -28.67
N ASP B 278 -26.68 6.15 -28.39
CA ASP B 278 -25.92 4.97 -28.82
C ASP B 278 -26.40 4.66 -30.23
N VAL B 279 -25.57 4.99 -31.22
CA VAL B 279 -25.97 4.93 -32.63
C VAL B 279 -25.71 3.54 -33.20
N THR B 280 -25.38 2.58 -32.33
CA THR B 280 -25.06 1.24 -32.81
C THR B 280 -26.17 0.67 -33.68
N SER B 281 -27.41 0.72 -33.17
CA SER B 281 -28.52 0.16 -33.95
C SER B 281 -28.69 0.87 -35.28
N THR B 282 -28.43 2.18 -35.32
CA THR B 282 -28.47 2.90 -36.58
C THR B 282 -27.32 2.45 -37.49
N MET B 283 -26.12 2.29 -36.93
CA MET B 283 -25.00 1.78 -37.72
C MET B 283 -25.35 0.44 -38.37
N LEU B 284 -26.00 -0.44 -37.61
CA LEU B 284 -26.40 -1.74 -38.16
C LEU B 284 -27.54 -1.57 -39.15
N GLN B 285 -28.56 -0.81 -38.78
CA GLN B 285 -29.69 -0.58 -39.69
C GLN B 285 -29.21 -0.01 -41.02
N GLN B 286 -28.17 0.83 -41.00
CA GLN B 286 -27.63 1.41 -42.22
C GLN B 286 -26.62 0.52 -42.93
N GLY B 287 -26.20 -0.58 -42.31
CA GLY B 287 -25.33 -1.52 -42.97
C GLY B 287 -23.84 -1.21 -42.89
N TRP B 288 -23.39 -0.50 -41.87
CA TRP B 288 -21.97 -0.21 -41.74
C TRP B 288 -21.17 -1.50 -41.63
N GLN B 289 -19.93 -1.43 -42.11
CA GLN B 289 -18.96 -2.52 -41.97
C GLN B 289 -17.63 -1.92 -41.53
N ALA B 290 -16.68 -2.79 -41.21
CA ALA B 290 -15.37 -2.35 -40.75
C ALA B 290 -14.76 -1.33 -41.71
N THR B 291 -14.81 -1.62 -43.01
CA THR B 291 -14.21 -0.71 -43.99
C THR B 291 -14.81 0.68 -43.87
N HIS B 292 -16.13 0.79 -43.72
CA HIS B 292 -16.76 2.09 -43.60
C HIS B 292 -16.27 2.82 -42.36
N MET B 293 -16.16 2.11 -41.24
CA MET B 293 -15.74 2.74 -40.00
C MET B 293 -14.33 3.31 -40.12
N PHE B 294 -13.44 2.59 -40.80
CA PHE B 294 -12.07 3.07 -40.95
C PHE B 294 -11.99 4.22 -41.95
N ARG B 295 -12.78 4.17 -43.01
CA ARG B 295 -12.78 5.28 -43.97
C ARG B 295 -13.39 6.54 -43.37
N VAL B 296 -14.38 6.38 -42.49
CA VAL B 296 -14.98 7.54 -41.84
C VAL B 296 -13.99 8.16 -40.85
N ALA B 297 -13.26 7.31 -40.11
CA ALA B 297 -12.22 7.82 -39.23
C ALA B 297 -11.14 8.52 -40.05
N GLU B 298 -10.69 7.89 -41.12
CA GLU B 298 -9.67 8.50 -41.98
C GLU B 298 -10.08 9.90 -42.43
N GLU B 299 -11.34 10.06 -42.83
CA GLU B 299 -11.76 11.34 -43.40
C GLU B 299 -11.74 12.45 -42.37
N PHE B 300 -11.94 12.12 -41.09
CA PHE B 300 -11.79 13.14 -40.06
C PHE B 300 -10.35 13.64 -40.00
N PHE B 301 -9.38 12.72 -40.03
CA PHE B 301 -7.97 13.12 -40.05
C PHE B 301 -7.68 14.01 -41.25
N THR B 302 -8.09 13.59 -42.45
CA THR B 302 -7.82 14.39 -43.63
C THR B 302 -8.61 15.69 -43.63
N SER B 303 -9.74 15.75 -42.92
CA SER B 303 -10.44 17.02 -42.77
C SER B 303 -9.58 18.05 -42.06
N LEU B 304 -8.72 17.58 -41.15
CA LEU B 304 -7.77 18.43 -40.44
C LEU B 304 -6.48 18.65 -41.23
N GLU B 305 -6.43 18.19 -42.48
CA GLU B 305 -5.22 18.24 -43.29
C GLU B 305 -4.09 17.41 -42.68
N LEU B 306 -4.46 16.37 -41.95
CA LEU B 306 -3.49 15.34 -41.57
C LEU B 306 -3.45 14.29 -42.69
N SER B 307 -2.67 13.26 -42.49
CA SER B 307 -2.40 12.38 -43.62
C SER B 307 -3.48 11.30 -43.76
N PRO B 308 -3.80 10.90 -44.98
CA PRO B 308 -4.63 9.71 -45.18
C PRO B 308 -3.83 8.45 -44.91
N MET B 309 -4.55 7.34 -44.77
CA MET B 309 -3.88 6.05 -44.62
C MET B 309 -3.25 5.65 -45.95
N PRO B 310 -1.98 5.25 -45.97
CA PRO B 310 -1.32 4.95 -47.24
C PRO B 310 -1.79 3.61 -47.79
N PRO B 311 -1.56 3.36 -49.08
CA PRO B 311 -1.98 2.06 -49.65
C PRO B 311 -1.48 0.87 -48.86
N GLU B 312 -0.24 0.93 -48.37
CA GLU B 312 0.30 -0.16 -47.57
C GLU B 312 -0.58 -0.47 -46.37
N PHE B 313 -1.27 0.53 -45.81
CA PHE B 313 -2.14 0.30 -44.67
C PHE B 313 -3.37 -0.51 -45.09
N TRP B 314 -4.02 -0.12 -46.19
CA TRP B 314 -5.23 -0.81 -46.61
C TRP B 314 -4.92 -2.22 -47.10
N GLU B 315 -3.77 -2.40 -47.74
CA GLU B 315 -3.42 -3.72 -48.28
C GLU B 315 -2.95 -4.68 -47.21
N GLY B 316 -2.40 -4.17 -46.11
CA GLY B 316 -1.74 -5.02 -45.14
C GLY B 316 -2.47 -5.20 -43.83
N SER B 317 -3.39 -4.29 -43.51
CA SER B 317 -4.05 -4.33 -42.21
C SER B 317 -5.02 -5.50 -42.13
N MET B 318 -5.32 -5.90 -40.90
CA MET B 318 -6.35 -6.89 -40.60
C MET B 318 -7.46 -6.17 -39.86
N LEU B 319 -8.54 -5.84 -40.58
CA LEU B 319 -9.62 -5.04 -40.02
C LEU B 319 -10.82 -5.87 -39.60
N GLU B 320 -10.81 -7.18 -39.86
CA GLU B 320 -11.87 -8.08 -39.44
C GLU B 320 -11.26 -9.37 -38.91
N LYS B 321 -11.97 -10.03 -38.02
CA LYS B 321 -11.53 -11.32 -37.52
C LYS B 321 -11.52 -12.32 -38.67
N PRO B 322 -10.40 -12.99 -38.96
CA PRO B 322 -10.39 -13.94 -40.08
C PRO B 322 -11.42 -15.05 -39.87
N ALA B 323 -12.11 -15.38 -40.95
CA ALA B 323 -13.17 -16.38 -40.91
C ALA B 323 -12.69 -17.77 -41.29
N ASP B 324 -11.40 -17.94 -41.56
CA ASP B 324 -10.82 -19.24 -41.81
C ASP B 324 -10.48 -19.99 -40.51
N GLY B 325 -11.03 -19.55 -39.37
CA GLY B 325 -10.78 -20.17 -38.09
C GLY B 325 -9.43 -19.84 -37.48
N ARG B 326 -8.57 -19.15 -38.22
CA ARG B 326 -7.20 -18.91 -37.80
C ARG B 326 -7.15 -18.16 -36.48
N GLU B 327 -6.39 -18.70 -35.52
CA GLU B 327 -6.21 -18.03 -34.25
C GLU B 327 -5.47 -16.72 -34.46
N VAL B 328 -6.03 -15.64 -33.91
CA VAL B 328 -5.42 -14.31 -34.00
C VAL B 328 -5.52 -13.65 -32.63
N VAL B 329 -4.62 -12.68 -32.41
CA VAL B 329 -4.74 -11.75 -31.31
C VAL B 329 -5.78 -10.72 -31.73
N CYS B 330 -6.99 -10.82 -31.19
CA CYS B 330 -8.06 -9.91 -31.62
C CYS B 330 -7.95 -8.53 -31.00
N HIS B 331 -7.25 -8.40 -29.87
CA HIS B 331 -7.15 -7.10 -29.22
C HIS B 331 -6.57 -6.07 -30.19
N ALA B 332 -7.25 -4.94 -30.31
CA ALA B 332 -6.92 -3.96 -31.33
C ALA B 332 -5.55 -3.33 -31.10
N SER B 333 -4.77 -3.17 -32.17
CA SER B 333 -3.46 -2.56 -32.05
C SER B 333 -3.05 -1.94 -33.38
N ALA B 334 -2.15 -0.97 -33.29
CA ALA B 334 -1.66 -0.21 -34.43
C ALA B 334 -0.14 -0.38 -34.51
N TRP B 335 0.35 -0.64 -35.72
CA TRP B 335 1.69 -1.18 -35.91
C TRP B 335 2.56 -0.24 -36.73
N ASP B 336 3.77 0.04 -36.22
CA ASP B 336 4.79 0.78 -36.93
C ASP B 336 5.93 -0.19 -37.24
N PHE B 337 6.29 -0.31 -38.52
CA PHE B 337 7.31 -1.26 -38.93
C PHE B 337 8.69 -0.62 -39.03
N TYR B 338 8.82 0.67 -38.71
CA TYR B 338 10.11 1.36 -38.69
C TYR B 338 10.84 1.22 -40.02
N ASN B 339 10.08 1.24 -41.11
CA ASN B 339 10.65 1.35 -42.45
C ASN B 339 10.09 2.55 -43.21
N ARG B 340 9.38 3.45 -42.52
CA ARG B 340 8.84 4.68 -43.09
C ARG B 340 7.82 4.42 -44.18
N LYS B 341 7.34 3.18 -44.32
CA LYS B 341 6.42 2.85 -45.41
C LYS B 341 5.24 2.02 -44.90
N ASP B 342 5.50 1.00 -44.10
CA ASP B 342 4.47 0.05 -43.68
C ASP B 342 3.90 0.44 -42.32
N PHE B 343 2.59 0.63 -42.28
CA PHE B 343 1.84 0.94 -41.06
C PHE B 343 0.51 0.20 -41.15
N ARG B 344 0.11 -0.47 -40.07
CA ARG B 344 -1.06 -1.33 -40.13
C ARG B 344 -1.82 -1.32 -38.81
N ILE B 345 -3.10 -1.66 -38.90
CA ILE B 345 -3.95 -1.91 -37.75
C ILE B 345 -4.42 -3.36 -37.81
N LYS B 346 -4.43 -4.00 -36.65
CA LYS B 346 -4.93 -5.37 -36.47
C LYS B 346 -6.07 -5.30 -35.47
N GLN B 347 -7.31 -5.44 -35.94
CA GLN B 347 -8.48 -5.27 -35.09
C GLN B 347 -9.59 -6.20 -35.58
N CYS B 348 -10.20 -6.93 -34.65
CA CYS B 348 -11.35 -7.76 -34.97
C CYS B 348 -12.61 -6.90 -34.88
N THR B 349 -12.70 -5.97 -35.82
CA THR B 349 -13.69 -4.89 -35.73
C THR B 349 -15.11 -5.44 -35.73
N ARG B 350 -15.91 -4.93 -34.81
CA ARG B 350 -17.35 -5.15 -34.78
C ARG B 350 -18.05 -3.82 -35.01
N VAL B 351 -19.29 -3.89 -35.50
CA VAL B 351 -20.03 -2.70 -35.91
C VAL B 351 -20.80 -2.21 -34.69
N THR B 352 -20.14 -1.36 -33.90
CA THR B 352 -20.75 -0.71 -32.74
C THR B 352 -20.14 0.67 -32.59
N MET B 353 -20.83 1.52 -31.82
CA MET B 353 -20.33 2.87 -31.60
C MET B 353 -19.00 2.86 -30.83
N ASP B 354 -18.87 2.00 -29.83
CA ASP B 354 -17.60 1.99 -29.10
C ASP B 354 -16.47 1.42 -29.95
N GLN B 355 -16.79 0.53 -30.90
CA GLN B 355 -15.77 0.08 -31.83
C GLN B 355 -15.36 1.19 -32.81
N LEU B 356 -16.29 2.07 -33.15
CA LEU B 356 -15.93 3.22 -33.96
C LEU B 356 -14.95 4.11 -33.21
N SER B 357 -15.17 4.28 -31.90
CA SER B 357 -14.21 5.00 -31.09
C SER B 357 -12.87 4.27 -31.04
N THR B 358 -12.90 2.94 -30.93
CA THR B 358 -11.66 2.17 -30.95
C THR B 358 -10.92 2.36 -32.28
N VAL B 359 -11.66 2.37 -33.39
CA VAL B 359 -11.03 2.62 -34.69
C VAL B 359 -10.31 3.96 -34.68
N HIS B 360 -10.95 5.00 -34.15
CA HIS B 360 -10.31 6.30 -34.08
C HIS B 360 -9.07 6.27 -33.20
N HIS B 361 -9.17 5.60 -32.04
CA HIS B 361 -8.00 5.45 -31.17
C HIS B 361 -6.83 4.84 -31.91
N GLU B 362 -7.06 3.73 -32.62
CA GLU B 362 -5.97 3.05 -33.31
C GLU B 362 -5.45 3.87 -34.47
N MET B 363 -6.34 4.55 -35.19
CA MET B 363 -5.86 5.38 -36.29
C MET B 363 -5.07 6.58 -35.77
N GLY B 364 -5.33 7.01 -34.52
CA GLY B 364 -4.50 8.02 -33.92
C GLY B 364 -3.06 7.58 -33.78
N HIS B 365 -2.84 6.32 -33.38
CA HIS B 365 -1.49 5.76 -33.37
C HIS B 365 -0.87 5.83 -34.76
N ILE B 366 -1.61 5.36 -35.77
CA ILE B 366 -1.09 5.36 -37.13
C ILE B 366 -0.70 6.78 -37.54
N GLN B 367 -1.59 7.74 -37.31
CA GLN B 367 -1.29 9.12 -37.70
C GLN B 367 0.02 9.57 -37.08
N TYR B 368 0.21 9.28 -35.79
CA TYR B 368 1.49 9.55 -35.15
C TYR B 368 2.63 8.93 -35.94
N TYR B 369 2.52 7.63 -36.25
CA TYR B 369 3.58 6.96 -36.99
C TYR B 369 3.90 7.70 -38.28
N LEU B 370 2.87 8.15 -39.00
CA LEU B 370 3.08 8.82 -40.27
C LEU B 370 3.75 10.18 -40.10
N GLN B 371 3.44 10.89 -39.01
CA GLN B 371 3.95 12.25 -38.86
C GLN B 371 5.40 12.30 -38.42
N TYR B 372 5.88 11.27 -37.71
CA TYR B 372 7.26 11.29 -37.22
C TYR B 372 8.13 10.21 -37.85
N LYS B 373 7.70 9.64 -38.98
CA LYS B 373 8.44 8.53 -39.57
C LYS B 373 9.82 8.95 -40.05
N ASP B 374 10.08 10.24 -40.23
CA ASP B 374 11.37 10.71 -40.70
C ASP B 374 12.26 11.27 -39.59
N LEU B 375 11.77 11.32 -38.35
CA LEU B 375 12.64 11.52 -37.20
C LEU B 375 13.55 10.31 -37.05
N PRO B 376 14.60 10.41 -36.25
CA PRO B 376 15.42 9.22 -35.97
C PRO B 376 14.66 8.25 -35.08
N VAL B 377 14.86 6.96 -35.36
CA VAL B 377 14.18 5.86 -34.67
C VAL B 377 13.95 6.14 -33.20
N SER B 378 15.00 6.53 -32.48
CA SER B 378 14.88 6.72 -31.03
C SER B 378 13.90 7.82 -30.67
N LEU B 379 13.57 8.70 -31.61
CA LEU B 379 12.60 9.76 -31.38
C LEU B 379 11.25 9.44 -32.01
N ARG B 380 11.03 8.20 -32.44
CA ARG B 380 9.75 7.79 -33.03
C ARG B 380 8.85 7.22 -31.93
N ARG B 381 8.45 8.12 -31.04
CA ARG B 381 7.58 7.82 -29.92
C ARG B 381 6.78 9.07 -29.64
N GLY B 382 5.80 8.96 -28.75
CA GLY B 382 5.12 10.14 -28.28
C GLY B 382 6.03 10.96 -27.37
N ALA B 383 5.68 12.24 -27.23
CA ALA B 383 6.35 13.07 -26.23
C ALA B 383 6.47 12.32 -24.91
N ASN B 384 5.38 11.68 -24.49
CA ASN B 384 5.42 10.56 -23.54
C ASN B 384 4.37 9.54 -23.99
N PRO B 385 4.35 8.34 -23.41
CA PRO B 385 3.41 7.32 -23.92
C PRO B 385 1.95 7.72 -23.84
N GLY B 386 1.58 8.59 -22.90
CA GLY B 386 0.22 9.06 -22.84
C GLY B 386 -0.18 9.92 -24.03
N PHE B 387 0.76 10.69 -24.58
CA PHE B 387 0.51 11.43 -25.80
C PHE B 387 0.01 10.51 -26.90
N HIS B 388 0.69 9.38 -27.08
CA HIS B 388 0.35 8.46 -28.16
C HIS B 388 -1.05 7.90 -27.98
N GLU B 389 -1.47 7.65 -26.74
CA GLU B 389 -2.79 7.10 -26.51
C GLU B 389 -3.89 8.15 -26.61
N ALA B 390 -3.54 9.43 -26.58
CA ALA B 390 -4.56 10.49 -26.55
C ALA B 390 -4.96 10.97 -27.93
N ILE B 391 -4.15 10.76 -28.96
CA ILE B 391 -4.37 11.42 -30.25
C ILE B 391 -5.73 11.04 -30.81
N GLY B 392 -5.99 9.73 -30.97
CA GLY B 392 -7.23 9.31 -31.57
C GLY B 392 -8.44 9.61 -30.70
N ASP B 393 -8.29 9.52 -29.38
CA ASP B 393 -9.40 9.84 -28.48
C ASP B 393 -9.82 11.30 -28.61
N VAL B 394 -8.86 12.20 -28.85
CA VAL B 394 -9.22 13.61 -28.99
C VAL B 394 -10.17 13.81 -30.17
N LEU B 395 -9.85 13.20 -31.31
CA LEU B 395 -10.74 13.30 -32.46
C LEU B 395 -12.09 12.64 -32.16
N ALA B 396 -12.06 11.49 -31.47
CA ALA B 396 -13.30 10.80 -31.16
C ALA B 396 -14.22 11.63 -30.27
N LEU B 397 -13.65 12.54 -29.47
CA LEU B 397 -14.48 13.43 -28.66
C LEU B 397 -15.34 14.33 -29.54
N SER B 398 -14.79 14.78 -30.67
CA SER B 398 -15.59 15.56 -31.61
C SER B 398 -16.59 14.69 -32.34
N VAL B 399 -16.17 13.48 -32.72
CA VAL B 399 -17.05 12.59 -33.49
C VAL B 399 -18.29 12.22 -32.67
N SER B 400 -18.13 12.04 -31.36
N SER B 400 -18.12 12.04 -31.36
CA SER B 400 -19.24 11.61 -30.53
CA SER B 400 -19.22 11.62 -30.52
C SER B 400 -20.28 12.70 -30.29
C SER B 400 -20.28 12.70 -30.32
N THR B 401 -19.94 13.97 -30.49
CA THR B 401 -20.90 15.03 -30.26
C THR B 401 -22.17 14.76 -31.06
N PRO B 402 -23.36 14.96 -30.50
CA PRO B 402 -24.58 14.77 -31.29
C PRO B 402 -24.60 15.57 -32.58
N GLU B 403 -24.03 16.78 -32.58
CA GLU B 403 -23.98 17.57 -33.80
C GLU B 403 -23.17 16.86 -34.87
N HIS B 404 -22.02 16.30 -34.51
CA HIS B 404 -21.22 15.61 -35.52
C HIS B 404 -21.89 14.31 -35.96
N LEU B 405 -22.48 13.58 -35.02
CA LEU B 405 -23.21 12.36 -35.39
C LEU B 405 -24.30 12.69 -36.40
N HIS B 406 -24.99 13.81 -36.21
CA HIS B 406 -25.98 14.24 -37.19
C HIS B 406 -25.33 14.52 -38.54
N LYS B 407 -24.14 15.14 -38.52
CA LYS B 407 -23.45 15.46 -39.77
C LYS B 407 -23.16 14.21 -40.59
N ILE B 408 -22.79 13.12 -39.93
CA ILE B 408 -22.44 11.89 -40.63
C ILE B 408 -23.62 10.91 -40.68
N GLY B 409 -24.82 11.38 -40.42
CA GLY B 409 -26.01 10.60 -40.70
C GLY B 409 -26.33 9.50 -39.71
N LEU B 410 -25.80 9.58 -38.49
CA LEU B 410 -26.04 8.57 -37.46
C LEU B 410 -27.01 9.02 -36.39
N LEU B 411 -27.60 10.21 -36.51
CA LEU B 411 -28.48 10.74 -35.47
C LEU B 411 -29.31 11.86 -36.09
N ASP B 412 -30.57 11.57 -36.37
CA ASP B 412 -31.50 12.63 -36.76
C ASP B 412 -31.55 13.67 -35.66
N ARG B 413 -31.52 14.95 -36.05
CA ARG B 413 -30.98 16.01 -35.21
C ARG B 413 -31.66 16.08 -33.85
N VAL B 414 -30.88 16.52 -32.85
CA VAL B 414 -31.33 16.59 -31.46
C VAL B 414 -31.45 18.04 -31.04
N THR B 415 -32.18 18.26 -29.95
CA THR B 415 -32.46 19.60 -29.43
C THR B 415 -31.34 20.06 -28.48
N ASN B 416 -30.93 21.32 -28.64
CA ASN B 416 -29.93 21.93 -27.76
C ASN B 416 -30.61 22.30 -26.43
N ASP B 417 -31.01 21.25 -25.72
CA ASP B 417 -31.80 21.32 -24.49
C ASP B 417 -30.92 21.04 -23.29
N THR B 418 -31.28 21.60 -22.13
CA THR B 418 -30.61 21.23 -20.89
C THR B 418 -30.56 19.71 -20.76
N GLU B 419 -31.67 19.04 -21.06
CA GLU B 419 -31.78 17.61 -20.84
C GLU B 419 -30.89 16.83 -21.80
N SER B 420 -30.89 17.20 -23.08
CA SER B 420 -30.08 16.47 -24.04
C SER B 420 -28.59 16.62 -23.73
N ASP B 421 -28.19 17.73 -23.13
CA ASP B 421 -26.82 17.88 -22.68
C ASP B 421 -26.48 16.88 -21.58
N ILE B 422 -27.39 16.71 -20.62
CA ILE B 422 -27.14 15.77 -19.52
C ILE B 422 -27.02 14.35 -20.05
N ASN B 423 -27.95 13.96 -20.94
CA ASN B 423 -27.86 12.63 -21.55
C ASN B 423 -26.49 12.42 -22.17
N TYR B 424 -26.02 13.39 -22.97
CA TYR B 424 -24.74 13.21 -23.66
C TYR B 424 -23.59 13.14 -22.66
N LEU B 425 -23.52 14.09 -21.74
CA LEU B 425 -22.40 14.11 -20.81
C LEU B 425 -22.40 12.87 -19.92
N LEU B 426 -23.58 12.31 -19.64
CA LEU B 426 -23.63 11.08 -18.87
C LEU B 426 -23.05 9.91 -19.67
N LYS B 427 -23.49 9.75 -20.92
CA LYS B 427 -22.93 8.70 -21.76
C LYS B 427 -21.41 8.83 -21.84
N MET B 428 -20.91 10.06 -21.97
CA MET B 428 -19.46 10.25 -22.03
C MET B 428 -18.81 9.93 -20.69
N ALA B 429 -19.49 10.23 -19.59
CA ALA B 429 -18.95 9.89 -18.28
C ALA B 429 -18.80 8.38 -18.12
N LEU B 430 -19.80 7.62 -18.61
CA LEU B 430 -19.72 6.17 -18.55
C LEU B 430 -18.49 5.64 -19.26
N GLU B 431 -18.05 6.34 -20.31
CA GLU B 431 -16.90 5.91 -21.11
C GLU B 431 -15.58 6.42 -20.55
N LYS B 432 -15.56 7.65 -20.02
CA LYS B 432 -14.33 8.32 -19.64
C LYS B 432 -14.11 8.38 -18.14
N ILE B 433 -15.11 8.81 -17.37
N ILE B 433 -15.12 8.78 -17.36
CA ILE B 433 -14.95 8.90 -15.92
CA ILE B 433 -14.92 8.90 -15.92
C ILE B 433 -14.83 7.51 -15.32
C ILE B 433 -14.86 7.52 -15.28
N ALA B 434 -15.69 6.58 -15.74
CA ALA B 434 -15.67 5.23 -15.18
C ALA B 434 -14.31 4.57 -15.38
N PHE B 435 -13.59 4.94 -16.45
CA PHE B 435 -12.31 4.30 -16.73
C PHE B 435 -11.21 4.77 -15.80
N LEU B 436 -11.32 5.99 -15.28
CA LEU B 436 -10.22 6.60 -14.55
C LEU B 436 -9.67 5.72 -13.43
N PRO B 437 -10.49 5.19 -12.51
CA PRO B 437 -9.92 4.33 -11.47
C PRO B 437 -9.21 3.11 -12.02
N PHE B 438 -9.71 2.52 -13.11
CA PHE B 438 -9.05 1.34 -13.67
C PHE B 438 -7.73 1.72 -14.33
N GLY B 439 -7.75 2.77 -15.15
CA GLY B 439 -6.51 3.25 -15.74
C GLY B 439 -5.45 3.56 -14.71
N TYR B 440 -5.87 4.00 -13.52
CA TYR B 440 -4.91 4.34 -12.46
C TYR B 440 -4.39 3.09 -11.76
N LEU B 441 -5.26 2.10 -11.50
CA LEU B 441 -4.88 1.03 -10.57
C LEU B 441 -4.06 -0.09 -11.21
N VAL B 442 -4.15 -0.30 -12.53
CA VAL B 442 -3.54 -1.49 -13.11
C VAL B 442 -2.03 -1.49 -12.89
N ASP B 443 -1.37 -0.36 -13.17
CA ASP B 443 0.07 -0.32 -12.96
C ASP B 443 0.44 -0.11 -11.50
N GLN B 444 -0.46 0.40 -10.67
CA GLN B 444 -0.21 0.32 -9.23
C GLN B 444 -0.03 -1.13 -8.81
N TRP B 445 -0.89 -2.01 -9.32
CA TRP B 445 -0.70 -3.44 -9.06
C TRP B 445 0.62 -3.93 -9.65
N ARG B 446 0.89 -3.59 -10.90
CA ARG B 446 2.07 -4.12 -11.57
C ARG B 446 3.35 -3.53 -10.98
N TRP B 447 3.32 -2.25 -10.58
CA TRP B 447 4.50 -1.68 -9.92
C TRP B 447 4.81 -2.42 -8.63
N GLY B 448 3.78 -2.82 -7.88
CA GLY B 448 4.01 -3.57 -6.66
C GLY B 448 4.52 -4.98 -6.92
N VAL B 449 4.10 -5.60 -8.02
CA VAL B 449 4.66 -6.89 -8.39
C VAL B 449 6.13 -6.76 -8.77
N PHE B 450 6.46 -5.75 -9.59
CA PHE B 450 7.85 -5.56 -9.98
C PHE B 450 8.73 -5.24 -8.78
N SER B 451 8.24 -4.42 -7.86
CA SER B 451 9.05 -4.01 -6.73
C SER B 451 9.23 -5.12 -5.70
N GLY B 452 8.42 -6.17 -5.75
CA GLY B 452 8.44 -7.20 -4.75
C GLY B 452 7.47 -7.01 -3.61
N ARG B 453 6.77 -5.87 -3.55
CA ARG B 453 5.80 -5.67 -2.48
C ARG B 453 4.63 -6.63 -2.63
N THR B 454 4.37 -7.10 -3.85
CA THR B 454 3.30 -8.05 -4.14
C THR B 454 3.95 -9.32 -4.68
N PRO B 455 4.28 -10.28 -3.83
CA PRO B 455 4.80 -11.55 -4.33
C PRO B 455 3.69 -12.38 -4.92
N PRO B 456 4.01 -13.48 -5.61
CA PRO B 456 2.96 -14.35 -6.15
C PRO B 456 1.88 -14.71 -5.15
N SER B 457 2.25 -14.90 -3.88
CA SER B 457 1.29 -15.30 -2.86
C SER B 457 0.22 -14.25 -2.61
N ARG B 458 0.34 -13.05 -3.19
CA ARG B 458 -0.64 -11.99 -3.00
C ARG B 458 -1.06 -11.35 -4.32
N TYR B 459 -0.82 -12.02 -5.46
CA TYR B 459 -1.22 -11.44 -6.74
C TYR B 459 -2.69 -11.06 -6.75
N ASN B 460 -3.57 -11.99 -6.34
CA ASN B 460 -5.00 -11.74 -6.46
C ASN B 460 -5.52 -10.92 -5.28
N PHE B 461 -5.00 -11.20 -4.08
CA PHE B 461 -5.31 -10.39 -2.91
C PHE B 461 -5.06 -8.91 -3.17
N ASP B 462 -3.89 -8.56 -3.72
CA ASP B 462 -3.58 -7.16 -3.96
C ASP B 462 -4.33 -6.61 -5.17
N TRP B 463 -4.60 -7.44 -6.17
CA TRP B 463 -5.40 -6.99 -7.31
C TRP B 463 -6.79 -6.57 -6.85
N TRP B 464 -7.44 -7.42 -6.05
CA TRP B 464 -8.80 -7.10 -5.65
C TRP B 464 -8.84 -6.02 -4.58
N TYR B 465 -7.78 -5.89 -3.76
CA TYR B 465 -7.69 -4.72 -2.90
C TYR B 465 -7.80 -3.45 -3.73
N LEU B 466 -7.00 -3.37 -4.81
CA LEU B 466 -6.96 -2.16 -5.62
C LEU B 466 -8.25 -1.97 -6.40
N ARG B 467 -8.82 -3.07 -6.92
CA ARG B 467 -10.08 -2.97 -7.65
C ARG B 467 -11.19 -2.44 -6.76
N THR B 468 -11.26 -2.92 -5.52
CA THR B 468 -12.27 -2.42 -4.59
C THR B 468 -11.93 -0.99 -4.15
N LYS B 469 -10.66 -0.72 -3.84
CA LYS B 469 -10.26 0.60 -3.37
C LYS B 469 -10.64 1.67 -4.38
N TYR B 470 -10.35 1.44 -5.66
CA TYR B 470 -10.49 2.47 -6.69
C TYR B 470 -11.81 2.38 -7.44
N GLN B 471 -12.17 1.20 -7.95
CA GLN B 471 -13.38 1.06 -8.72
C GLN B 471 -14.63 0.81 -7.88
N GLY B 472 -14.47 0.38 -6.63
CA GLY B 472 -15.65 0.07 -5.84
C GLY B 472 -16.45 -1.08 -6.42
N ILE B 473 -15.76 -2.11 -6.89
CA ILE B 473 -16.38 -3.33 -7.39
C ILE B 473 -15.87 -4.49 -6.56
N CYS B 474 -16.57 -5.61 -6.65
CA CYS B 474 -16.19 -6.83 -5.94
C CYS B 474 -16.39 -8.01 -6.88
N PRO B 475 -15.61 -9.08 -6.71
CA PRO B 475 -15.80 -10.25 -7.55
C PRO B 475 -17.13 -10.91 -7.24
N PRO B 476 -17.91 -11.29 -8.25
CA PRO B 476 -19.22 -11.89 -7.99
C PRO B 476 -19.15 -13.33 -7.54
N VAL B 477 -17.97 -13.97 -7.60
CA VAL B 477 -17.75 -15.27 -6.99
C VAL B 477 -16.47 -15.19 -6.18
N THR B 478 -16.36 -16.06 -5.19
CA THR B 478 -15.18 -16.08 -4.34
C THR B 478 -13.94 -16.35 -5.17
N ARG B 479 -12.88 -15.61 -4.88
CA ARG B 479 -11.58 -15.80 -5.51
C ARG B 479 -10.54 -16.13 -4.44
N ASN B 480 -9.51 -16.86 -4.86
CA ASN B 480 -8.38 -17.14 -3.98
C ASN B 480 -7.10 -17.03 -4.84
N GLU B 481 -5.96 -17.39 -4.27
CA GLU B 481 -4.71 -17.15 -4.96
C GLU B 481 -4.41 -18.19 -6.05
N THR B 482 -5.26 -19.21 -6.22
CA THR B 482 -5.16 -20.00 -7.43
C THR B 482 -5.64 -19.20 -8.63
N HIS B 483 -6.53 -18.25 -8.40
CA HIS B 483 -6.97 -17.35 -9.45
C HIS B 483 -5.95 -16.25 -9.65
N PHE B 484 -5.84 -15.78 -10.89
CA PHE B 484 -4.90 -14.75 -11.29
C PHE B 484 -5.68 -13.80 -12.20
N ASP B 485 -6.55 -13.01 -11.56
CA ASP B 485 -7.52 -12.23 -12.32
C ASP B 485 -6.88 -11.06 -13.04
N ALA B 486 -5.75 -10.55 -12.55
CA ALA B 486 -5.00 -9.56 -13.32
C ALA B 486 -4.58 -10.15 -14.67
N GLY B 487 -4.26 -11.44 -14.71
CA GLY B 487 -3.85 -12.07 -15.95
C GLY B 487 -4.94 -12.17 -17.00
N ALA B 488 -6.20 -11.98 -16.60
CA ALA B 488 -7.31 -12.03 -17.52
C ALA B 488 -7.55 -10.69 -18.22
N LYS B 489 -6.64 -9.74 -18.03
CA LYS B 489 -6.66 -8.45 -18.73
C LYS B 489 -5.52 -8.41 -19.72
N PHE B 490 -5.83 -8.14 -20.99
CA PHE B 490 -4.88 -8.27 -22.09
C PHE B 490 -3.49 -7.76 -21.76
N HIS B 491 -3.39 -6.56 -21.20
CA HIS B 491 -2.11 -5.87 -21.10
C HIS B 491 -1.14 -6.54 -20.13
N VAL B 492 -1.64 -7.41 -19.25
CA VAL B 492 -0.76 -8.03 -18.26
C VAL B 492 0.05 -9.13 -18.94
N PRO B 493 -0.56 -10.17 -19.50
CA PRO B 493 0.25 -11.17 -20.21
C PRO B 493 0.97 -10.61 -21.42
N ASN B 494 0.46 -9.55 -22.02
CA ASN B 494 1.12 -8.95 -23.17
C ASN B 494 2.13 -7.87 -22.77
N VAL B 495 2.34 -7.66 -21.47
CA VAL B 495 3.40 -6.81 -20.96
C VAL B 495 3.34 -5.45 -21.65
N THR B 496 2.16 -4.85 -21.66
CA THR B 496 1.96 -3.50 -22.17
C THR B 496 1.66 -2.60 -20.98
N PRO B 497 2.45 -1.56 -20.71
CA PRO B 497 2.16 -0.70 -19.56
C PRO B 497 0.78 -0.07 -19.69
N TYR B 498 0.24 0.37 -18.56
CA TYR B 498 -1.13 0.84 -18.50
C TYR B 498 -1.29 2.28 -18.01
N ILE B 499 -0.33 2.84 -17.27
CA ILE B 499 -0.53 4.18 -16.71
C ILE B 499 -0.70 5.20 -17.84
N ARG B 500 -0.14 4.90 -19.01
CA ARG B 500 -0.35 5.74 -20.20
C ARG B 500 -1.82 6.06 -20.44
N TYR B 501 -2.73 5.14 -20.07
CA TYR B 501 -4.14 5.35 -20.37
C TYR B 501 -4.79 6.30 -19.35
N PHE B 502 -4.40 6.22 -18.08
CA PHE B 502 -4.81 7.24 -17.13
C PHE B 502 -4.32 8.61 -17.57
N VAL B 503 -3.04 8.70 -17.96
CA VAL B 503 -2.50 9.96 -18.44
C VAL B 503 -3.29 10.45 -19.66
N SER B 504 -3.58 9.53 -20.58
N SER B 504 -3.62 9.53 -20.58
CA SER B 504 -4.27 9.91 -21.82
CA SER B 504 -4.25 9.95 -21.82
C SER B 504 -5.66 10.45 -21.54
C SER B 504 -5.69 10.42 -21.59
N PHE B 505 -6.40 9.79 -20.65
CA PHE B 505 -7.79 10.18 -20.40
C PHE B 505 -7.90 11.55 -19.76
N VAL B 506 -6.85 12.00 -19.08
CA VAL B 506 -6.80 13.39 -18.62
C VAL B 506 -6.27 14.30 -19.73
N LEU B 507 -5.19 13.85 -20.39
CA LEU B 507 -4.51 14.67 -21.38
C LEU B 507 -5.41 15.00 -22.56
N GLN B 508 -6.27 14.05 -22.96
CA GLN B 508 -7.05 14.27 -24.17
C GLN B 508 -8.00 15.46 -24.02
N PHE B 509 -8.44 15.74 -22.79
CA PHE B 509 -9.29 16.91 -22.57
C PHE B 509 -8.47 18.20 -22.57
N GLN B 510 -7.21 18.14 -22.17
CA GLN B 510 -6.33 19.28 -22.36
C GLN B 510 -6.14 19.55 -23.85
N PHE B 511 -5.89 18.50 -24.63
CA PHE B 511 -5.78 18.63 -26.07
C PHE B 511 -7.07 19.18 -26.67
N HIS B 512 -8.21 18.61 -26.25
CA HIS B 512 -9.50 19.04 -26.78
C HIS B 512 -9.71 20.53 -26.58
N GLU B 513 -9.42 21.02 -25.37
CA GLU B 513 -9.60 22.45 -25.11
C GLU B 513 -8.66 23.29 -25.95
N ALA B 514 -7.41 22.86 -26.09
CA ALA B 514 -6.46 23.62 -26.91
C ALA B 514 -6.90 23.68 -28.36
N LEU B 515 -7.36 22.55 -28.92
CA LEU B 515 -7.73 22.53 -30.32
C LEU B 515 -9.04 23.25 -30.57
N CYS B 516 -9.98 23.15 -29.64
CA CYS B 516 -11.26 23.85 -29.78
C CYS B 516 -11.06 25.37 -29.76
N LYS B 517 -10.24 25.86 -28.83
CA LYS B 517 -9.89 27.28 -28.83
C LYS B 517 -9.18 27.66 -30.12
N GLU B 518 -8.26 26.81 -30.58
CA GLU B 518 -7.53 27.09 -31.81
C GLU B 518 -8.44 27.06 -33.02
N ALA B 519 -9.53 26.30 -32.95
CA ALA B 519 -10.48 26.24 -34.07
C ALA B 519 -11.44 27.41 -34.10
N GLY B 520 -11.36 28.32 -33.13
CA GLY B 520 -12.28 29.44 -33.04
C GLY B 520 -13.60 29.11 -32.37
N TYR B 521 -13.76 27.90 -31.84
CA TYR B 521 -15.00 27.53 -31.20
C TYR B 521 -15.19 28.33 -29.93
N GLU B 522 -16.46 28.67 -29.64
CA GLU B 522 -16.77 29.49 -28.48
C GLU B 522 -17.96 28.99 -27.66
N GLY B 523 -18.60 27.89 -28.05
CA GLY B 523 -19.66 27.31 -27.27
C GLY B 523 -19.11 26.47 -26.13
N PRO B 524 -19.97 25.69 -25.48
CA PRO B 524 -19.50 24.82 -24.39
C PRO B 524 -18.44 23.85 -24.90
N LEU B 525 -17.46 23.56 -24.05
CA LEU B 525 -16.35 22.71 -24.47
C LEU B 525 -16.84 21.35 -24.95
N HIS B 526 -17.88 20.81 -24.31
CA HIS B 526 -18.36 19.47 -24.63
C HIS B 526 -19.22 19.43 -25.88
N GLN B 527 -19.50 20.57 -26.50
CA GLN B 527 -20.20 20.61 -27.78
C GLN B 527 -19.27 20.99 -28.92
N CYS B 528 -17.96 21.05 -28.67
CA CYS B 528 -17.01 21.42 -29.69
C CYS B 528 -16.77 20.29 -30.68
N ASP B 529 -16.59 20.65 -31.94
CA ASP B 529 -16.29 19.70 -33.00
C ASP B 529 -15.23 20.34 -33.88
N ILE B 530 -14.00 19.81 -33.83
CA ILE B 530 -12.89 20.40 -34.59
C ILE B 530 -12.85 19.91 -36.04
N TYR B 531 -13.79 19.07 -36.44
CA TYR B 531 -13.93 18.65 -37.83
C TYR B 531 -13.67 19.81 -38.78
N ARG B 532 -12.77 19.58 -39.74
CA ARG B 532 -12.44 20.52 -40.81
C ARG B 532 -11.73 21.77 -40.33
N SER B 533 -11.19 21.79 -39.11
CA SER B 533 -10.40 22.92 -38.63
C SER B 533 -8.95 22.68 -39.01
N THR B 534 -8.49 23.37 -40.07
CA THR B 534 -7.09 23.27 -40.47
C THR B 534 -6.18 23.91 -39.44
N LYS B 535 -6.66 24.93 -38.73
CA LYS B 535 -5.88 25.53 -37.65
C LYS B 535 -5.65 24.52 -36.52
N ALA B 536 -6.73 23.86 -36.08
CA ALA B 536 -6.58 22.83 -35.06
C ALA B 536 -5.69 21.70 -35.56
N GLY B 537 -5.88 21.27 -36.82
CA GLY B 537 -5.01 20.26 -37.39
C GLY B 537 -3.56 20.68 -37.38
N ALA B 538 -3.30 21.96 -37.66
CA ALA B 538 -1.92 22.44 -37.66
C ALA B 538 -1.28 22.33 -36.29
N LYS B 539 -2.01 22.76 -35.25
CA LYS B 539 -1.49 22.69 -33.89
C LYS B 539 -1.24 21.25 -33.46
N LEU B 540 -2.11 20.33 -33.87
CA LEU B 540 -1.91 18.92 -33.54
C LEU B 540 -0.76 18.33 -34.32
N ARG B 541 -0.61 18.72 -35.58
CA ARG B 541 0.48 18.19 -36.40
C ARG B 541 1.84 18.52 -35.80
N LYS B 542 1.97 19.70 -35.19
CA LYS B 542 3.25 20.06 -34.59
C LYS B 542 3.64 19.07 -33.51
N VAL B 543 2.68 18.64 -32.69
CA VAL B 543 2.97 17.67 -31.65
C VAL B 543 3.39 16.34 -32.26
N LEU B 544 2.64 15.86 -33.26
CA LEU B 544 2.91 14.55 -33.83
C LEU B 544 4.28 14.50 -34.49
N ARG B 545 4.73 15.63 -35.07
CA ARG B 545 6.03 15.66 -35.72
C ARG B 545 7.18 15.79 -34.74
N ALA B 546 6.93 16.30 -33.52
CA ALA B 546 7.98 16.38 -32.53
C ALA B 546 8.42 15.02 -32.03
N GLY B 547 7.57 14.01 -32.15
CA GLY B 547 7.91 12.70 -31.62
C GLY B 547 8.33 12.82 -30.17
N SER B 548 9.46 12.20 -29.83
CA SER B 548 10.06 12.34 -28.51
C SER B 548 11.40 13.07 -28.59
N SER B 549 11.51 14.04 -29.51
CA SER B 549 12.73 14.82 -29.62
C SER B 549 12.85 15.83 -28.49
N ARG B 550 11.72 16.35 -27.99
CA ARG B 550 11.70 17.38 -26.98
C ARG B 550 11.00 16.90 -25.72
N PRO B 551 11.32 17.47 -24.56
CA PRO B 551 10.59 17.11 -23.34
C PRO B 551 9.10 17.31 -23.49
N TRP B 552 8.32 16.33 -23.03
CA TRP B 552 6.88 16.42 -23.19
C TRP B 552 6.32 17.64 -22.47
N GLN B 553 6.97 18.07 -21.38
CA GLN B 553 6.53 19.29 -20.71
C GLN B 553 6.60 20.48 -21.66
N GLU B 554 7.62 20.53 -22.52
CA GLU B 554 7.77 21.63 -23.46
C GLU B 554 6.80 21.51 -24.63
N VAL B 555 6.67 20.30 -25.18
CA VAL B 555 5.69 20.07 -26.25
C VAL B 555 4.30 20.43 -25.78
N LEU B 556 4.01 20.20 -24.49
CA LEU B 556 2.67 20.41 -23.98
C LEU B 556 2.36 21.89 -23.82
N LYS B 557 3.28 22.66 -23.25
CA LYS B 557 3.04 24.10 -23.07
C LYS B 557 2.87 24.77 -24.42
N ASP B 558 3.61 24.32 -25.43
CA ASP B 558 3.41 24.83 -26.79
C ASP B 558 1.96 24.69 -27.21
N MET B 559 1.33 23.57 -26.87
CA MET B 559 0.00 23.24 -27.36
C MET B 559 -1.10 23.86 -26.52
N VAL B 560 -1.03 23.71 -25.20
CA VAL B 560 -2.14 24.02 -24.31
C VAL B 560 -1.86 25.20 -23.40
N GLY B 561 -0.63 25.72 -23.37
CA GLY B 561 -0.31 26.83 -22.50
C GLY B 561 0.20 26.45 -21.12
N LEU B 562 0.23 25.17 -20.80
CA LEU B 562 0.67 24.69 -19.50
C LEU B 562 1.64 23.54 -19.72
N ASP B 563 2.58 23.38 -18.78
CA ASP B 563 3.66 22.41 -18.92
C ASP B 563 3.46 21.18 -18.04
N ALA B 564 2.21 20.86 -17.71
CA ALA B 564 1.96 19.69 -16.86
C ALA B 564 0.53 19.22 -17.08
N LEU B 565 0.29 17.97 -16.71
CA LEU B 565 -1.06 17.42 -16.73
C LEU B 565 -1.97 18.24 -15.83
N ASP B 566 -3.20 18.45 -16.29
CA ASP B 566 -4.16 19.28 -15.59
C ASP B 566 -5.55 18.68 -15.76
N ALA B 567 -6.25 18.48 -14.64
CA ALA B 567 -7.58 17.91 -14.66
C ALA B 567 -8.66 18.95 -14.93
N GLN B 568 -8.33 20.24 -14.89
CA GLN B 568 -9.36 21.25 -15.04
C GLN B 568 -10.09 21.14 -16.38
N PRO B 569 -9.43 20.92 -17.52
CA PRO B 569 -10.20 20.74 -18.77
C PRO B 569 -11.20 19.61 -18.68
N LEU B 570 -10.80 18.44 -18.16
CA LEU B 570 -11.75 17.36 -18.00
C LEU B 570 -12.91 17.77 -17.09
N LEU B 571 -12.60 18.46 -15.99
CA LEU B 571 -13.65 18.90 -15.08
C LEU B 571 -14.57 19.91 -15.76
N LYS B 572 -13.99 20.83 -16.55
CA LYS B 572 -14.78 21.81 -17.26
C LYS B 572 -15.69 21.15 -18.29
N TYR B 573 -15.19 20.10 -18.94
CA TYR B 573 -15.99 19.38 -19.92
C TYR B 573 -17.23 18.76 -19.28
N PHE B 574 -17.07 18.13 -18.12
CA PHE B 574 -18.15 17.40 -17.47
C PHE B 574 -18.92 18.23 -16.45
N GLN B 575 -18.61 19.52 -16.32
CA GLN B 575 -19.13 20.33 -15.22
C GLN B 575 -20.63 20.16 -15.02
N LEU B 576 -21.39 20.14 -16.11
CA LEU B 576 -22.85 20.12 -15.98
C LEU B 576 -23.36 18.79 -15.43
N VAL B 577 -22.80 17.68 -15.89
CA VAL B 577 -23.28 16.38 -15.41
C VAL B 577 -22.68 16.07 -14.03
N THR B 578 -21.51 16.64 -13.73
CA THR B 578 -20.97 16.53 -12.37
C THR B 578 -21.95 17.14 -11.36
N GLN B 579 -22.55 18.29 -11.71
CA GLN B 579 -23.52 18.90 -10.81
C GLN B 579 -24.82 18.10 -10.76
N TRP B 580 -25.33 17.71 -11.93
CA TRP B 580 -26.57 16.94 -11.97
C TRP B 580 -26.46 15.66 -11.16
N LEU B 581 -25.33 14.95 -11.29
CA LEU B 581 -25.18 13.67 -10.59
C LEU B 581 -25.20 13.86 -9.08
N GLN B 582 -24.51 14.88 -8.58
CA GLN B 582 -24.58 15.18 -7.15
C GLN B 582 -26.04 15.31 -6.70
N GLU B 583 -26.82 16.11 -7.43
CA GLU B 583 -28.19 16.36 -7.03
C GLU B 583 -29.00 15.08 -7.01
N GLN B 584 -28.90 14.27 -8.07
CA GLN B 584 -29.65 13.01 -8.11
C GLN B 584 -29.30 12.15 -6.92
N ASN B 585 -28.01 12.01 -6.61
CA ASN B 585 -27.60 11.17 -5.50
C ASN B 585 -28.10 11.71 -4.16
N GLN B 586 -28.05 13.04 -3.99
CA GLN B 586 -28.57 13.64 -2.76
C GLN B 586 -30.07 13.39 -2.63
N GLN B 587 -30.83 13.58 -3.71
CA GLN B 587 -32.27 13.37 -3.65
C GLN B 587 -32.60 11.93 -3.29
N ASN B 588 -31.82 10.97 -3.79
CA ASN B 588 -32.04 9.57 -3.48
C ASN B 588 -31.37 9.15 -2.17
N GLY B 589 -30.78 10.09 -1.43
CA GLY B 589 -30.12 9.74 -0.19
C GLY B 589 -29.02 8.72 -0.36
N GLU B 590 -28.27 8.80 -1.45
CA GLU B 590 -27.21 7.83 -1.71
C GLU B 590 -26.09 7.98 -0.70
N VAL B 591 -25.40 6.87 -0.45
CA VAL B 591 -24.12 6.89 0.25
C VAL B 591 -23.03 6.88 -0.81
N LEU B 592 -22.19 7.91 -0.82
CA LEU B 592 -21.07 7.96 -1.74
C LEU B 592 -19.96 7.05 -1.23
N GLY B 593 -19.48 6.17 -2.09
CA GLY B 593 -18.51 5.17 -1.69
C GLY B 593 -19.16 3.84 -1.39
N TRP B 594 -18.38 2.97 -0.79
CA TRP B 594 -18.80 1.59 -0.53
C TRP B 594 -18.29 1.18 0.86
N PRO B 595 -18.86 1.76 1.91
CA PRO B 595 -18.37 1.48 3.27
C PRO B 595 -18.52 0.02 3.69
N GLU B 596 -19.46 -0.73 3.10
CA GLU B 596 -19.55 -2.17 3.37
C GLU B 596 -18.60 -2.89 2.41
N TYR B 597 -17.31 -2.64 2.65
CA TYR B 597 -16.26 -3.05 1.72
C TYR B 597 -16.08 -4.56 1.66
N GLN B 598 -16.57 -5.28 2.68
CA GLN B 598 -16.47 -6.73 2.72
C GLN B 598 -17.54 -7.42 1.90
N TRP B 599 -18.56 -6.69 1.46
CA TRP B 599 -19.73 -7.33 0.88
C TRP B 599 -19.42 -7.95 -0.48
N HIS B 600 -19.94 -9.15 -0.68
CA HIS B 600 -19.97 -9.82 -1.97
C HIS B 600 -21.39 -10.34 -2.21
N PRO B 601 -21.84 -10.38 -3.46
CA PRO B 601 -23.18 -10.88 -3.74
C PRO B 601 -23.27 -12.38 -3.51
N PRO B 602 -24.46 -12.92 -3.29
CA PRO B 602 -24.61 -14.37 -3.23
C PRO B 602 -24.58 -14.99 -4.61
N LEU B 603 -24.45 -16.31 -4.63
CA LEU B 603 -24.54 -17.04 -5.90
C LEU B 603 -25.99 -17.14 -6.35
N PRO B 604 -26.23 -17.15 -7.65
CA PRO B 604 -27.59 -17.46 -8.13
C PRO B 604 -27.99 -18.87 -7.72
N ASP B 605 -29.30 -19.06 -7.54
CA ASP B 605 -29.80 -20.34 -7.07
C ASP B 605 -29.41 -21.45 -8.04
N ASN B 606 -28.78 -22.49 -7.50
CA ASN B 606 -28.34 -23.66 -8.27
C ASN B 606 -27.53 -23.24 -9.49
N TYR B 607 -26.45 -22.52 -9.21
CA TYR B 607 -25.44 -22.13 -10.20
C TYR B 607 -24.30 -23.14 -10.19
N PRO B 608 -23.75 -23.53 -11.35
CA PRO B 608 -24.05 -23.11 -12.72
C PRO B 608 -25.04 -24.01 -13.46
N GLU B 609 -25.74 -24.88 -12.74
CA GLU B 609 -26.56 -25.89 -13.41
C GLU B 609 -27.61 -25.26 -14.33
N GLY B 610 -28.19 -24.14 -13.91
CA GLY B 610 -29.18 -23.45 -14.73
C GLY B 610 -28.66 -23.10 -16.11
C1 NAG C . -10.57 10.88 42.45
C2 NAG C . -10.22 10.80 43.94
C3 NAG C . -11.11 11.73 44.75
C4 NAG C . -11.07 13.15 44.21
C5 NAG C . -11.32 13.20 42.71
C6 NAG C . -10.97 14.55 42.12
C7 NAG C . -9.27 8.77 44.93
C8 NAG C . -9.55 7.40 45.46
N2 NAG C . -10.32 9.45 44.45
O3 NAG C . -10.68 11.72 46.11
O4 NAG C . -12.09 13.92 44.85
O5 NAG C . -10.49 12.25 42.02
O6 NAG C . -11.59 14.74 40.85
O7 NAG C . -8.13 9.25 44.95
H1 NAG C . -11.48 10.56 42.32
H2 NAG C . -9.30 11.11 44.03
H3 NAG C . -12.03 11.41 44.70
H4 NAG C . -10.19 13.52 44.40
H5 NAG C . -12.25 12.97 42.54
H61 NAG C . -11.28 15.24 42.73
H62 NAG C . -10.01 14.61 42.03
H81 NAG C . -9.80 7.45 46.40
H82 NAG C . -10.30 7.01 44.96
H83 NAG C . -8.76 6.84 45.35
HN2 NAG C . -11.12 9.04 44.44
HO3 NAG C . -11.33 12.01 46.64
HO6 NAG C . -11.09 15.31 40.38
C1 NAG C . -11.59 14.79 45.89
C2 NAG C . -12.59 15.93 46.04
C3 NAG C . -12.14 16.88 47.17
C4 NAG C . -11.90 16.09 48.45
C5 NAG C . -10.91 14.95 48.18
C6 NAG C . -10.70 14.06 49.39
C7 NAG C . -13.76 16.48 43.96
C8 NAG C . -13.75 17.32 42.72
N2 NAG C . -12.73 16.67 44.80
O3 NAG C . -13.14 17.86 47.39
O4 NAG C . -11.37 16.94 49.46
O5 NAG C . -11.42 14.11 47.13
O6 NAG C . -9.32 13.78 49.58
O7 NAG C . -14.64 15.66 44.19
H2 NAG C . -13.45 15.56 46.29
H3 NAG C . -11.31 17.31 46.90
H4 NAG C . -12.74 15.71 48.76
H5 NAG C . -10.06 15.32 47.90
H61 NAG C . -11.04 14.51 50.18
H62 NAG C . -11.18 13.22 49.26
H81 NAG C . -13.78 18.27 42.97
H82 NAG C . -12.95 17.13 42.20
H83 NAG C . -14.54 17.10 42.18
HN2 NAG C . -12.11 17.29 44.58
HO3 NAG C . -12.94 18.34 48.11
HO4 NAG C . -11.90 16.93 50.16
HO6 NAG C . -9.23 13.12 50.17
C1 NAG D . 22.05 -28.56 27.85
C2 NAG D . 22.93 -27.52 28.55
C3 NAG D . 23.87 -26.83 27.56
C4 NAG D . 24.59 -27.83 26.67
C5 NAG D . 23.58 -28.81 26.06
C6 NAG D . 24.25 -29.91 25.25
C7 NAG D . 21.70 -26.60 30.48
C8 NAG D . 20.85 -25.46 30.97
N2 NAG D . 22.10 -26.51 29.21
O3 NAG D . 24.83 -26.07 28.27
O4 NAG D . 25.21 -27.12 25.62
O5 NAG D . 22.86 -29.46 27.11
O6 NAG D . 25.28 -30.53 26.01
O7 NAG D . 22.01 -27.54 31.20
H1 NAG D . 21.43 -28.11 27.24
H2 NAG D . 23.48 -27.98 29.21
H3 NAG D . 23.33 -26.25 26.99
H4 NAG D . 25.23 -28.34 27.19
H5 NAG D . 22.97 -28.33 25.48
H61 NAG D . 23.58 -30.57 25.00
H62 NAG D . 24.63 -29.52 24.44
H81 NAG D . 21.37 -24.63 30.93
H82 NAG D . 20.06 -25.38 30.40
H83 NAG D . 20.58 -25.63 31.89
HN2 NAG D . 21.84 -25.80 28.72
HO3 NAG D . 25.17 -25.44 27.75
C1 NAG D . 26.65 -27.25 25.72
C2 NAG D . 27.15 -26.72 24.40
C3 NAG D . 28.65 -26.89 24.32
C4 NAG D . 29.31 -26.20 25.52
C5 NAG D . 28.65 -26.61 26.84
C6 NAG D . 29.11 -25.77 28.01
C7 NAG D . 25.63 -26.78 22.48
C8 NAG D . 24.99 -27.62 21.43
N2 NAG D . 26.48 -27.40 23.30
O3 NAG D . 29.13 -26.31 23.11
O4 NAG D . 30.69 -26.55 25.58
O5 NAG D . 27.23 -26.49 26.78
O6 NAG D . 28.32 -25.99 29.16
O7 NAG D . 25.39 -25.57 22.59
H1 NAG D . 26.90 -28.18 25.90
H2 NAG D . 26.95 -25.77 24.34
H3 NAG D . 28.88 -27.83 24.34
H4 NAG D . 29.20 -25.23 25.40
H5 NAG D . 28.87 -27.56 27.01
H61 NAG D . 30.04 -25.99 28.22
H62 NAG D . 29.05 -24.83 27.76
H81 NAG D . 25.67 -28.18 21.00
H82 NAG D . 24.30 -28.18 21.83
H83 NAG D . 24.58 -27.05 20.75
HN2 NAG D . 26.64 -28.29 23.16
HO3 NAG D . 30.02 -26.32 23.11
HO6 NAG D . 27.46 -25.89 28.95
C1 BMA D . 31.54 -25.39 25.60
C2 BMA D . 32.85 -25.86 26.24
C3 BMA D . 33.91 -24.76 26.14
C4 BMA D . 34.02 -24.22 24.71
C5 BMA D . 32.64 -23.81 24.15
C6 BMA D . 32.69 -23.44 22.68
O2 BMA D . 33.35 -26.99 25.56
O3 BMA D . 35.18 -25.23 26.57
O4 BMA D . 34.88 -23.10 24.70
O5 BMA D . 31.74 -24.91 24.28
O6 BMA D . 31.41 -22.97 22.29
H1 BMA D . 31.09 -24.58 26.20
H2 BMA D . 32.66 -26.07 27.31
H3 BMA D . 33.64 -23.92 26.79
H4 BMA D . 34.40 -25.03 24.06
H5 BMA D . 32.27 -22.95 24.74
H61 BMA D . 33.46 -22.67 22.54
H62 BMA D . 32.99 -24.33 22.11
HO2 BMA D . 32.69 -27.20 24.87
HO3 BMA D . 35.09 -25.35 27.53
HO4 BMA D . 35.60 -23.31 25.31
HO6 BMA D . 30.74 -23.47 22.78
C1 FUC D . 26.25 -31.15 25.12
C2 FUC D . 27.37 -31.67 26.04
C3 FUC D . 26.85 -32.81 26.93
C4 FUC D . 26.20 -33.90 26.07
C5 FUC D . 25.13 -33.29 25.16
C6 FUC D . 24.54 -34.28 24.17
O2 FUC D . 27.94 -30.62 26.83
O3 FUC D . 27.93 -33.40 27.64
O4 FUC D . 27.19 -34.55 25.28
O5 FUC D . 25.67 -32.21 24.38
H1 FUC D . 26.62 -30.45 24.38
H2 FUC D . 28.17 -32.06 25.41
H3 FUC D . 26.10 -32.41 27.62
H4 FUC D . 25.70 -34.63 26.73
H5 FUC D . 24.33 -32.90 25.81
H61 FUC D . 25.27 -34.50 23.38
H62 FUC D . 24.28 -35.22 24.67
H63 FUC D . 23.64 -33.86 23.71
HO2 FUC D . 28.53 -30.14 26.24
HO3 FUC D . 28.46 -32.66 27.98
HO4 FUC D . 27.08 -35.49 25.47
C1 NAG E . -22.19 -1.88 9.39
C2 NAG E . -23.46 -1.62 8.61
C3 NAG E . -24.51 -1.06 9.54
C4 NAG E . -24.81 -2.09 10.62
C5 NAG E . -23.51 -2.48 11.36
C6 NAG E . -23.73 -3.64 12.29
C7 NAG E . -22.99 0.54 7.52
C8 NAG E . -22.78 1.23 6.21
N2 NAG E . -23.23 -0.76 7.46
O3 NAG E . -25.70 -0.73 8.82
O4 NAG E . -25.76 -1.59 11.54
O5 NAG E . -22.47 -2.85 10.44
O6 NAG E . -22.98 -4.78 11.88
O7 NAG E . -22.93 1.16 8.58
H1 NAG E . -21.88 -1.06 9.80
H2 NAG E . -23.78 -2.47 8.26
H3 NAG E . -24.19 -0.22 9.94
H4 NAG E . -25.17 -2.89 10.19
H5 NAG E . -23.20 -1.70 11.86
H61 NAG E . -23.45 -3.40 13.19
H62 NAG E . -24.67 -3.88 12.31
H81 NAG E . -21.88 1.05 5.89
H82 NAG E . -23.42 0.89 5.56
H83 NAG E . -22.90 2.19 6.31
HN2 NAG E . -23.26 -1.15 6.64
HO3 NAG E . -26.28 -0.36 9.39
HO4 NAG E . -26.43 -2.17 11.60
C1 FUC E . -23.81 -5.58 11.01
C2 FUC E . -22.90 -5.99 9.80
C3 FUC E . -23.01 -7.46 9.40
C4 FUC E . -24.41 -7.98 9.66
C5 FUC E . -24.68 -7.94 11.16
C6 FUC E . -26.14 -8.23 11.51
O2 FUC E . -21.53 -5.64 10.03
O3 FUC E . -22.75 -7.61 8.01
O4 FUC E . -25.35 -7.18 8.97
O5 FUC E . -24.36 -6.67 11.77
H2 FUC E . -23.27 -5.42 8.94
H3 FUC E . -22.29 -8.05 10.00
H4 FUC E . -24.49 -9.03 9.32
H5 FUC E . -24.01 -8.70 11.61
H61 FUC E . -26.78 -7.44 11.11
H62 FUC E . -26.44 -9.19 11.06
H63 FUC E . -26.27 -8.28 12.58
HO2 FUC E . -21.45 -4.70 9.77
HO3 FUC E . -22.58 -8.54 7.87
HO4 FUC E . -25.07 -7.20 8.05
C1 NAG F . -26.33 25.37 -27.60
C2 NAG F . -25.41 25.95 -28.67
C3 NAG F . -24.20 26.64 -28.00
C4 NAG F . -24.66 27.65 -26.96
C5 NAG F . -25.60 26.94 -25.98
C6 NAG F . -26.19 27.83 -24.90
C7 NAG F . -23.78 24.39 -29.76
C8 NAG F . -23.67 23.31 -30.81
N2 NAG F . -25.00 24.92 -29.62
O3 NAG F . -23.41 27.29 -29.00
O4 NAG F . -23.55 28.13 -26.20
O5 NAG F . -26.71 26.38 -26.69
O6 NAG F . -27.58 27.60 -24.77
O7 NAG F . -22.81 24.76 -29.11
H1 NAG F . -25.86 24.67 -27.12
H2 NAG F . -25.88 26.65 -29.16
H3 NAG F . -23.65 25.96 -27.57
H4 NAG F . -25.10 28.39 -27.40
H5 NAG F . -25.10 26.23 -25.55
H61 NAG F . -25.75 27.63 -24.06
H62 NAG F . -26.03 28.76 -25.14
H81 NAG F . -24.29 22.59 -30.60
H82 NAG F . -23.88 23.68 -31.68
H83 NAG F . -22.75 22.96 -30.81
HN2 NAG F . -25.66 24.60 -30.17
HO3 NAG F . -22.70 27.66 -28.62
C1 NAG F . -23.28 29.54 -26.28
C2 NAG F . -22.63 29.99 -24.97
C3 NAG F . -22.17 31.44 -25.07
C4 NAG F . -21.25 31.62 -26.27
C5 NAG F . -21.97 31.15 -27.53
C6 NAG F . -21.09 31.20 -28.76
C7 NAG F . -23.30 29.07 -22.79
C8 NAG F . -24.35 29.06 -21.72
N2 NAG F . -23.55 29.85 -23.86
O3 NAG F . -21.47 31.79 -23.89
O4 NAG F . -20.88 32.98 -26.41
O5 NAG F . -22.40 29.79 -27.38
O6 NAG F . -21.37 30.12 -29.64
O7 NAG F . -22.27 28.42 -22.70
H1 NAG F . -24.10 30.04 -26.41
H2 NAG F . -21.86 29.43 -24.81
H3 NAG F . -22.94 32.03 -25.18
H4 NAG F . -20.45 31.08 -26.16
H5 NAG F . -22.77 31.72 -27.68
H61 NAG F . -21.25 32.04 -29.23
H62 NAG F . -20.16 31.16 -28.48
H81 NAG F . -24.35 29.92 -21.27
H82 NAG F . -25.22 28.89 -22.12
H83 NAG F . -24.15 28.35 -21.08
HN2 NAG F . -24.35 30.31 -23.88
HO3 NAG F . -21.35 32.67 -23.85
HO6 NAG F . -20.76 29.47 -29.50
C1 BMA F . -19.49 33.06 -26.03
C2 BMA F . -18.79 33.97 -27.04
C3 BMA F . -17.34 34.18 -26.63
C4 BMA F . -17.21 34.61 -25.15
C5 BMA F . -18.03 33.68 -24.22
C6 BMA F . -18.13 34.19 -22.80
O2 BMA F . -19.41 35.25 -27.08
O3 BMA F . -16.69 35.13 -27.47
O4 BMA F . -15.85 34.59 -24.76
O5 BMA F . -19.37 33.59 -24.72
O6 BMA F . -16.81 34.42 -22.31
H2 BMA F . -18.84 33.50 -28.04
H3 BMA F . -16.78 33.24 -26.75
H4 BMA F . -17.66 35.61 -25.06
H5 BMA F . -17.56 32.69 -24.23
H61 BMA F . -18.72 35.12 -22.80
H62 BMA F . -18.65 33.44 -22.20
HO2 BMA F . -20.34 35.10 -26.87
HO3 BMA F . -17.35 35.35 -28.15
HO4 BMA F . -15.36 34.97 -25.51
HO6 BMA F . -16.65 35.37 -22.33
C1 FUC F . -28.14 26.59 -23.84
C2 FUC F . -27.58 25.08 -24.09
C3 FUC F . -27.90 24.16 -22.92
C4 FUC F . -29.05 24.70 -22.09
C5 FUC F . -28.67 26.06 -21.48
C6 FUC F . -29.91 26.81 -20.96
O2 FUC F . -26.20 24.97 -24.32
O3 FUC F . -28.27 22.87 -23.40
O4 FUC F . -30.22 24.83 -22.90
O5 FUC F . -27.96 26.94 -22.42
H2 FUC F . -28.10 24.78 -25.00
H3 FUC F . -27.01 24.10 -22.27
H4 FUC F . -29.25 24.00 -21.26
H5 FUC F . -27.98 25.88 -20.65
H61 FUC F . -30.62 26.97 -21.78
H62 FUC F . -30.39 26.23 -20.18
H63 FUC F . -29.60 27.78 -20.56
HO2 FUC F . -26.08 24.11 -24.76
HO3 FUC F . -29.04 23.01 -23.96
HO4 FUC F . -30.93 24.43 -22.38
C1 NAG G . -9.96 -21.67 -4.77
C2 NAG G . -10.05 -22.82 -3.79
C3 NAG G . -10.28 -24.12 -4.53
C4 NAG G . -11.56 -24.01 -5.33
C5 NAG G . -11.50 -22.80 -6.26
C6 NAG G . -12.80 -22.52 -6.98
C7 NAG G . -7.63 -23.09 -3.37
C8 NAG G . -6.56 -23.08 -2.33
N2 NAG G . -8.87 -22.88 -2.93
O3 NAG G . -10.35 -25.21 -3.60
O4 NAG G . -11.78 -25.20 -6.09
O5 NAG G . -11.18 -21.60 -5.53
O6 NAG G . -13.92 -22.49 -6.10
O7 NAG G . -7.38 -23.28 -4.56
H1 NAG G . -9.21 -21.83 -5.38
H2 NAG G . -10.82 -22.67 -3.21
H3 NAG G . -9.52 -24.30 -5.12
H4 NAG G . -12.32 -23.90 -4.71
H5 NAG G . -10.79 -22.96 -6.91
H61 NAG G . -12.73 -21.67 -7.44
H62 NAG G . -12.95 -23.22 -7.65
H81 NAG G . -6.27 -22.16 -2.17
H82 NAG G . -6.90 -23.47 -1.51
H83 NAG G . -5.79 -23.61 -2.65
HN2 NAG G . -8.99 -22.77 -2.04
HO3 NAG G . -10.30 -25.97 -4.05
HO4 NAG G . -12.66 -25.36 -6.12
C1 FUC G . -14.03 -21.17 -5.52
C2 FUC G . -15.47 -20.62 -5.74
C3 FUC G . -16.51 -21.42 -4.95
C4 FUC G . -16.10 -21.57 -3.47
C5 FUC G . -14.65 -22.07 -3.38
C6 FUC G . -14.10 -22.06 -1.96
O2 FUC G . -15.81 -20.52 -7.12
O3 FUC G . -17.77 -20.75 -4.97
O4 FUC G . -16.23 -20.32 -2.80
O5 FUC G . -13.75 -21.25 -4.15
H2 FUC G . -15.48 -19.59 -5.34
H3 FUC G . -16.58 -22.43 -5.41
H4 FUC G . -16.74 -22.34 -3.01
H5 FUC G . -14.63 -23.08 -3.78
H61 FUC G . -13.94 -21.03 -1.62
H62 FUC G . -14.83 -22.53 -1.28
H63 FUC G . -13.16 -22.62 -1.91
HO2 FUC G . -15.17 -19.92 -7.52
HO3 FUC G . -17.86 -20.37 -5.86
HO4 FUC G . -16.73 -20.53 -2.00
C12 8JV H . 3.80 -5.00 23.11
C13 8JV H . 4.95 -4.86 23.78
C14 8JV H . 4.50 -4.38 25.21
C15 8JV H . 4.42 -5.57 25.99
C16 8JV H . 5.61 -6.00 26.58
C02 8JV H . 4.65 0.03 27.25
C03 8JV H . 3.16 0.06 26.96
C05 8JV H . 2.97 -2.36 27.22
C06 8JV H . 2.51 -2.61 25.78
C08 8JV H . 2.86 -3.79 23.65
C09 8JV H . 1.39 -4.19 23.61
C17 8JV H . 5.65 -7.16 27.33
C18 8JV H . 4.50 -7.92 27.49
C19 8JV H . 4.57 -9.20 28.31
C20 8JV H . 3.31 -7.52 26.88
C21 8JV H . 3.28 -6.34 26.13
C23 8JV H . 2.61 1.40 27.43
C24 8JV H . 3.19 2.58 26.62
C25 8JV H . 2.59 3.96 26.98
C26 8JV H . 1.44 4.06 27.76
C27 8JV H . 0.92 5.30 28.07
C28 8JV H . 1.54 6.45 27.62
C29 8JV H . 2.69 6.36 26.84
C30 8JV H . 3.21 5.12 26.53
N04 8JV H . 2.50 -1.04 27.69
N07 8JV H . 3.22 -3.56 24.92
O01 8JV H . 5.07 -0.15 28.42
O10 8JV H . 0.71 -3.93 22.57
O11 8JV H . 0.83 -4.74 24.60
O22 8JV H . 1.57 -2.05 25.35
O31 8JV H . 5.46 0.18 26.29
H121 8JV H . 3.95 -4.91 22.15
H122 8JV H . 3.39 -5.86 23.30
H131 8JV H . 5.42 -5.69 23.83
H132 8JV H . 5.50 -4.18 23.36
H141 8JV H . 5.07 -3.77 25.71
H161 8JV H . 6.38 -5.50 26.48
H031 8JV H . 3.00 -0.06 26.01
H052 8JV H . 2.61 -3.05 27.80
H051 8JV H . 3.94 -2.39 27.25
H081 8JV H . 3.02 -3.00 23.13
H171 8JV H . 6.43 -7.43 27.74
H193 8JV H . 5.24 -9.10 29.01
H192 8JV H . 4.81 -9.95 27.74
H191 8JV H . 3.70 -9.38 28.72
H201 8JV H . 2.54 -8.03 26.99
H211 8JV H . 2.49 -6.08 25.71
H232 8JV H . 2.82 1.53 28.37
H231 8JV H . 1.64 1.40 27.33
H242 8JV H . 4.15 2.62 26.77
H241 8JV H . 3.03 2.42 25.67
H261 8JV H . 1.02 3.28 28.07
H271 8JV H . 0.15 5.37 28.59
H281 8JV H . 1.19 7.28 27.83
H291 8JV H . 3.11 7.12 26.55
H301 8JV H . 3.98 5.05 26.01
H1 8JV H . 2.69 -0.95 28.55
ZN ZN I . 7.23 -0.41 26.95
CL CL J . 8.67 4.70 17.91
MG MG K . -1.41 -16.31 29.68
C ACT L . 5.32 6.32 4.93
O ACT L . 5.01 5.12 5.18
OXT ACT L . 6.47 6.81 4.73
CH3 ACT L . 4.13 7.31 4.86
H1 ACT L . 3.31 6.84 5.11
H2 ACT L . 4.28 8.05 5.46
H3 ACT L . 4.05 7.64 3.96
C ACT M . 25.03 -12.95 15.35
O ACT M . 24.72 -14.02 15.96
OXT ACT M . 24.99 -11.76 15.78
CH3 ACT M . 25.53 -13.11 13.89
H1 ACT M . 25.81 -12.25 13.54
H2 ACT M . 26.29 -13.72 13.87
H3 ACT M . 24.82 -13.47 13.34
OH2 1PE N . 2.99 9.39 30.03
C12 1PE N . 3.42 8.79 31.22
C22 1PE N . 3.61 7.29 30.99
OH3 1PE N . 4.58 7.12 29.98
C13 1PE N . 5.87 5.71 28.57
C23 1PE N . 4.76 5.79 29.59
OH4 1PE N . 6.11 4.37 28.23
C14 1PE N . 8.28 4.39 27.22
C24 1PE N . 6.77 4.19 27.01
OH5 1PE N . 8.61 5.75 27.15
C15 1PE N . 10.22 7.42 27.76
C25 1PE N . 9.98 5.97 27.32
OH6 1PE N . 10.19 8.24 26.63
C16 1PE N . 10.31 10.41 25.64
C26 1PE N . 10.58 9.55 26.88
OH7 1PE N . 9.17 9.93 24.99
HO2 1PE N . 2.79 10.19 30.18
H121 1PE N . 4.26 9.17 31.50
H122 1PE N . 2.75 8.92 31.91
H221 1PE N . 3.91 6.86 31.80
H222 1PE N . 2.77 6.89 30.70
H131 1PE N . 5.61 6.21 27.77
H132 1PE N . 6.68 6.10 28.94
H231 1PE N . 4.99 5.24 30.37
H232 1PE N . 3.94 5.45 29.21
H141 1PE N . 8.53 4.05 28.09
H142 1PE N . 8.76 3.91 26.52
H241 1PE N . 6.61 3.29 26.69
H242 1PE N . 6.45 4.84 26.36
H151 1PE N . 9.54 7.68 28.38
H152 1PE N . 11.09 7.48 28.18
H251 1PE N . 10.31 5.37 28.01
H252 1PE N . 10.45 5.80 26.49
H161 1PE N . 10.16 11.33 25.92
H162 1PE N . 11.07 10.37 25.05
H261 1PE N . 10.07 9.91 27.63
H262 1PE N . 11.52 9.58 27.09
HO7 1PE N . 8.99 10.44 24.33
C1 PEG O . 12.26 18.20 7.70
O1 PEG O . 12.74 16.90 7.60
C2 PEG O . 11.78 18.47 9.13
O2 PEG O . 12.89 18.48 9.98
C3 PEG O . 12.85 19.44 11.00
C4 PEG O . 14.27 19.65 11.55
O4 PEG O . 14.59 18.62 12.43
H11 PEG O . 12.96 18.82 7.47
H12 PEG O . 11.51 18.31 7.09
HO1 PEG O . 13.05 16.76 6.83
H21 PEG O . 11.33 19.33 9.17
H22 PEG O . 11.16 17.77 9.40
H31 PEG O . 12.51 20.27 10.66
H32 PEG O . 12.27 19.11 11.71
H41 PEG O . 14.90 19.66 10.81
H42 PEG O . 14.30 20.49 12.02
HO4 PEG O . 15.37 18.73 12.74
C1 EDO P . 11.68 9.90 21.02
O1 EDO P . 12.35 11.15 20.83
C2 EDO P . 10.47 10.08 21.93
O2 EDO P . 10.02 11.45 21.88
H11 EDO P . 11.36 9.50 20.05
H12 EDO P . 12.38 9.19 21.47
HO1 EDO P . 13.09 11.04 20.23
H21 EDO P . 9.67 9.42 21.62
H22 EDO P . 10.74 9.83 22.96
HO2 EDO P . 9.28 11.57 22.48
C1 EDO Q . 4.56 8.40 23.58
O1 EDO Q . 5.28 7.25 24.05
C2 EDO Q . 3.06 8.22 23.81
O2 EDO Q . 2.53 9.36 24.51
H11 EDO Q . 4.91 9.30 24.11
H12 EDO Q . 4.75 8.55 22.51
HO1 EDO Q . 6.24 7.44 24.00
H21 EDO Q . 2.55 8.11 22.86
H22 EDO Q . 2.90 7.32 24.40
HO2 EDO Q . 1.56 9.29 24.52
C12 8JV R . -8.11 1.57 -22.82
C13 8JV R . -7.74 2.52 -23.70
C14 8JV R . -7.73 1.78 -25.09
C15 8JV R . -9.02 1.96 -25.65
C16 8JV R . -9.26 3.15 -26.33
C02 8JV R . -3.86 0.43 -27.54
C03 8JV R . -4.17 -1.00 -27.12
C05 8JV R . -6.56 -0.53 -27.05
C06 8JV R . -6.70 -0.71 -25.53
C08 8JV R . -7.36 0.23 -23.35
C09 8JV R . -8.14 -1.05 -22.99
C17 8JV R . -10.50 3.41 -26.89
C18 8JV R . -11.53 2.50 -26.76
C19 8JV R . -12.89 2.80 -27.38
C20 8JV R . -11.30 1.31 -26.07
C21 8JV R . -10.06 1.04 -25.51
C23 8JV R . -3.12 -1.96 -27.70
C24 8JV R . -1.74 -1.74 -27.04
C25 8JV R . -0.66 -2.76 -27.46
C26 8JV R . -1.00 -3.93 -28.12
C27 8JV R . -0.01 -4.84 -28.47
C28 8JV R . 1.32 -4.57 -28.18
C29 8JV R . 1.66 -3.41 -27.52
C30 8JV R . 0.67 -2.50 -27.16
N04 8JV R . -5.50 -1.41 -27.58
N07 8JV R . -7.27 0.35 -24.68
O01 8JV R . -4.10 0.84 -28.71
O10 8JV R . -7.86 -1.66 -21.92
O11 8JV R . -9.03 -1.49 -23.77
O22 8JV R . -6.36 -1.73 -25.03
O31 8JV R . -3.36 1.24 -26.69
H121 8JV R . -7.81 1.80 -21.93
H122 8JV R . -9.07 1.46 -22.82
H131 8JV R . -8.38 3.25 -23.72
H132 8JV R . -6.85 2.85 -23.50
H141 8JV R . -7.09 2.05 -25.76
H161 8JV R . -8.57 3.78 -26.42
H031 8JV R . -4.16 -1.04 -26.15
H052 8JV R . -7.41 -0.75 -27.47
H051 8JV R . -6.35 0.39 -27.24
H081 8JV R . -6.48 0.20 -22.95
H171 8JV R . -10.63 4.22 -27.35
H193 8JV R . -12.78 3.38 -28.15
H192 8JV R . -13.45 3.25 -26.72
H191 8JV R . -13.31 1.97 -27.64
H201 8JV R . -12.00 0.70 -25.98
H211 8JV R . -9.92 0.25 -25.04
H232 8JV R . -3.05 -1.81 -28.66
H231 8JV R . -3.40 -2.88 -27.55
H242 8JV R . -1.43 -0.85 -27.28
H241 8JV R . -1.85 -1.78 -26.08
H261 8JV R . -1.89 -4.11 -28.31
H271 8JV R . -0.24 -5.63 -28.92
H281 8JV R . 1.98 -5.18 -28.42
H291 8JV R . 2.55 -3.23 -27.31
H301 8JV R . 0.90 -1.71 -26.71
H1 8JV R . -5.52 -1.37 -28.47
C1 NAG S . -0.01 -19.39 -40.71
C2 NAG S . -0.26 -19.42 -42.23
C3 NAG S . 0.25 -20.72 -42.85
C4 NAG S . 1.71 -20.95 -42.48
C5 NAG S . 1.86 -20.94 -40.97
C6 NAG S . 3.31 -21.06 -40.53
C7 NAG S . -2.15 -18.12 -43.11
C8 NAG S . -3.62 -18.10 -43.37
N2 NAG S . -1.66 -19.23 -42.55
O3 NAG S . 0.12 -20.66 -44.27
O4 NAG S . 2.14 -22.21 -43.00
O5 NAG S . 1.38 -19.70 -40.44
O6 NAG S . 4.08 -19.97 -40.99
O7 NAG S . -1.44 -17.15 -43.38
H1 NAG S . -0.58 -20.07 -40.29
H2 NAG S . 0.25 -18.68 -42.63
H3 NAG S . -0.29 -21.45 -42.51
H4 NAG S . 2.26 -20.24 -42.87
H5 NAG S . 1.34 -21.67 -40.59
H61 NAG S . 3.34 -21.09 -39.56
H62 NAG S . 3.68 -21.89 -40.89
H81 NAG S . -3.79 -18.39 -44.28
H82 NAG S . -4.07 -18.72 -42.75
H83 NAG S . -3.98 -17.20 -43.24
HN2 NAG S . -2.24 -19.91 -42.35
HO3 NAG S . 0.61 -21.29 -44.64
HO6 NAG S . 4.79 -19.86 -40.46
C1 PGE T . -15.23 -1.30 -50.56
O1 PGE T . -14.41 -1.73 -49.48
C2 PGE T . -15.55 0.17 -50.39
O2 PGE T . -14.34 0.90 -50.26
C3 PGE T . -13.62 1.06 -51.47
C4 PGE T . -12.79 2.33 -51.37
O4 PGE T . -14.65 5.34 -49.00
C6 PGE T . -13.99 5.62 -50.23
C5 PGE T . -12.98 4.53 -50.50
O3 PGE T . -13.64 3.38 -50.98
H1 PGE T . -14.73 -1.44 -51.53
H12 PGE T . -16.19 -1.86 -50.60
HO1 PGE T . -13.58 -1.25 -49.53
H2 PGE T . -16.18 0.30 -49.50
H22 PGE T . -16.12 0.52 -51.27
H3 PGE T . -14.30 1.14 -52.33
H32 PGE T . -12.95 0.20 -51.64
H4 PGE T . -12.32 2.53 -52.35
H42 PGE T . -11.98 2.18 -50.63
HO4 PGE T . -15.33 6.01 -48.87
H6 PGE T . -13.47 6.58 -50.21
H62 PGE T . -14.71 5.64 -51.08
H5 PGE T . -12.42 4.31 -49.58
H52 PGE T . -12.25 4.90 -51.25
O1 PE8 U . -17.55 4.09 -48.54
C2 PE8 U . -17.13 3.53 -49.75
C3 PE8 U . -18.23 2.63 -50.31
O4 PE8 U . -18.49 1.57 -49.42
C5 PE8 U . -19.46 0.66 -49.86
C6 PE8 U . -20.85 1.18 -49.49
O7 PE8 U . -21.65 0.15 -48.99
C8 PE8 U . -22.90 0.59 -48.53
C9 PE8 U . -22.97 0.50 -47.00
O10 PE8 U . -22.77 1.77 -46.44
C11 PE8 U . -22.80 1.81 -45.04
C12 PE8 U . -22.98 3.25 -44.55
O13 PE8 U . -21.75 3.91 -44.56
C14 PE8 U . -21.84 5.31 -44.41
C15 PE8 U . -20.46 5.89 -44.14
O16 PE8 U . -20.44 7.26 -44.45
C17 PE8 U . -21.27 8.05 -43.64
C18 PE8 U . -20.50 9.27 -43.11
O19 PE8 U . -19.66 9.79 -44.10
C20 PE8 U . -18.82 10.82 -43.65
C21 PE8 U . -17.57 10.88 -44.54
O22 PE8 U . -17.30 9.60 -45.03
C23 PE8 U . -15.96 9.37 -45.36
C24 PE8 U . -15.78 7.90 -45.71
O25 PE8 U . -16.74 7.52 -46.67
HO1 PE8 U . -17.58 3.48 -47.94
H21 PE8 U . -16.93 4.23 -50.39
H22 PE8 U . -16.33 3.00 -49.60
H31 PE8 U . -17.95 2.27 -51.16
H32 PE8 U . -19.05 3.16 -50.43
H51 PE8 U . -19.31 -0.20 -49.43
H52 PE8 U . -19.40 0.56 -50.82
H61 PE8 U . -21.27 1.55 -50.29
H62 PE8 U . -20.77 1.87 -48.82
H81 PE8 U . -23.60 0.03 -48.91
H82 PE8 U . -23.03 1.51 -48.80
H91 PE8 U . -22.28 -0.09 -46.68
H92 PE8 U . -23.84 0.17 -46.74
H111 PE8 U . -21.96 1.45 -44.70
H112 PE8 U . -23.53 1.26 -44.72
H121 PE8 U . -23.33 3.23 -43.64
H122 PE8 U . -23.61 3.71 -45.13
H141 PE8 U . -22.42 5.50 -43.65
H142 PE8 U . -22.22 5.69 -45.21
H151 PE8 U . -20.23 5.77 -43.21
H152 PE8 U . -19.80 5.43 -44.69
H171 PE8 U . -21.59 7.53 -42.89
H172 PE8 U . -22.03 8.36 -44.17
H181 PE8 U . -19.97 9.00 -42.35
H182 PE8 U . -21.13 9.95 -42.84
H201 PE8 U . -18.55 10.65 -42.74
H202 PE8 U . -19.29 11.67 -43.71
H211 PE8 U . -16.82 11.20 -44.02
H212 PE8 U . -17.73 11.48 -45.28
H231 PE8 U . -15.39 9.60 -44.61
H232 PE8 U . -15.72 9.91 -46.13
H241 PE8 U . -15.91 7.36 -44.92
H242 PE8 U . -14.89 7.75 -46.07
H25 PE8 U . -16.67 6.70 -46.84
ZN ZN V . -3.55 2.91 -27.84
CL CL W . 3.34 4.02 -19.95
MG MG X . -17.42 -1.31 -24.51
O1 PG4 Y . 5.85 3.89 -28.66
C1 PG4 Y . 5.24 3.12 -29.65
C2 PG4 Y . 3.76 3.51 -29.75
O2 PG4 Y . 2.97 2.36 -29.64
C3 PG4 Y . 2.18 2.22 -28.50
C4 PG4 Y . 0.75 1.84 -28.89
O3 PG4 Y . 0.63 0.46 -29.20
C5 PG4 Y . 1.70 -0.12 -29.90
C6 PG4 Y . 1.23 -1.44 -30.53
O4 PG4 Y . 2.31 -2.05 -31.17
C7 PG4 Y . 1.98 -3.20 -31.88
C8 PG4 Y . 3.26 -3.88 -32.38
O5 PG4 Y . 4.16 -4.00 -31.32
HO1 PG4 Y . 6.69 3.76 -28.67
H11 PG4 Y . 5.67 3.28 -30.50
H12 PG4 Y . 5.30 2.18 -29.43
H21 PG4 Y . 3.54 4.13 -29.03
H22 PG4 Y . 3.59 3.95 -30.60
H31 PG4 Y . 2.56 1.53 -27.93
H32 PG4 Y . 2.16 3.06 -28.00
H41 PG4 Y . 0.16 2.04 -28.16
H42 PG4 Y . 0.50 2.35 -29.67
H51 PG4 Y . 1.99 0.47 -30.61
H52 PG4 Y . 2.42 -0.30 -29.29
H61 PG4 Y . 0.89 -2.02 -29.83
H62 PG4 Y . 0.53 -1.27 -31.17
H71 PG4 Y . 1.50 -3.81 -31.30
H72 PG4 Y . 1.42 -2.97 -32.64
H81 PG4 Y . 3.04 -4.76 -32.73
H82 PG4 Y . 3.65 -3.35 -33.09
HO5 PG4 Y . 4.82 -4.48 -31.57
C ACT Z . 6.36 2.36 -6.85
O ACT Z . 5.11 2.54 -6.84
OXT ACT Z . 7.29 3.22 -6.74
CH3 ACT Z . 6.86 0.89 -7.01
H1 ACT Z . 7.76 0.81 -6.66
H2 ACT Z . 6.27 0.29 -6.53
H3 ACT Z . 6.86 0.65 -7.96
OH2 1PE AA . -1.21 3.05 3.32
C12 1PE AA . -0.63 2.18 4.25
C22 1PE AA . -1.51 0.92 4.38
OH3 1PE AA . -2.13 0.67 3.15
C13 1PE AA . -2.86 -0.84 1.47
C23 1PE AA . -2.43 -0.68 2.92
OH4 1PE AA . -1.83 -1.47 0.74
C14 1PE AA . -1.13 -2.23 -1.41
C24 1PE AA . -1.83 -1.13 -0.62
OH5 1PE AA . -1.92 -2.57 -2.52
C15 1PE AA . -0.57 -2.42 -4.48
C25 1PE AA . -1.24 -3.34 -3.48
OH6 1PE AA . 0.82 -2.58 -4.39
C16 1PE AA . 2.92 -1.59 -3.90
C26 1PE AA . 1.58 -1.43 -4.63
OH7 1PE AA . 2.76 -2.57 -2.91
HO2 1PE AA . -0.68 3.69 3.16
H121 1PE AA . 0.25 1.91 3.94
H122 1PE AA . -0.57 2.61 5.11
H221 1PE AA . -0.96 0.16 4.62
H222 1PE AA . -2.18 1.07 5.07
H131 1PE AA . -3.66 -1.39 1.43
H132 1PE AA . -3.05 0.03 1.08
H231 1PE AA . -1.65 -1.22 3.10
H232 1PE AA . -3.15 -0.95 3.51
H141 1PE AA . -0.26 -1.92 -1.70
H142 1PE AA . -1.02 -3.01 -0.85
H241 1PE AA . -2.74 -1.03 -0.92
H242 1PE AA . -1.35 -0.29 -0.74
H151 1PE AA . -0.86 -2.65 -5.39
H152 1PE AA . -0.80 -1.50 -4.30
H251 1PE AA . -0.58 -3.88 -3.03
H252 1PE AA . -1.88 -3.92 -3.93
H161 1PE AA . 3.60 -1.86 -4.52
H162 1PE AA . 3.16 -0.75 -3.48
H261 1PE AA . 1.74 -1.32 -5.58
H262 1PE AA . 1.12 -0.64 -4.28
HO7 1PE AA . 3.35 -2.46 -2.30
C1 PEG BA . 20.23 5.52 -15.41
O1 PEG BA . 20.05 6.47 -16.41
C2 PEG BA . 18.91 4.82 -15.11
O2 PEG BA . 18.79 4.62 -13.72
C3 PEG BA . 18.13 5.66 -13.06
C4 PEG BA . 18.42 5.57 -11.56
O4 PEG BA . 18.02 6.77 -10.94
H11 PEG BA . 20.88 4.86 -15.71
H12 PEG BA . 20.57 5.95 -14.61
HO1 PEG BA . 20.76 6.93 -16.51
H21 PEG BA . 18.17 5.37 -15.41
H22 PEG BA . 18.88 3.96 -15.56
H31 PEG BA . 18.44 6.51 -13.40
H32 PEG BA . 17.17 5.58 -13.20
H41 PEG BA . 17.94 4.83 -11.18
H42 PEG BA . 19.38 5.44 -11.42
HO4 PEG BA . 18.19 6.72 -10.11
#